data_4N09
#
_entry.id   4N09
#
_cell.length_a   184.530
_cell.length_b   90.220
_cell.length_c   98.040
_cell.angle_alpha   90.00
_cell.angle_beta   103.78
_cell.angle_gamma   90.00
#
_symmetry.space_group_name_H-M   'C 1 2 1'
#
loop_
_entity.id
_entity.type
_entity.pdbx_description
1 polymer 'Adenosine kinase'
2 non-polymer ADENOSINE
3 non-polymer "ADENOSINE-5'-DIPHOSPHATE"
4 non-polymer 1,2-ETHANEDIOL
5 water water
#
_entity_poly.entity_id   1
_entity_poly.type   'polypeptide(L)'
_entity_poly.pdbx_seq_one_letter_code
;GPAMSSAPLRVYVQCNPLLDVSAHVSDEFLVKYGLERGTAILLSERQKGIFDDIEKMPNVRYVPGGSGLNVARVAQWMQQ
AYKGKFVTYVGCIADDRYGKVLKEAAEHEGIVMAVEHTTKAGSGACAVCITGKERTLVADLGAANHLSSEHMRSPAVVRA
MDESRIFYFSGFTLTVDVNHVLQACRKAREVDGLFMINLSAPFIMQFFSAQLGEVLPYTDIIVANRHEAKEFANMMKWDT
DCVEEIARRAVSEVPYTGTKGRVVVFTRDIESTVLATKDGVETVPVPQLDQDKVIDMNGAGDAFMGGFLSAYAVGKDLRR
CCETGHYTAQEVIQRDGCSFPEKPSFSP
;
_entity_poly.pdbx_strand_id   A,B,C,D
#
# COMPACT_ATOMS: atom_id res chain seq x y z
N MET A 4 -32.98 37.04 25.96
CA MET A 4 -33.01 38.03 27.08
C MET A 4 -31.63 38.28 27.72
N SER A 5 -30.72 38.92 26.97
CA SER A 5 -29.33 39.16 27.39
C SER A 5 -28.94 40.66 27.38
N SER A 6 -27.92 41.07 28.14
CA SER A 6 -27.28 42.39 27.99
C SER A 6 -26.28 42.47 26.86
N ALA A 7 -26.10 43.70 26.38
CA ALA A 7 -24.98 44.02 25.58
C ALA A 7 -23.80 44.17 26.55
N PRO A 8 -22.63 43.71 26.13
CA PRO A 8 -21.46 43.65 26.99
C PRO A 8 -20.74 44.98 27.09
N LEU A 9 -20.10 45.19 28.22
CA LEU A 9 -19.25 46.33 28.41
C LEU A 9 -18.00 46.22 27.52
N ARG A 10 -17.42 47.34 27.16
CA ARG A 10 -16.22 47.34 26.36
C ARG A 10 -15.02 46.81 27.17
N VAL A 11 -14.24 45.95 26.52
CA VAL A 11 -13.00 45.41 27.12
C VAL A 11 -11.74 45.72 26.30
N TYR A 12 -10.69 46.03 27.03
CA TYR A 12 -9.40 46.38 26.45
C TYR A 12 -8.43 45.27 26.79
N VAL A 13 -7.73 44.77 25.77
CA VAL A 13 -6.79 43.67 25.94
C VAL A 13 -5.48 44.07 25.33
N GLN A 14 -4.39 43.72 26.01
CA GLN A 14 -3.08 44.01 25.49
C GLN A 14 -2.18 42.83 25.72
N CYS A 15 -1.45 42.45 24.68
CA CYS A 15 -0.54 41.32 24.72
C CYS A 15 0.40 41.39 23.54
N ASN A 16 1.15 40.31 23.33
CA ASN A 16 2.07 40.17 22.22
C ASN A 16 1.50 39.34 21.11
N PRO A 17 1.19 39.93 19.95
CA PRO A 17 0.57 39.13 18.89
C PRO A 17 1.63 38.29 18.19
N LEU A 18 1.46 36.98 18.18
CA LEU A 18 2.45 36.04 17.66
C LEU A 18 1.80 35.05 16.75
N LEU A 19 2.53 34.66 15.72
CA LEU A 19 2.08 33.62 14.84
C LEU A 19 2.61 32.32 15.34
N ASP A 20 1.72 31.36 15.55
CA ASP A 20 2.12 30.05 16.03
C ASP A 20 2.52 29.15 14.87
N VAL A 21 3.75 28.64 14.98
CA VAL A 21 4.31 27.73 14.00
C VAL A 21 4.46 26.39 14.69
N SER A 22 3.62 25.45 14.27
CA SER A 22 3.39 24.23 15.02
C SER A 22 3.71 22.92 14.32
N ALA A 23 4.20 21.93 15.09
CA ALA A 23 4.54 20.61 14.54
C ALA A 23 4.70 19.55 15.59
N HIS A 24 4.40 18.31 15.21
CA HIS A 24 4.58 17.15 16.09
C HIS A 24 6.05 16.74 16.17
N VAL A 25 6.46 16.27 17.35
CA VAL A 25 7.86 16.24 17.68
C VAL A 25 8.09 15.17 18.77
N SER A 26 9.28 14.62 18.82
CA SER A 26 9.63 13.61 19.84
C SER A 26 10.14 14.29 21.10
N ASP A 27 10.32 13.51 22.15
CA ASP A 27 10.99 14.00 23.37
C ASP A 27 12.46 14.32 23.17
N GLU A 28 13.12 13.54 22.34
CA GLU A 28 14.49 13.77 21.98
C GLU A 28 14.67 15.21 21.42
N PHE A 29 13.71 15.67 20.62
CA PHE A 29 13.71 17.03 20.05
C PHE A 29 13.61 18.11 21.14
N LEU A 30 12.73 17.91 22.09
CA LEU A 30 12.61 18.84 23.22
C LEU A 30 13.95 19.00 23.93
N VAL A 31 14.59 17.88 24.15
CA VAL A 31 15.82 17.85 24.89
C VAL A 31 16.98 18.39 24.04
N LYS A 32 16.93 18.10 22.76
CA LYS A 32 17.90 18.68 21.82
C LYS A 32 17.98 20.22 21.90
N TYR A 33 16.86 20.88 22.19
CA TYR A 33 16.82 22.35 22.32
C TYR A 33 16.67 22.83 23.78
N GLY A 34 16.77 21.90 24.72
CA GLY A 34 16.82 22.24 26.13
C GLY A 34 15.51 22.69 26.70
N LEU A 35 14.41 22.10 26.24
CA LEU A 35 13.11 22.53 26.64
C LEU A 35 12.56 21.64 27.72
N GLU A 36 11.80 22.21 28.67
CA GLU A 36 11.01 21.41 29.61
C GLU A 36 9.58 21.26 29.07
N ARG A 37 9.10 20.02 28.95
CA ARG A 37 7.80 19.76 28.32
C ARG A 37 6.65 20.53 28.96
N GLY A 38 5.77 21.07 28.12
CA GLY A 38 4.55 21.72 28.57
C GLY A 38 4.74 23.15 29.06
N THR A 39 5.96 23.68 28.96
CA THR A 39 6.28 25.03 29.41
C THR A 39 6.47 26.00 28.25
N ALA A 40 6.51 27.27 28.60
CA ALA A 40 6.75 28.35 27.66
C ALA A 40 8.00 29.10 28.10
N ILE A 41 8.84 29.45 27.14
CA ILE A 41 10.03 30.32 27.38
C ILE A 41 10.14 31.33 26.27
N LEU A 42 11.06 32.27 26.44
CA LEU A 42 11.42 33.17 25.37
C LEU A 42 12.61 32.56 24.63
N LEU A 43 12.64 32.74 23.31
CA LEU A 43 13.78 32.28 22.51
C LEU A 43 15.08 32.80 23.06
N SER A 44 16.04 31.90 23.28
CA SER A 44 17.38 32.28 23.69
C SER A 44 18.41 31.69 22.72
N GLU A 45 19.70 31.92 22.99
CA GLU A 45 20.79 31.30 22.21
C GLU A 45 20.60 29.79 22.16
N ARG A 46 20.36 29.20 23.32
CA ARG A 46 20.27 27.76 23.46
C ARG A 46 19.34 27.10 22.44
N GLN A 47 18.44 27.89 21.84
CA GLN A 47 17.45 27.36 20.92
C GLN A 47 17.68 27.81 19.50
N LYS A 48 18.87 28.32 19.18
CA LYS A 48 19.13 28.79 17.81
C LYS A 48 18.80 27.64 16.87
N GLY A 49 18.08 27.96 15.81
CA GLY A 49 17.81 27.04 14.70
C GLY A 49 16.49 26.29 14.80
N ILE A 50 15.81 26.42 15.95
CA ILE A 50 14.57 25.69 16.17
C ILE A 50 13.45 26.00 15.15
N PHE A 51 13.36 27.23 14.69
CA PHE A 51 12.37 27.55 13.69
C PHE A 51 12.68 26.88 12.35
N ASP A 52 13.93 26.90 11.90
CA ASP A 52 14.31 26.20 10.66
C ASP A 52 14.04 24.71 10.79
N ASP A 53 14.37 24.15 11.95
CA ASP A 53 14.14 22.75 12.18
C ASP A 53 12.64 22.42 12.08
N ILE A 54 11.79 23.18 12.75
CA ILE A 54 10.34 22.93 12.70
C ILE A 54 9.76 23.15 11.30
N GLU A 55 10.12 24.25 10.66
CA GLU A 55 9.60 24.53 9.34
C GLU A 55 9.93 23.42 8.31
N LYS A 56 11.06 22.72 8.49
CA LYS A 56 11.44 21.57 7.63
C LYS A 56 10.55 20.31 7.85
N MET A 57 9.76 20.28 8.92
CA MET A 57 8.93 19.10 9.18
C MET A 57 7.65 19.08 8.39
N PRO A 58 7.05 17.90 8.30
CA PRO A 58 5.81 17.78 7.48
C PRO A 58 4.55 18.14 8.25
N ASN A 59 3.62 18.78 7.56
CA ASN A 59 2.36 19.23 8.15
C ASN A 59 2.54 20.34 9.19
N VAL A 60 3.65 21.07 9.12
CA VAL A 60 3.79 22.27 9.93
C VAL A 60 2.72 23.28 9.54
N ARG A 61 2.14 23.90 10.55
CA ARG A 61 1.04 24.82 10.38
C ARG A 61 1.47 26.20 10.84
N TYR A 62 0.83 27.20 10.26
CA TYR A 62 1.12 28.59 10.56
C TYR A 62 -0.19 29.25 11.00
N VAL A 63 -0.37 29.41 12.30
CA VAL A 63 -1.71 29.76 12.82
C VAL A 63 -1.58 30.99 13.71
N PRO A 64 -2.46 31.99 13.49
CA PRO A 64 -2.43 33.16 14.38
C PRO A 64 -2.64 32.79 15.83
N GLY A 65 -1.78 33.31 16.69
CA GLY A 65 -1.77 32.97 18.11
C GLY A 65 -1.53 34.21 18.96
N GLY A 66 -0.75 34.05 20.01
CA GLY A 66 -0.60 35.08 21.02
C GLY A 66 -1.62 34.86 22.11
N SER A 67 -1.15 34.80 23.36
CA SER A 67 -2.01 34.46 24.51
C SER A 67 -3.18 35.40 24.66
N GLY A 68 -2.89 36.69 24.74
CA GLY A 68 -3.96 37.68 24.88
C GLY A 68 -4.90 37.69 23.69
N LEU A 69 -4.37 37.44 22.51
CA LEU A 69 -5.16 37.51 21.32
C LEU A 69 -6.13 36.35 21.31
N ASN A 70 -5.65 35.18 21.72
CA ASN A 70 -6.57 34.07 21.88
C ASN A 70 -7.64 34.41 22.88
N VAL A 71 -7.27 35.07 23.97
CA VAL A 71 -8.28 35.46 24.95
C VAL A 71 -9.36 36.33 24.30
N ALA A 72 -8.92 37.34 23.57
CA ALA A 72 -9.87 38.24 22.91
C ALA A 72 -10.80 37.48 21.97
N ARG A 73 -10.24 36.57 21.17
CA ARG A 73 -11.06 35.82 20.22
C ARG A 73 -12.09 34.94 20.88
N VAL A 74 -11.72 34.33 21.98
CA VAL A 74 -12.66 33.50 22.69
C VAL A 74 -13.76 34.33 23.27
N ALA A 75 -13.41 35.47 23.83
CA ALA A 75 -14.42 36.36 24.37
C ALA A 75 -15.35 36.82 23.28
N GLN A 76 -14.81 37.19 22.12
CA GLN A 76 -15.63 37.71 21.02
C GLN A 76 -16.53 36.61 20.49
N TRP A 77 -16.00 35.41 20.41
CA TRP A 77 -16.83 34.23 20.05
C TRP A 77 -18.07 34.04 20.94
N MET A 78 -17.97 34.43 22.20
CA MET A 78 -19.12 34.35 23.12
C MET A 78 -20.08 35.52 22.98
N GLN A 79 -19.74 36.49 22.15
CA GLN A 79 -20.60 37.65 21.98
C GLN A 79 -20.63 38.03 20.50
N GLN A 80 -21.08 37.10 19.67
CA GLN A 80 -20.99 37.31 18.21
C GLN A 80 -21.91 38.40 17.65
N ALA A 81 -22.97 38.70 18.38
CA ALA A 81 -23.85 39.78 18.01
C ALA A 81 -23.17 41.14 18.15
N TYR A 82 -21.94 41.18 18.64
CA TYR A 82 -21.29 42.44 18.94
C TYR A 82 -19.93 42.55 18.35
N LYS A 83 -19.76 41.96 17.16
CA LYS A 83 -18.55 42.21 16.36
C LYS A 83 -18.33 43.70 16.27
N GLY A 84 -17.09 44.15 16.50
CA GLY A 84 -16.73 45.56 16.36
C GLY A 84 -17.06 46.44 17.57
N LYS A 85 -18.01 46.01 18.39
CA LYS A 85 -18.57 46.84 19.46
C LYS A 85 -18.23 46.26 20.86
N PHE A 86 -17.10 45.54 20.99
CA PHE A 86 -16.83 44.80 22.25
C PHE A 86 -15.37 44.84 22.69
N VAL A 87 -14.52 44.06 22.02
CA VAL A 87 -13.11 43.98 22.40
C VAL A 87 -12.20 44.78 21.50
N THR A 88 -11.26 45.47 22.13
CA THR A 88 -10.18 46.14 21.43
C THR A 88 -8.85 45.54 21.88
N TYR A 89 -7.95 45.31 20.94
CA TYR A 89 -6.69 44.66 21.23
C TYR A 89 -5.58 45.56 20.80
N VAL A 90 -4.55 45.61 21.63
CA VAL A 90 -3.39 46.42 21.36
C VAL A 90 -2.13 45.58 21.43
N GLY A 91 -1.29 45.72 20.42
CA GLY A 91 -0.01 45.05 20.37
C GLY A 91 0.77 45.62 19.22
N CYS A 92 1.97 45.12 19.00
CA CYS A 92 2.78 45.59 17.88
C CYS A 92 3.09 44.44 16.92
N ILE A 93 2.87 44.71 15.63
CA ILE A 93 3.28 43.81 14.55
C ILE A 93 4.12 44.56 13.52
N ALA A 94 4.59 43.83 12.51
CA ALA A 94 5.16 44.40 11.31
C ALA A 94 4.17 44.23 10.18
N ASP A 95 4.25 45.08 9.16
CA ASP A 95 3.49 44.88 7.93
C ASP A 95 4.17 43.81 7.06
N ASP A 96 3.98 42.54 7.42
CA ASP A 96 4.53 41.41 6.68
C ASP A 96 3.51 40.27 6.58
N ARG A 97 3.92 39.12 6.04
CA ARG A 97 2.97 38.04 5.80
C ARG A 97 2.26 37.70 7.12
N TYR A 98 3.08 37.42 8.14
CA TYR A 98 2.58 37.05 9.47
C TYR A 98 1.62 38.12 10.07
N GLY A 99 2.04 39.38 10.04
CA GLY A 99 1.22 40.47 10.54
C GLY A 99 -0.16 40.50 9.91
N LYS A 100 -0.22 40.40 8.57
CA LYS A 100 -1.49 40.46 7.82
C LYS A 100 -2.40 39.32 8.24
N VAL A 101 -1.82 38.14 8.38
CA VAL A 101 -2.57 36.99 8.85
C VAL A 101 -3.23 37.30 10.20
N LEU A 102 -2.42 37.74 11.16
CA LEU A 102 -2.88 38.06 12.51
C LEU A 102 -4.00 39.09 12.52
N LYS A 103 -3.74 40.24 11.88
CA LYS A 103 -4.71 41.34 11.86
C LYS A 103 -6.00 40.90 11.17
N GLU A 104 -5.87 40.21 10.03
CA GLU A 104 -7.08 39.89 9.25
C GLU A 104 -7.97 38.86 9.99
N ALA A 105 -7.36 37.88 10.63
CA ALA A 105 -8.12 36.86 11.35
C ALA A 105 -8.94 37.47 12.51
N ALA A 106 -8.28 38.31 13.31
CA ALA A 106 -8.93 38.96 14.45
C ALA A 106 -10.05 39.88 14.03
N GLU A 107 -9.80 40.66 12.97
CA GLU A 107 -10.81 41.62 12.47
C GLU A 107 -12.00 40.92 11.89
N HIS A 108 -11.73 39.82 11.20
CA HIS A 108 -12.79 38.98 10.71
C HIS A 108 -13.70 38.53 11.84
N GLU A 109 -13.13 38.22 13.00
CA GLU A 109 -13.93 37.80 14.13
C GLU A 109 -14.57 38.91 14.96
N GLY A 110 -14.24 40.17 14.68
CA GLY A 110 -14.94 41.31 15.29
C GLY A 110 -14.14 42.06 16.34
N ILE A 111 -12.87 41.78 16.37
CA ILE A 111 -11.99 42.43 17.28
C ILE A 111 -11.48 43.68 16.61
N VAL A 112 -11.51 44.79 17.33
CA VAL A 112 -10.95 46.02 16.86
C VAL A 112 -9.47 45.94 17.14
N MET A 113 -8.65 45.87 16.09
CA MET A 113 -7.20 45.77 16.28
C MET A 113 -6.53 47.13 16.27
N ALA A 114 -6.39 47.74 17.43
CA ALA A 114 -5.64 48.94 17.55
C ALA A 114 -4.16 48.63 17.68
N VAL A 115 -3.58 48.03 16.64
CA VAL A 115 -2.19 47.59 16.70
C VAL A 115 -1.22 48.59 16.07
N GLU A 116 -0.02 48.65 16.63
CA GLU A 116 1.12 49.35 16.01
C GLU A 116 1.78 48.51 14.90
N HIS A 117 2.30 49.19 13.88
CA HIS A 117 3.18 48.59 12.86
C HIS A 117 4.56 49.17 12.99
N THR A 118 5.56 48.32 13.22
CA THR A 118 6.95 48.77 13.28
C THR A 118 7.70 48.24 12.07
N THR A 119 8.85 48.83 11.80
CA THR A 119 9.84 48.29 10.83
C THR A 119 11.10 47.76 11.53
N LYS A 120 11.21 47.99 12.85
CA LYS A 120 12.41 47.62 13.62
C LYS A 120 12.65 46.10 13.66
N ALA A 121 11.63 45.30 13.29
CA ALA A 121 11.70 43.82 13.30
C ALA A 121 10.44 43.16 12.73
N GLY A 122 10.58 41.90 12.35
CA GLY A 122 9.45 41.15 11.76
C GLY A 122 8.43 40.73 12.80
N SER A 123 7.21 40.48 12.36
CA SER A 123 6.14 40.13 13.27
C SER A 123 6.53 38.86 14.05
N GLY A 124 6.17 38.81 15.33
CA GLY A 124 6.62 37.76 16.23
C GLY A 124 6.02 36.39 15.93
N ALA A 125 6.66 35.37 16.44
CA ALA A 125 6.25 34.02 16.16
C ALA A 125 6.55 33.14 17.35
N CYS A 126 5.77 32.08 17.51
CA CYS A 126 5.98 31.14 18.59
C CYS A 126 6.12 29.73 18.05
N ALA A 127 7.21 29.07 18.39
CA ALA A 127 7.40 27.69 17.98
C ALA A 127 6.61 26.80 18.92
N VAL A 128 5.69 26.02 18.38
CA VAL A 128 4.91 25.15 19.23
C VAL A 128 5.15 23.70 18.92
N CYS A 129 5.71 23.02 19.90
CA CYS A 129 6.16 21.65 19.75
C CYS A 129 5.19 20.69 20.38
N ILE A 130 4.54 19.89 19.54
CA ILE A 130 3.52 19.00 20.01
C ILE A 130 4.14 17.65 20.33
N THR A 131 3.83 17.16 21.52
CA THR A 131 4.16 15.82 21.96
C THR A 131 2.92 15.27 22.59
N GLY A 132 2.11 14.58 21.81
CA GLY A 132 0.87 14.02 22.32
C GLY A 132 -0.20 15.08 22.44
N LYS A 133 -0.69 15.31 23.66
CA LYS A 133 -1.65 16.39 23.96
C LYS A 133 -0.99 17.69 24.43
N GLU A 134 0.28 17.59 24.84
CA GLU A 134 1.06 18.68 25.44
C GLU A 134 1.78 19.48 24.37
N ARG A 135 1.79 20.81 24.55
CA ARG A 135 2.57 21.71 23.68
C ARG A 135 3.66 22.39 24.49
N THR A 136 4.77 22.63 23.85
CA THR A 136 5.90 23.26 24.49
C THR A 136 6.26 24.47 23.63
N LEU A 137 6.38 25.63 24.24
CA LEU A 137 6.34 26.89 23.49
C LEU A 137 7.62 27.69 23.55
N VAL A 138 8.05 28.18 22.41
CA VAL A 138 9.23 29.03 22.38
C VAL A 138 8.89 30.29 21.62
N ALA A 139 8.85 31.42 22.33
CA ALA A 139 8.29 32.65 21.77
C ALA A 139 9.39 33.56 21.32
N ASP A 140 9.29 33.95 20.05
CA ASP A 140 10.21 34.91 19.48
C ASP A 140 9.41 36.17 19.18
N LEU A 141 9.43 37.11 20.13
CA LEU A 141 8.57 38.29 20.09
C LEU A 141 8.74 39.17 18.86
N GLY A 142 9.98 39.31 18.39
CA GLY A 142 10.22 40.23 17.27
C GLY A 142 9.57 41.60 17.47
N ALA A 143 8.65 41.95 16.58
CA ALA A 143 7.96 43.26 16.60
C ALA A 143 7.19 43.55 17.86
N ALA A 144 6.63 42.52 18.48
CA ALA A 144 5.88 42.70 19.71
C ALA A 144 6.75 43.38 20.74
N ASN A 145 8.05 43.14 20.68
CA ASN A 145 8.97 43.68 21.67
C ASN A 145 9.28 45.16 21.49
N HIS A 146 8.79 45.77 20.40
CA HIS A 146 9.06 47.19 20.10
C HIS A 146 7.84 48.08 20.24
N LEU A 147 6.81 47.60 20.92
CA LEU A 147 5.65 48.44 21.20
C LEU A 147 6.14 49.72 21.88
N SER A 148 5.69 50.86 21.37
CA SER A 148 6.24 52.17 21.75
C SER A 148 5.30 53.04 22.58
N SER A 149 5.88 53.99 23.32
CA SER A 149 5.10 55.03 24.00
C SER A 149 4.27 55.89 23.07
N GLU A 150 4.77 56.10 21.85
CA GLU A 150 4.03 56.89 20.84
C GLU A 150 2.68 56.22 20.59
N HIS A 151 2.71 54.90 20.39
CA HIS A 151 1.50 54.15 20.12
C HIS A 151 0.55 54.13 21.30
N MET A 152 1.10 54.00 22.51
CA MET A 152 0.28 54.04 23.70
C MET A 152 -0.32 55.43 23.98
N ARG A 153 0.28 56.49 23.47
CA ARG A 153 -0.29 57.85 23.58
C ARG A 153 -1.19 58.20 22.38
N SER A 154 -1.27 57.33 21.37
CA SER A 154 -2.05 57.61 20.16
C SER A 154 -3.57 57.71 20.35
N PRO A 155 -4.27 58.44 19.47
CA PRO A 155 -5.72 58.67 19.63
C PRO A 155 -6.57 57.42 19.74
N ALA A 156 -6.25 56.41 18.92
CA ALA A 156 -7.07 55.20 18.88
C ALA A 156 -6.99 54.48 20.24
N VAL A 157 -5.78 54.38 20.77
CA VAL A 157 -5.54 53.70 22.02
C VAL A 157 -6.13 54.46 23.17
N VAL A 158 -5.95 55.78 23.20
CA VAL A 158 -6.51 56.56 24.31
C VAL A 158 -8.05 56.58 24.23
N ARG A 159 -8.64 56.62 23.02
CA ARG A 159 -10.10 56.51 22.89
C ARG A 159 -10.57 55.16 23.46
N ALA A 160 -9.86 54.08 23.10
CA ALA A 160 -10.17 52.73 23.54
C ALA A 160 -10.08 52.62 25.05
N MET A 161 -9.00 53.12 25.60
CA MET A 161 -8.85 53.12 27.05
C MET A 161 -9.93 53.95 27.71
N ASP A 162 -10.21 55.12 27.16
CA ASP A 162 -11.21 55.98 27.78
C ASP A 162 -12.60 55.37 27.75
N GLU A 163 -12.91 54.57 26.75
CA GLU A 163 -14.26 54.01 26.62
C GLU A 163 -14.42 52.58 27.17
N SER A 164 -13.33 52.00 27.70
CA SER A 164 -13.38 50.64 28.18
C SER A 164 -13.64 50.60 29.65
N ARG A 165 -14.33 49.57 30.08
CA ARG A 165 -14.61 49.33 31.49
C ARG A 165 -13.79 48.22 32.11
N ILE A 166 -13.23 47.33 31.29
CA ILE A 166 -12.46 46.20 31.77
C ILE A 166 -11.16 46.08 31.00
N PHE A 167 -10.06 45.93 31.74
CA PHE A 167 -8.73 45.97 31.15
C PHE A 167 -8.01 44.67 31.49
N TYR A 168 -7.55 43.95 30.47
CA TYR A 168 -6.86 42.69 30.66
C TYR A 168 -5.50 42.69 29.98
N PHE A 169 -4.46 42.54 30.78
CA PHE A 169 -3.10 42.40 30.27
C PHE A 169 -2.62 41.04 30.64
N SER A 170 -1.96 40.37 29.71
CA SER A 170 -1.33 39.12 30.04
C SER A 170 -0.04 39.43 30.79
N GLY A 171 0.40 38.50 31.62
CA GLY A 171 1.68 38.64 32.32
C GLY A 171 2.84 38.74 31.36
N PHE A 172 2.70 38.06 30.23
CA PHE A 172 3.68 38.12 29.18
C PHE A 172 4.05 39.54 28.74
N THR A 173 3.16 40.50 28.91
CA THR A 173 3.47 41.89 28.53
C THR A 173 4.52 42.50 29.42
N LEU A 174 4.76 41.91 30.57
CA LEU A 174 5.75 42.46 31.48
C LEU A 174 7.17 42.32 30.97
N THR A 175 7.42 41.48 29.96
CA THR A 175 8.77 41.35 29.44
C THR A 175 9.06 42.42 28.43
N VAL A 176 8.04 43.15 28.00
CA VAL A 176 8.24 44.21 27.00
C VAL A 176 8.60 45.51 27.72
N ASP A 177 7.60 46.21 28.25
CA ASP A 177 7.81 47.51 28.87
C ASP A 177 6.75 47.76 29.91
N VAL A 178 7.17 47.72 31.16
CA VAL A 178 6.24 47.81 32.26
C VAL A 178 5.50 49.14 32.26
N ASN A 179 6.09 50.18 31.69
CA ASN A 179 5.44 51.49 31.64
C ASN A 179 4.19 51.51 30.80
N HIS A 180 4.15 50.67 29.77
CA HIS A 180 2.94 50.58 28.96
C HIS A 180 1.83 50.01 29.82
N VAL A 181 2.17 49.03 30.64
CA VAL A 181 1.20 48.43 31.53
C VAL A 181 0.75 49.43 32.58
N LEU A 182 1.70 50.15 33.17
CA LEU A 182 1.34 51.11 34.23
C LEU A 182 0.44 52.22 33.71
N GLN A 183 0.65 52.65 32.47
CA GLN A 183 -0.22 53.64 31.85
C GLN A 183 -1.70 53.20 31.85
N ALA A 184 -1.94 51.95 31.46
CA ALA A 184 -3.27 51.39 31.52
C ALA A 184 -3.80 51.21 32.93
N CYS A 185 -2.94 50.85 33.87
CA CYS A 185 -3.35 50.76 35.27
C CYS A 185 -3.92 52.08 35.76
N ARG A 186 -3.27 53.16 35.35
CA ARG A 186 -3.67 54.47 35.78
C ARG A 186 -4.99 54.89 35.13
N LYS A 187 -5.13 54.62 33.83
CA LYS A 187 -6.40 54.96 33.13
C LYS A 187 -7.52 54.16 33.71
N ALA A 188 -7.25 52.92 34.08
CA ALA A 188 -8.27 52.08 34.67
C ALA A 188 -8.77 52.65 35.98
N ARG A 189 -7.88 53.29 36.73
CA ARG A 189 -8.26 53.95 37.98
C ARG A 189 -9.01 55.23 37.73
N GLU A 190 -8.54 55.98 36.74
CA GLU A 190 -9.17 57.23 36.38
C GLU A 190 -10.65 57.02 36.11
N VAL A 191 -10.97 55.93 35.40
CA VAL A 191 -12.35 55.64 34.98
C VAL A 191 -13.06 54.65 35.88
N ASP A 192 -12.45 54.33 37.00
CA ASP A 192 -13.00 53.31 37.91
C ASP A 192 -13.32 51.97 37.25
N GLY A 193 -12.47 51.56 36.32
CA GLY A 193 -12.65 50.29 35.62
C GLY A 193 -12.06 49.16 36.42
N LEU A 194 -11.94 48.02 35.76
CA LEU A 194 -11.38 46.85 36.37
C LEU A 194 -10.10 46.51 35.66
N PHE A 195 -9.05 46.24 36.44
CA PHE A 195 -7.78 45.83 35.88
C PHE A 195 -7.50 44.40 36.28
N MET A 196 -7.13 43.61 35.28
CA MET A 196 -7.04 42.19 35.44
C MET A 196 -5.76 41.68 34.82
N ILE A 197 -5.14 40.72 35.46
CA ILE A 197 -3.89 40.20 34.95
C ILE A 197 -3.80 38.69 35.10
N ASN A 198 -2.99 38.11 34.23
CA ASN A 198 -2.73 36.67 34.13
C ASN A 198 -1.27 36.49 34.50
N LEU A 199 -0.91 35.47 35.24
CA LEU A 199 0.50 35.29 35.57
C LEU A 199 1.28 34.69 34.41
N SER A 200 0.56 34.09 33.46
CA SER A 200 1.12 33.65 32.16
C SER A 200 2.11 32.50 32.20
N ALA A 201 3.16 32.58 33.01
CA ALA A 201 4.19 31.54 33.04
C ALA A 201 5.10 31.71 34.25
N PRO A 202 5.63 30.60 34.76
CA PRO A 202 6.54 30.63 35.90
C PRO A 202 7.69 31.56 35.69
N PHE A 203 8.21 31.66 34.47
CA PHE A 203 9.39 32.48 34.27
C PHE A 203 9.15 33.96 34.56
N ILE A 204 7.90 34.40 34.44
CA ILE A 204 7.54 35.78 34.78
C ILE A 204 7.86 36.06 36.23
N MET A 205 7.49 35.15 37.12
CA MET A 205 7.81 35.26 38.53
C MET A 205 9.29 35.17 38.81
N GLN A 206 9.99 34.32 38.06
CA GLN A 206 11.42 34.12 38.30
C GLN A 206 12.24 35.29 37.82
N PHE A 207 11.97 35.78 36.62
CA PHE A 207 12.83 36.78 36.00
C PHE A 207 12.23 38.17 35.82
N PHE A 208 10.96 38.34 36.15
CA PHE A 208 10.32 39.63 35.96
C PHE A 208 9.51 40.05 37.17
N SER A 209 9.87 39.53 38.34
CA SER A 209 9.15 39.83 39.57
C SER A 209 9.12 41.32 39.87
N ALA A 210 10.19 42.03 39.56
CA ALA A 210 10.21 43.47 39.84
C ALA A 210 9.11 44.16 39.07
N GLN A 211 9.01 43.81 37.79
CA GLN A 211 8.01 44.45 36.94
C GLN A 211 6.63 44.05 37.45
N LEU A 212 6.48 42.79 37.76
CA LEU A 212 5.21 42.30 38.23
C LEU A 212 4.83 43.05 39.49
N GLY A 213 5.80 43.28 40.36
CA GLY A 213 5.57 43.93 41.64
C GLY A 213 5.08 45.36 41.51
N GLU A 214 5.41 46.03 40.42
CA GLU A 214 4.92 47.36 40.18
C GLU A 214 3.44 47.37 39.80
N VAL A 215 2.97 46.30 39.19
CA VAL A 215 1.64 46.29 38.63
C VAL A 215 0.59 45.72 39.60
N LEU A 216 1.02 44.85 40.52
CA LEU A 216 0.06 44.18 41.39
C LEU A 216 -0.81 45.10 42.20
N PRO A 217 -0.26 46.20 42.70
CA PRO A 217 -1.08 47.03 43.56
C PRO A 217 -2.29 47.60 42.82
N TYR A 218 -2.13 47.83 41.52
CA TYR A 218 -3.25 48.23 40.67
C TYR A 218 -4.21 47.11 40.24
N THR A 219 -3.83 45.87 40.48
CA THR A 219 -4.53 44.75 39.90
C THR A 219 -5.70 44.32 40.74
N ASP A 220 -6.90 44.41 40.18
CA ASP A 220 -8.10 44.02 40.90
C ASP A 220 -8.26 42.51 40.88
N ILE A 221 -8.03 41.90 39.72
CA ILE A 221 -8.17 40.46 39.59
C ILE A 221 -6.89 39.83 39.11
N ILE A 222 -6.47 38.79 39.79
CA ILE A 222 -5.30 38.04 39.41
C ILE A 222 -5.68 36.64 39.05
N VAL A 223 -5.28 36.21 37.88
CA VAL A 223 -5.63 34.88 37.39
C VAL A 223 -4.39 34.08 37.08
N ALA A 224 -4.41 32.81 37.42
CA ALA A 224 -3.30 31.94 37.12
C ALA A 224 -3.70 30.50 37.19
N ASN A 225 -2.79 29.62 36.78
CA ASN A 225 -2.95 28.17 37.01
C ASN A 225 -2.15 27.67 38.22
N ARG A 226 -2.29 26.37 38.49
CA ARG A 226 -1.64 25.70 39.63
C ARG A 226 -0.11 25.93 39.70
N HIS A 227 0.60 25.72 38.60
CA HIS A 227 2.05 25.86 38.60
C HIS A 227 2.47 27.30 38.84
N GLU A 228 1.80 28.23 38.20
CA GLU A 228 2.09 29.64 38.35
C GLU A 228 1.84 30.11 39.77
N ALA A 229 0.85 29.51 40.42
CA ALA A 229 0.57 29.86 41.80
C ALA A 229 1.69 29.44 42.72
N LYS A 230 2.19 28.20 42.57
CA LYS A 230 3.29 27.71 43.43
C LYS A 230 4.50 28.59 43.23
N GLU A 231 4.75 29.00 41.98
CA GLU A 231 5.93 29.83 41.70
C GLU A 231 5.76 31.23 42.26
N PHE A 232 4.53 31.68 42.36
CA PHE A 232 4.25 32.98 42.94
C PHE A 232 4.56 32.97 44.42
N ALA A 233 4.12 31.92 45.11
CA ALA A 233 4.42 31.72 46.53
C ALA A 233 5.94 31.64 46.76
N ASN A 234 6.64 30.95 45.89
CA ASN A 234 8.08 30.90 45.96
C ASN A 234 8.67 32.31 45.82
N MET A 235 8.25 33.07 44.83
CA MET A 235 8.69 34.47 44.71
C MET A 235 8.41 35.29 45.98
N MET A 236 7.22 35.16 46.55
CA MET A 236 6.88 35.85 47.79
C MET A 236 7.46 35.24 49.06
N LYS A 237 8.19 34.14 48.94
CA LYS A 237 8.77 33.44 50.08
C LYS A 237 7.72 32.97 51.06
N TRP A 238 6.59 32.50 50.54
CA TRP A 238 5.56 31.96 51.41
C TRP A 238 5.77 30.47 51.61
N ASP A 239 5.87 30.05 52.87
CA ASP A 239 6.10 28.65 53.21
C ASP A 239 4.75 27.97 53.22
N THR A 240 4.25 27.66 52.03
CA THR A 240 3.00 26.93 51.94
C THR A 240 2.91 26.11 50.68
N ASP A 241 2.24 24.98 50.86
CA ASP A 241 2.08 23.96 49.83
C ASP A 241 0.64 23.91 49.32
N CYS A 242 -0.21 24.91 49.66
CA CYS A 242 -1.64 24.91 49.24
C CYS A 242 -2.10 26.04 48.39
N VAL A 243 -2.70 25.68 47.27
CA VAL A 243 -3.21 26.66 46.33
C VAL A 243 -4.24 27.54 47.01
N GLU A 244 -5.09 26.97 47.86
CA GLU A 244 -6.09 27.75 48.64
C GLU A 244 -5.44 28.80 49.54
N GLU A 245 -4.37 28.42 50.22
CA GLU A 245 -3.65 29.35 51.08
C GLU A 245 -2.91 30.43 50.31
N ILE A 246 -2.32 30.08 49.18
CA ILE A 246 -1.64 31.05 48.34
C ILE A 246 -2.64 32.13 47.88
N ALA A 247 -3.83 31.71 47.47
CA ALA A 247 -4.86 32.66 47.01
C ALA A 247 -5.29 33.61 48.14
N ARG A 248 -5.48 33.04 49.32
CA ARG A 248 -5.84 33.80 50.52
C ARG A 248 -4.79 34.89 50.76
N ARG A 249 -3.51 34.53 50.70
CA ARG A 249 -2.47 35.50 50.92
C ARG A 249 -2.33 36.51 49.79
N ALA A 250 -2.63 36.08 48.57
CA ALA A 250 -2.61 37.00 47.46
C ALA A 250 -3.69 38.07 47.60
N VAL A 251 -4.79 37.71 48.25
CA VAL A 251 -5.84 38.68 48.52
C VAL A 251 -5.41 39.70 49.58
N SER A 252 -4.87 39.24 50.69
CA SER A 252 -4.66 40.10 51.86
C SER A 252 -3.24 40.66 52.04
N GLU A 253 -2.24 39.89 51.60
CA GLU A 253 -0.85 40.26 51.83
C GLU A 253 -0.13 40.77 50.60
N VAL A 254 -0.78 40.76 49.43
CA VAL A 254 -0.19 41.43 48.26
C VAL A 254 -0.79 42.82 48.24
N PRO A 255 0.06 43.83 48.13
CA PRO A 255 -0.54 45.15 48.25
C PRO A 255 -1.66 45.35 47.25
N TYR A 256 -2.65 46.13 47.64
CA TYR A 256 -3.80 46.44 46.80
C TYR A 256 -4.25 47.86 47.09
N THR A 257 -4.23 48.74 46.09
CA THR A 257 -4.62 50.14 46.28
C THR A 257 -5.98 50.45 45.64
N GLY A 258 -6.67 49.43 45.15
CA GLY A 258 -7.93 49.62 44.43
C GLY A 258 -9.13 49.68 45.35
N THR A 259 -10.31 49.83 44.76
CA THR A 259 -11.55 49.87 45.52
C THR A 259 -12.60 48.84 45.12
N LYS A 260 -12.49 48.25 43.93
CA LYS A 260 -13.47 47.24 43.51
C LYS A 260 -13.39 45.95 44.33
N GLY A 261 -12.23 45.65 44.90
CA GLY A 261 -12.06 44.40 45.62
C GLY A 261 -11.16 43.45 44.87
N ARG A 262 -10.08 43.06 45.52
CA ARG A 262 -9.12 42.14 44.95
C ARG A 262 -9.71 40.74 44.90
N VAL A 263 -9.52 40.09 43.76
CA VAL A 263 -10.02 38.74 43.56
C VAL A 263 -8.91 37.90 43.01
N VAL A 264 -8.86 36.63 43.39
CA VAL A 264 -7.81 35.75 42.88
C VAL A 264 -8.44 34.47 42.37
N VAL A 265 -8.07 34.11 41.15
CA VAL A 265 -8.61 32.94 40.47
C VAL A 265 -7.47 32.03 40.01
N PHE A 266 -7.40 30.82 40.56
CA PHE A 266 -6.40 29.87 40.20
C PHE A 266 -7.08 28.65 39.64
N THR A 267 -6.81 28.35 38.38
CA THR A 267 -7.33 27.14 37.77
C THR A 267 -6.43 25.96 38.12
N ARG A 268 -6.95 24.74 37.91
CA ARG A 268 -6.25 23.52 38.32
C ARG A 268 -6.63 22.38 37.42
N ASP A 269 -6.58 22.60 36.12
CA ASP A 269 -6.96 21.61 35.12
C ASP A 269 -8.21 20.80 35.53
N ILE A 270 -8.06 19.51 35.81
CA ILE A 270 -9.18 18.61 36.07
C ILE A 270 -9.87 18.98 37.38
N GLU A 271 -9.13 19.55 38.33
CA GLU A 271 -9.66 19.87 39.65
C GLU A 271 -10.30 21.23 39.72
N SER A 272 -11.01 21.46 40.80
CA SER A 272 -11.78 22.68 40.97
C SER A 272 -10.96 23.94 40.92
N THR A 273 -11.57 24.99 40.41
CA THR A 273 -10.95 26.28 40.34
C THR A 273 -11.10 26.99 41.69
N VAL A 274 -10.03 27.60 42.15
CA VAL A 274 -10.04 28.25 43.42
C VAL A 274 -10.34 29.71 43.18
N LEU A 275 -11.33 30.23 43.90
CA LEU A 275 -11.75 31.59 43.75
C LEU A 275 -11.75 32.29 45.11
N ALA A 276 -10.97 33.33 45.25
CA ALA A 276 -10.77 33.98 46.53
C ALA A 276 -11.04 35.49 46.50
N THR A 277 -11.67 35.98 47.57
CA THR A 277 -11.92 37.41 47.79
C THR A 277 -11.71 37.68 49.27
N LYS A 278 -11.83 38.94 49.67
CA LYS A 278 -11.73 39.26 51.10
C LYS A 278 -12.79 38.54 51.96
N ASP A 279 -13.88 38.09 51.35
CA ASP A 279 -14.91 37.34 52.06
C ASP A 279 -14.68 35.85 52.09
N GLY A 280 -13.51 35.39 51.71
CA GLY A 280 -13.18 33.97 51.84
C GLY A 280 -12.79 33.33 50.53
N VAL A 281 -12.67 32.01 50.57
CA VAL A 281 -12.20 31.20 49.46
C VAL A 281 -13.23 30.14 49.11
N GLU A 282 -13.60 30.06 47.84
CA GLU A 282 -14.65 29.20 47.35
C GLU A 282 -13.96 28.33 46.31
N THR A 283 -14.54 27.18 45.97
CA THR A 283 -14.09 26.41 44.81
C THR A 283 -15.24 26.28 43.80
N VAL A 284 -14.91 26.13 42.52
CA VAL A 284 -15.90 26.00 41.48
C VAL A 284 -15.57 24.74 40.73
N PRO A 285 -16.44 23.74 40.82
CA PRO A 285 -16.03 22.47 40.21
C PRO A 285 -15.93 22.56 38.70
N VAL A 286 -15.06 21.73 38.14
CA VAL A 286 -14.91 21.60 36.71
C VAL A 286 -15.77 20.44 36.26
N PRO A 287 -16.71 20.67 35.36
CA PRO A 287 -17.57 19.56 34.89
C PRO A 287 -16.73 18.38 34.38
N GLN A 288 -17.15 17.15 34.73
CA GLN A 288 -16.43 15.96 34.27
C GLN A 288 -16.44 15.90 32.74
N LEU A 289 -15.34 15.43 32.16
CA LEU A 289 -15.22 15.31 30.71
C LEU A 289 -14.40 14.06 30.41
N ASP A 290 -14.90 13.20 29.50
CA ASP A 290 -14.16 11.99 29.09
C ASP A 290 -12.80 12.38 28.52
N GLN A 291 -11.73 11.95 29.16
CA GLN A 291 -10.39 12.44 28.81
C GLN A 291 -9.94 12.06 27.43
N ASP A 292 -10.57 11.04 26.86
CA ASP A 292 -10.35 10.64 25.48
C ASP A 292 -10.83 11.73 24.48
N LYS A 293 -11.73 12.61 24.92
CA LYS A 293 -12.16 13.74 24.08
C LYS A 293 -11.23 14.92 24.16
N VAL A 294 -10.33 14.90 25.13
CA VAL A 294 -9.36 15.96 25.31
C VAL A 294 -8.13 15.70 24.42
N ILE A 295 -7.96 16.58 23.44
CA ILE A 295 -7.05 16.46 22.33
C ILE A 295 -5.87 17.47 22.36
N ASP A 296 -6.07 18.60 23.04
CA ASP A 296 -5.15 19.72 22.98
C ASP A 296 -5.27 20.56 24.26
N MET A 297 -4.31 20.39 25.16
CA MET A 297 -4.25 21.10 26.44
C MET A 297 -3.86 22.56 26.25
N ASN A 298 -3.30 22.87 25.11
CA ASN A 298 -2.72 24.18 24.91
C ASN A 298 -3.74 25.25 24.72
N GLY A 299 -3.52 26.37 25.40
CA GLY A 299 -4.45 27.46 25.35
C GLY A 299 -5.69 27.29 26.21
N ALA A 300 -5.78 26.23 27.01
CA ALA A 300 -6.94 26.06 27.87
C ALA A 300 -7.13 27.27 28.76
N GLY A 301 -6.02 27.76 29.32
CA GLY A 301 -6.03 28.93 30.18
C GLY A 301 -6.49 30.17 29.45
N ASP A 302 -6.02 30.34 28.22
CA ASP A 302 -6.45 31.47 27.40
C ASP A 302 -7.97 31.37 27.16
N ALA A 303 -8.45 30.18 26.89
CA ALA A 303 -9.86 30.01 26.63
C ALA A 303 -10.67 30.25 27.90
N PHE A 304 -10.14 29.83 29.03
CA PHE A 304 -10.82 30.06 30.29
C PHE A 304 -10.99 31.56 30.51
N MET A 305 -9.90 32.27 30.37
CA MET A 305 -9.87 33.74 30.45
C MET A 305 -10.92 34.42 29.55
N GLY A 306 -11.04 33.98 28.32
CA GLY A 306 -12.04 34.51 27.39
C GLY A 306 -13.46 34.30 27.86
N GLY A 307 -13.78 33.12 28.34
CA GLY A 307 -15.10 32.87 28.87
C GLY A 307 -15.33 33.75 30.06
N PHE A 308 -14.32 33.85 30.92
CA PHE A 308 -14.45 34.60 32.16
C PHE A 308 -14.78 36.06 31.84
N LEU A 309 -14.04 36.64 30.93
CA LEU A 309 -14.28 38.02 30.50
C LEU A 309 -15.61 38.25 29.81
N SER A 310 -16.01 37.34 28.95
CA SER A 310 -17.27 37.51 28.26
C SER A 310 -18.42 37.54 29.28
N ALA A 311 -18.31 36.77 30.35
CA ALA A 311 -19.33 36.77 31.39
C ALA A 311 -19.22 38.01 32.26
N TYR A 312 -18.01 38.37 32.63
CA TYR A 312 -17.81 39.52 33.46
C TYR A 312 -18.39 40.79 32.75
N ALA A 313 -18.24 40.89 31.45
CA ALA A 313 -18.65 42.06 30.70
C ALA A 313 -20.18 42.17 30.51
N VAL A 314 -20.90 41.10 30.75
CA VAL A 314 -22.39 41.16 30.82
C VAL A 314 -22.89 41.13 32.27
N GLY A 315 -21.99 41.27 33.22
CA GLY A 315 -22.34 41.57 34.60
C GLY A 315 -22.59 40.38 35.47
N LYS A 316 -22.15 39.21 35.07
CA LYS A 316 -22.38 38.03 35.90
C LYS A 316 -21.43 37.98 37.11
N ASP A 317 -21.85 37.31 38.17
CA ASP A 317 -21.04 37.20 39.38
C ASP A 317 -19.82 36.30 39.12
N LEU A 318 -18.90 36.32 40.08
CA LEU A 318 -17.59 35.73 39.87
C LEU A 318 -17.66 34.25 39.63
N ARG A 319 -18.56 33.61 40.34
CA ARG A 319 -18.68 32.18 40.27
C ARG A 319 -19.17 31.79 38.86
N ARG A 320 -20.15 32.52 38.36
CA ARG A 320 -20.65 32.30 37.03
C ARG A 320 -19.61 32.63 35.96
N CYS A 321 -18.75 33.61 36.22
CA CYS A 321 -17.64 33.88 35.32
C CYS A 321 -16.68 32.70 35.20
N CYS A 322 -16.39 32.05 36.32
CA CYS A 322 -15.61 30.82 36.30
C CYS A 322 -16.30 29.70 35.59
N GLU A 323 -17.61 29.59 35.76
CA GLU A 323 -18.37 28.54 35.08
C GLU A 323 -18.32 28.75 33.59
N THR A 324 -18.41 29.99 33.15
CA THR A 324 -18.33 30.31 31.72
C THR A 324 -16.96 30.03 31.17
N GLY A 325 -15.92 30.34 31.95
CA GLY A 325 -14.55 29.96 31.61
C GLY A 325 -14.36 28.45 31.49
N HIS A 326 -14.93 27.67 32.38
CA HIS A 326 -14.85 26.23 32.25
C HIS A 326 -15.49 25.79 30.96
N TYR A 327 -16.61 26.39 30.61
CA TYR A 327 -17.29 26.01 29.39
C TYR A 327 -16.41 26.28 28.19
N THR A 328 -15.81 27.46 28.13
CA THR A 328 -15.02 27.78 26.93
C THR A 328 -13.79 26.93 26.84
N ALA A 329 -13.13 26.72 27.98
CA ALA A 329 -11.88 25.96 28.01
C ALA A 329 -12.14 24.54 27.59
N GLN A 330 -13.28 24.00 28.00
CA GLN A 330 -13.63 22.64 27.64
C GLN A 330 -14.05 22.50 26.16
N GLU A 331 -14.54 23.54 25.54
CA GLU A 331 -14.73 23.47 24.08
C GLU A 331 -13.41 23.40 23.32
N VAL A 332 -12.44 24.23 23.69
CA VAL A 332 -11.17 24.31 22.95
C VAL A 332 -10.30 23.08 23.08
N ILE A 333 -10.32 22.47 24.25
CA ILE A 333 -9.44 21.34 24.43
C ILE A 333 -9.94 20.13 23.64
N GLN A 334 -11.20 20.16 23.21
CA GLN A 334 -11.76 19.10 22.40
C GLN A 334 -11.52 19.26 20.91
N ARG A 335 -10.68 20.21 20.52
CA ARG A 335 -10.39 20.44 19.13
C ARG A 335 -8.93 20.77 18.95
N ASP A 336 -8.37 20.36 17.81
CA ASP A 336 -7.00 20.72 17.47
C ASP A 336 -6.95 22.20 17.14
N GLY A 337 -6.06 22.90 17.83
CA GLY A 337 -5.91 24.34 17.68
C GLY A 337 -6.95 25.14 18.43
N CYS A 338 -6.85 26.47 18.31
CA CYS A 338 -7.87 27.38 18.84
C CYS A 338 -9.06 27.35 17.90
N SER A 339 -10.02 26.50 18.21
CA SER A 339 -11.11 26.21 17.28
C SER A 339 -12.40 25.98 18.04
N PHE A 340 -13.52 26.39 17.43
CA PHE A 340 -14.81 26.36 18.11
C PHE A 340 -15.94 26.00 17.20
N PRO A 341 -17.03 25.48 17.77
CA PRO A 341 -18.29 25.39 17.02
C PRO A 341 -18.63 26.74 16.44
N GLU A 342 -19.70 26.82 15.63
CA GLU A 342 -20.06 28.11 15.00
C GLU A 342 -20.57 29.05 16.08
N LYS A 343 -21.37 28.52 16.98
CA LYS A 343 -22.01 29.31 18.02
C LYS A 343 -21.92 28.59 19.39
N PRO A 344 -21.80 29.36 20.51
CA PRO A 344 -21.76 28.75 21.82
C PRO A 344 -23.07 28.13 22.17
N SER A 345 -23.04 27.13 23.04
CA SER A 345 -24.23 26.43 23.50
C SER A 345 -24.48 26.71 24.98
N PHE A 346 -24.05 27.87 25.44
CA PHE A 346 -24.01 28.13 26.86
C PHE A 346 -24.38 29.59 27.04
N SER A 347 -25.33 29.87 27.92
CA SER A 347 -25.74 31.28 28.20
C SER A 347 -25.38 31.71 29.61
N PRO A 348 -24.33 32.53 29.72
CA PRO A 348 -23.86 32.95 31.04
C PRO A 348 -24.97 33.48 31.98
N MET B 4 25.30 -0.42 8.48
CA MET B 4 24.75 -0.09 9.83
C MET B 4 23.28 -0.47 9.91
N SER B 5 22.54 -0.31 8.81
CA SER B 5 21.08 -0.51 8.79
C SER B 5 20.68 -1.67 7.84
N SER B 6 19.68 -2.50 8.16
CA SER B 6 19.13 -3.41 7.13
C SER B 6 18.49 -2.60 6.02
N ALA B 7 18.73 -3.09 4.82
CA ALA B 7 18.54 -2.34 3.61
C ALA B 7 17.26 -2.81 2.87
N PRO B 8 16.29 -1.91 2.70
CA PRO B 8 14.98 -2.43 2.40
C PRO B 8 14.77 -2.69 0.94
N LEU B 9 13.94 -3.68 0.62
CA LEU B 9 13.59 -3.96 -0.74
C LEU B 9 12.70 -2.88 -1.30
N ARG B 10 12.76 -2.68 -2.61
CA ARG B 10 12.01 -1.66 -3.26
C ARG B 10 10.56 -2.03 -3.28
N VAL B 11 9.74 -1.03 -2.97
CA VAL B 11 8.32 -1.15 -2.92
C VAL B 11 7.62 -0.28 -3.89
N TYR B 12 6.59 -0.83 -4.51
CA TYR B 12 5.71 -0.11 -5.42
C TYR B 12 4.35 0.00 -4.78
N VAL B 13 3.82 1.22 -4.76
CA VAL B 13 2.51 1.51 -4.18
C VAL B 13 1.70 2.23 -5.20
N GLN B 14 0.44 1.87 -5.29
CA GLN B 14 -0.46 2.52 -6.20
C GLN B 14 -1.79 2.75 -5.49
N CYS B 15 -2.29 3.98 -5.61
CA CYS B 15 -3.53 4.39 -4.98
C CYS B 15 -3.98 5.71 -5.61
N ASN B 16 -4.99 6.33 -5.03
CA ASN B 16 -5.55 7.55 -5.50
C ASN B 16 -5.02 8.68 -4.61
N PRO B 17 -4.15 9.54 -5.14
CA PRO B 17 -3.70 10.66 -4.34
C PRO B 17 -4.78 11.75 -4.17
N LEU B 18 -5.12 12.04 -2.92
CA LEU B 18 -6.20 12.96 -2.63
C LEU B 18 -5.74 13.96 -1.59
N LEU B 19 -6.25 15.17 -1.70
CA LEU B 19 -6.03 16.17 -0.70
C LEU B 19 -7.16 16.11 0.28
N ASP B 20 -6.81 16.00 1.55
CA ASP B 20 -7.82 15.95 2.60
C ASP B 20 -8.21 17.36 3.04
N VAL B 21 -9.49 17.63 2.93
CA VAL B 21 -10.06 18.87 3.35
C VAL B 21 -10.88 18.57 4.57
N SER B 22 -10.40 19.03 5.72
CA SER B 22 -10.93 18.62 7.00
C SER B 22 -11.49 19.76 7.89
N ALA B 23 -12.48 19.39 8.70
CA ALA B 23 -13.14 20.33 9.59
C ALA B 23 -13.99 19.62 10.60
N HIS B 24 -14.12 20.26 11.78
CA HIS B 24 -15.00 19.77 12.84
C HIS B 24 -16.42 20.12 12.50
N VAL B 25 -17.31 19.25 12.87
CA VAL B 25 -18.61 19.24 12.28
C VAL B 25 -19.58 18.63 13.28
N SER B 26 -20.84 19.02 13.17
CA SER B 26 -21.85 18.52 14.08
C SER B 26 -22.44 17.23 13.52
N ASP B 27 -23.20 16.53 14.35
CA ASP B 27 -23.91 15.35 13.91
C ASP B 27 -25.01 15.68 12.92
N GLU B 28 -25.63 16.86 13.09
CA GLU B 28 -26.63 17.36 12.15
C GLU B 28 -26.08 17.37 10.74
N PHE B 29 -24.85 17.82 10.61
CA PHE B 29 -24.14 17.84 9.34
C PHE B 29 -23.93 16.46 8.69
N LEU B 30 -23.46 15.47 9.45
CA LEU B 30 -23.31 14.12 8.92
C LEU B 30 -24.61 13.61 8.32
N VAL B 31 -25.67 13.84 9.07
CA VAL B 31 -26.93 13.29 8.73
C VAL B 31 -27.53 14.09 7.58
N LYS B 32 -27.26 15.38 7.56
CA LYS B 32 -27.69 16.22 6.46
C LYS B 32 -27.23 15.66 5.12
N TYR B 33 -26.05 15.06 5.10
CA TYR B 33 -25.44 14.55 3.86
C TYR B 33 -25.46 13.01 3.79
N GLY B 34 -26.17 12.40 4.73
CA GLY B 34 -26.48 10.99 4.67
C GLY B 34 -25.28 10.13 4.91
N LEU B 35 -24.41 10.58 5.81
CA LEU B 35 -23.19 9.88 6.07
C LEU B 35 -23.34 9.02 7.29
N GLU B 36 -22.74 7.84 7.27
CA GLU B 36 -22.68 6.98 8.45
C GLU B 36 -21.33 7.32 9.12
N ARG B 37 -21.40 7.74 10.38
CA ARG B 37 -20.22 8.18 11.08
C ARG B 37 -19.10 7.13 11.04
N GLY B 38 -17.88 7.63 10.80
CA GLY B 38 -16.66 6.81 10.83
C GLY B 38 -16.34 6.04 9.56
N THR B 39 -17.17 6.19 8.52
CA THR B 39 -17.03 5.43 7.30
C THR B 39 -16.53 6.29 6.15
N ALA B 40 -16.18 5.62 5.06
CA ALA B 40 -15.71 6.26 3.83
C ALA B 40 -16.63 5.88 2.69
N ILE B 41 -16.97 6.85 1.85
CA ILE B 41 -17.72 6.61 0.62
C ILE B 41 -17.12 7.39 -0.51
N LEU B 42 -17.60 7.15 -1.72
CA LEU B 42 -17.30 8.01 -2.86
C LEU B 42 -18.38 9.08 -2.96
N LEU B 43 -17.99 10.28 -3.36
CA LEU B 43 -18.96 11.34 -3.58
C LEU B 43 -20.09 10.89 -4.52
N SER B 44 -21.34 11.06 -4.10
CA SER B 44 -22.50 10.78 -4.95
C SER B 44 -23.41 12.01 -5.00
N GLU B 45 -24.52 11.88 -5.71
CA GLU B 45 -25.56 12.94 -5.76
C GLU B 45 -25.99 13.33 -4.36
N ARG B 46 -26.27 12.34 -3.54
CA ARG B 46 -26.75 12.54 -2.18
C ARG B 46 -25.89 13.51 -1.35
N GLN B 47 -24.64 13.75 -1.77
CA GLN B 47 -23.74 14.64 -1.07
C GLN B 47 -23.44 15.92 -1.82
N LYS B 48 -24.29 16.29 -2.78
CA LYS B 48 -24.04 17.53 -3.54
C LYS B 48 -23.85 18.69 -2.57
N GLY B 49 -22.77 19.45 -2.77
CA GLY B 49 -22.52 20.71 -2.02
C GLY B 49 -21.65 20.61 -0.79
N ILE B 50 -21.32 19.39 -0.41
CA ILE B 50 -20.54 19.18 0.80
C ILE B 50 -19.19 19.88 0.83
N PHE B 51 -18.49 19.96 -0.29
CA PHE B 51 -17.20 20.63 -0.28
C PHE B 51 -17.34 22.13 -0.08
N ASP B 52 -18.30 22.74 -0.76
CA ASP B 52 -18.57 24.17 -0.53
C ASP B 52 -18.95 24.43 0.90
N ASP B 53 -19.77 23.56 1.46
CA ASP B 53 -20.22 23.69 2.83
C ASP B 53 -19.04 23.63 3.82
N ILE B 54 -18.18 22.61 3.67
CA ILE B 54 -17.04 22.51 4.57
C ILE B 54 -16.04 23.63 4.36
N GLU B 55 -15.75 24.00 3.12
CA GLU B 55 -14.76 25.07 2.85
C GLU B 55 -15.18 26.43 3.46
N LYS B 56 -16.49 26.67 3.56
CA LYS B 56 -17.02 27.89 4.19
C LYS B 56 -16.76 27.94 5.70
N MET B 57 -16.43 26.81 6.32
CA MET B 57 -16.23 26.76 7.76
C MET B 57 -14.89 27.35 8.20
N PRO B 58 -14.82 27.82 9.44
CA PRO B 58 -13.57 28.35 9.97
C PRO B 58 -12.60 27.26 10.45
N ASN B 59 -11.31 27.47 10.20
CA ASN B 59 -10.26 26.53 10.62
C ASN B 59 -10.27 25.19 9.85
N VAL B 60 -10.86 25.22 8.66
CA VAL B 60 -10.73 24.15 7.71
C VAL B 60 -9.26 23.99 7.34
N ARG B 61 -8.80 22.74 7.27
CA ARG B 61 -7.42 22.42 6.91
C ARG B 61 -7.32 21.68 5.58
N TYR B 62 -6.18 21.84 4.92
CA TYR B 62 -5.97 21.28 3.61
C TYR B 62 -4.69 20.48 3.70
N VAL B 63 -4.81 19.16 3.83
CA VAL B 63 -3.66 18.32 4.16
C VAL B 63 -3.54 17.20 3.17
N PRO B 64 -2.33 16.95 2.67
CA PRO B 64 -2.17 15.86 1.70
C PRO B 64 -2.56 14.54 2.33
N GLY B 65 -3.33 13.73 1.58
CA GLY B 65 -3.85 12.47 2.05
C GLY B 65 -3.80 11.41 0.99
N GLY B 66 -4.84 10.61 0.91
CA GLY B 66 -4.85 9.43 0.05
C GLY B 66 -4.36 8.24 0.84
N SER B 67 -5.16 7.18 0.89
CA SER B 67 -4.85 6.01 1.73
C SER B 67 -3.50 5.41 1.43
N GLY B 68 -3.28 5.07 0.17
CA GLY B 68 -2.02 4.48 -0.22
C GLY B 68 -0.84 5.42 -0.04
N LEU B 69 -1.09 6.72 -0.19
CA LEU B 69 -0.03 7.66 -0.05
C LEU B 69 0.35 7.78 1.41
N ASN B 70 -0.63 7.78 2.30
CA ASN B 70 -0.30 7.72 3.71
C ASN B 70 0.50 6.48 4.02
N VAL B 71 0.12 5.35 3.43
CA VAL B 71 0.88 4.13 3.69
C VAL B 71 2.34 4.30 3.28
N ALA B 72 2.56 4.81 2.07
CA ALA B 72 3.92 5.06 1.58
C ALA B 72 4.69 5.96 2.50
N ARG B 73 4.06 7.06 2.92
CA ARG B 73 4.76 7.98 3.85
C ARG B 73 5.13 7.36 5.21
N VAL B 74 4.25 6.56 5.77
CA VAL B 74 4.54 5.92 7.04
C VAL B 74 5.65 4.93 6.84
N ALA B 75 5.62 4.19 5.75
CA ALA B 75 6.71 3.26 5.47
C ALA B 75 8.05 4.00 5.30
N GLN B 76 8.05 5.07 4.53
CA GLN B 76 9.28 5.85 4.30
C GLN B 76 9.78 6.47 5.62
N TRP B 77 8.86 6.95 6.43
CA TRP B 77 9.19 7.43 7.77
C TRP B 77 9.96 6.43 8.61
N MET B 78 9.67 5.15 8.45
CA MET B 78 10.39 4.10 9.18
C MET B 78 11.74 3.74 8.56
N GLN B 79 12.06 4.32 7.41
CA GLN B 79 13.31 4.02 6.71
C GLN B 79 13.93 5.30 6.19
N GLN B 80 14.20 6.23 7.09
CA GLN B 80 14.61 7.57 6.68
C GLN B 80 16.03 7.64 6.08
N ALA B 81 16.87 6.66 6.39
CA ALA B 81 18.16 6.49 5.73
C ALA B 81 18.06 6.13 4.22
N TYR B 82 16.84 5.93 3.69
CA TYR B 82 16.71 5.51 2.32
C TYR B 82 15.72 6.34 1.56
N LYS B 83 15.64 7.62 1.87
CA LYS B 83 14.90 8.55 1.03
C LYS B 83 15.32 8.35 -0.42
N GLY B 84 14.34 8.31 -1.34
CA GLY B 84 14.62 8.17 -2.78
C GLY B 84 14.93 6.74 -3.25
N LYS B 85 15.37 5.86 -2.36
CA LYS B 85 15.84 4.55 -2.73
C LYS B 85 14.93 3.44 -2.17
N PHE B 86 13.63 3.71 -2.01
CA PHE B 86 12.76 2.74 -1.32
C PHE B 86 11.38 2.64 -1.96
N VAL B 87 10.53 3.61 -1.72
CA VAL B 87 9.14 3.52 -2.19
C VAL B 87 8.90 4.34 -3.41
N THR B 88 8.17 3.78 -4.35
CA THR B 88 7.70 4.51 -5.52
C THR B 88 6.18 4.49 -5.50
N TYR B 89 5.56 5.59 -5.82
CA TYR B 89 4.12 5.70 -5.76
C TYR B 89 3.62 6.11 -7.10
N VAL B 90 2.50 5.52 -7.49
CA VAL B 90 1.89 5.81 -8.76
C VAL B 90 0.44 6.19 -8.56
N GLY B 91 0.04 7.28 -9.19
CA GLY B 91 -1.34 7.72 -9.14
C GLY B 91 -1.48 8.81 -10.17
N CYS B 92 -2.65 9.38 -10.26
CA CYS B 92 -2.87 10.49 -11.18
C CYS B 92 -3.30 11.73 -10.41
N ILE B 93 -2.65 12.85 -10.74
CA ILE B 93 -3.05 14.19 -10.26
C ILE B 93 -3.19 15.14 -11.44
N ALA B 94 -3.63 16.36 -11.15
CA ALA B 94 -3.55 17.49 -12.08
C ALA B 94 -2.41 18.37 -11.60
N ASP B 95 -1.77 19.13 -12.49
CA ASP B 95 -0.68 20.02 -12.02
C ASP B 95 -1.29 21.36 -11.55
N ASP B 96 -1.99 21.32 -10.41
CA ASP B 96 -2.77 22.42 -9.85
C ASP B 96 -2.31 22.61 -8.40
N ARG B 97 -2.97 23.48 -7.64
CA ARG B 97 -2.47 23.77 -6.31
C ARG B 97 -2.42 22.48 -5.48
N TYR B 98 -3.55 21.77 -5.43
CA TYR B 98 -3.65 20.51 -4.68
C TYR B 98 -2.61 19.44 -5.11
N GLY B 99 -2.47 19.23 -6.41
CA GLY B 99 -1.44 18.36 -6.93
C GLY B 99 -0.04 18.69 -6.47
N LYS B 100 0.35 19.96 -6.56
CA LYS B 100 1.70 20.38 -6.15
C LYS B 100 1.94 20.11 -4.68
N VAL B 101 0.94 20.41 -3.86
CA VAL B 101 1.03 20.13 -2.43
C VAL B 101 1.32 18.63 -2.21
N LEU B 102 0.51 17.77 -2.85
CA LEU B 102 0.67 16.31 -2.74
C LEU B 102 2.03 15.83 -3.14
N LYS B 103 2.42 16.19 -4.36
CA LYS B 103 3.71 15.80 -4.89
C LYS B 103 4.88 16.32 -4.04
N GLU B 104 4.84 17.60 -3.66
CA GLU B 104 5.98 18.18 -2.94
C GLU B 104 6.16 17.52 -1.59
N ALA B 105 5.06 17.26 -0.90
CA ALA B 105 5.12 16.68 0.45
C ALA B 105 5.73 15.29 0.45
N ALA B 106 5.25 14.47 -0.48
CA ALA B 106 5.76 13.13 -0.62
C ALA B 106 7.25 13.07 -1.01
N GLU B 107 7.63 13.91 -1.97
CA GLU B 107 9.03 13.97 -2.42
C GLU B 107 9.97 14.45 -1.34
N HIS B 108 9.51 15.43 -0.56
CA HIS B 108 10.24 15.91 0.60
C HIS B 108 10.55 14.75 1.50
N GLU B 109 9.61 13.83 1.68
CA GLU B 109 9.80 12.71 2.61
C GLU B 109 10.57 11.55 2.01
N GLY B 110 10.82 11.56 0.70
CA GLY B 110 11.71 10.55 0.08
C GLY B 110 11.01 9.52 -0.79
N ILE B 111 9.79 9.84 -1.15
CA ILE B 111 9.04 8.99 -1.99
C ILE B 111 9.28 9.43 -3.40
N VAL B 112 9.56 8.48 -4.28
CA VAL B 112 9.64 8.77 -5.69
C VAL B 112 8.20 8.78 -6.24
N MET B 113 7.73 9.94 -6.65
CA MET B 113 6.40 10.05 -7.16
C MET B 113 6.39 9.89 -8.67
N ALA B 114 6.20 8.66 -9.13
CA ALA B 114 5.94 8.40 -10.53
C ALA B 114 4.47 8.63 -10.87
N VAL B 115 4.02 9.87 -10.74
CA VAL B 115 2.62 10.19 -10.95
C VAL B 115 2.32 10.73 -12.34
N GLU B 116 1.12 10.44 -12.84
CA GLU B 116 0.57 11.07 -14.03
C GLU B 116 -0.01 12.44 -13.72
N HIS B 117 0.11 13.35 -14.69
CA HIS B 117 -0.57 14.63 -14.68
C HIS B 117 -1.59 14.68 -15.78
N THR B 118 -2.87 14.81 -15.45
CA THR B 118 -3.92 14.89 -16.47
C THR B 118 -4.45 16.31 -16.51
N THR B 119 -5.17 16.63 -17.59
CA THR B 119 -5.95 17.88 -17.68
C THR B 119 -7.45 17.59 -17.70
N LYS B 120 -7.82 16.32 -17.74
CA LYS B 120 -9.24 15.96 -17.80
C LYS B 120 -10.06 16.35 -16.58
N ALA B 121 -9.38 16.67 -15.46
CA ALA B 121 -10.04 17.02 -14.19
C ALA B 121 -9.06 17.46 -13.13
N GLY B 122 -9.57 18.16 -12.13
CA GLY B 122 -8.70 18.68 -11.05
C GLY B 122 -8.26 17.58 -10.09
N SER B 123 -7.18 17.81 -9.37
CA SER B 123 -6.69 16.83 -8.42
C SER B 123 -7.76 16.49 -7.42
N GLY B 124 -7.78 15.22 -7.03
CA GLY B 124 -8.85 14.69 -6.17
C GLY B 124 -8.75 15.20 -4.76
N ALA B 125 -9.85 15.10 -4.06
CA ALA B 125 -9.93 15.61 -2.72
C ALA B 125 -10.89 14.77 -1.91
N CYS B 126 -10.65 14.72 -0.61
CA CYS B 126 -11.48 13.97 0.29
C CYS B 126 -12.00 14.91 1.39
N ALA B 127 -13.32 14.97 1.53
CA ALA B 127 -13.92 15.73 2.61
C ALA B 127 -13.80 14.90 3.91
N VAL B 128 -13.12 15.43 4.91
CA VAL B 128 -12.91 14.75 6.17
C VAL B 128 -13.66 15.47 7.28
N CYS B 129 -14.69 14.81 7.79
CA CYS B 129 -15.61 15.43 8.75
C CYS B 129 -15.34 14.91 10.14
N ILE B 130 -14.85 15.79 11.00
CA ILE B 130 -14.45 15.39 12.34
C ILE B 130 -15.63 15.60 13.32
N THR B 131 -15.92 14.54 14.07
CA THR B 131 -16.85 14.57 15.18
C THR B 131 -16.16 13.79 16.32
N GLY B 132 -15.41 14.50 17.15
CA GLY B 132 -14.68 13.90 18.25
C GLY B 132 -13.46 13.13 17.80
N LYS B 133 -13.40 11.85 18.14
CA LYS B 133 -12.31 10.94 17.77
C LYS B 133 -12.56 10.25 16.42
N GLU B 134 -13.78 10.40 15.90
CA GLU B 134 -14.18 9.80 14.66
C GLU B 134 -14.14 10.75 13.48
N ARG B 135 -13.67 10.24 12.35
CA ARG B 135 -13.68 11.00 11.08
C ARG B 135 -14.46 10.29 10.01
N THR B 136 -15.17 11.06 9.20
CA THR B 136 -16.11 10.49 8.22
C THR B 136 -15.69 11.04 6.85
N LEU B 137 -15.45 10.15 5.88
CA LEU B 137 -14.71 10.51 4.65
C LEU B 137 -15.57 10.47 3.39
N VAL B 138 -15.48 11.52 2.58
CA VAL B 138 -16.19 11.52 1.30
C VAL B 138 -15.21 11.85 0.21
N ALA B 139 -14.92 10.89 -0.65
CA ALA B 139 -13.81 11.01 -1.58
C ALA B 139 -14.29 11.42 -2.94
N ASP B 140 -13.72 12.50 -3.47
CA ASP B 140 -13.99 12.96 -4.82
C ASP B 140 -12.73 12.83 -5.66
N LEU B 141 -12.65 11.71 -6.34
CA LEU B 141 -11.41 11.29 -6.98
C LEU B 141 -10.88 12.25 -8.03
N GLY B 142 -11.76 12.92 -8.77
CA GLY B 142 -11.31 13.80 -9.83
C GLY B 142 -10.26 13.14 -10.73
N ALA B 143 -9.06 13.70 -10.73
CA ALA B 143 -7.97 13.25 -11.57
C ALA B 143 -7.57 11.81 -11.33
N ALA B 144 -7.65 11.37 -10.08
CA ALA B 144 -7.24 10.02 -9.73
C ALA B 144 -8.05 9.02 -10.53
N ASN B 145 -9.27 9.38 -10.92
CA ASN B 145 -10.12 8.51 -11.69
C ASN B 145 -9.75 8.37 -13.16
N HIS B 146 -8.77 9.15 -13.64
CA HIS B 146 -8.41 9.21 -15.04
C HIS B 146 -7.06 8.63 -15.26
N LEU B 147 -6.53 7.91 -14.28
CA LEU B 147 -5.25 7.22 -14.51
C LEU B 147 -5.39 6.39 -15.77
N SER B 148 -4.43 6.53 -16.67
CA SER B 148 -4.52 5.97 -18.01
C SER B 148 -3.59 4.78 -18.27
N SER B 149 -3.95 3.97 -19.27
CA SER B 149 -3.06 2.93 -19.76
C SER B 149 -1.74 3.45 -20.27
N GLU B 150 -1.75 4.66 -20.84
CA GLU B 150 -0.52 5.29 -21.36
C GLU B 150 0.49 5.40 -20.23
N HIS B 151 0.01 5.94 -19.11
CA HIS B 151 0.87 6.14 -17.98
C HIS B 151 1.38 4.83 -17.42
N MET B 152 0.51 3.82 -17.37
CA MET B 152 0.91 2.51 -16.88
C MET B 152 1.92 1.84 -17.82
N ARG B 153 1.94 2.21 -19.10
CA ARG B 153 2.95 1.69 -20.04
C ARG B 153 4.17 2.59 -20.19
N SER B 154 4.17 3.74 -19.52
CA SER B 154 5.28 4.67 -19.59
C SER B 154 6.62 4.16 -18.97
N PRO B 155 7.75 4.70 -19.42
CA PRO B 155 9.06 4.22 -18.96
C PRO B 155 9.26 4.24 -17.45
N ALA B 156 8.80 5.30 -16.80
CA ALA B 156 9.06 5.46 -15.37
C ALA B 156 8.34 4.37 -14.59
N VAL B 157 7.08 4.12 -14.95
CA VAL B 157 6.29 3.13 -14.25
C VAL B 157 6.80 1.72 -14.55
N VAL B 158 7.18 1.43 -15.79
CA VAL B 158 7.69 0.12 -16.13
C VAL B 158 9.07 -0.11 -15.48
N ARG B 159 9.90 0.93 -15.40
CA ARG B 159 11.20 0.80 -14.66
C ARG B 159 10.93 0.49 -13.17
N ALA B 160 9.95 1.19 -12.59
CA ALA B 160 9.57 1.01 -11.18
C ALA B 160 9.04 -0.38 -10.90
N MET B 161 8.15 -0.84 -11.76
CA MET B 161 7.63 -2.20 -11.64
C MET B 161 8.76 -3.21 -11.80
N ASP B 162 9.64 -2.99 -12.77
CA ASP B 162 10.77 -3.91 -12.98
C ASP B 162 11.70 -4.00 -11.81
N GLU B 163 11.88 -2.90 -11.12
CA GLU B 163 12.87 -2.84 -10.04
C GLU B 163 12.27 -3.15 -8.67
N SER B 164 10.94 -3.27 -8.58
CA SER B 164 10.27 -3.48 -7.28
C SER B 164 10.03 -4.95 -6.92
N ARG B 165 10.16 -5.27 -5.64
CA ARG B 165 9.95 -6.61 -5.15
C ARG B 165 8.64 -6.75 -4.43
N ILE B 166 8.07 -5.64 -3.97
CA ILE B 166 6.83 -5.69 -3.18
C ILE B 166 5.87 -4.72 -3.80
N PHE B 167 4.64 -5.16 -4.01
CA PHE B 167 3.65 -4.36 -4.69
C PHE B 167 2.44 -4.22 -3.80
N TYR B 168 2.07 -2.98 -3.46
CA TYR B 168 0.91 -2.73 -2.63
C TYR B 168 -0.09 -1.84 -3.35
N PHE B 169 -1.29 -2.35 -3.56
CA PHE B 169 -2.40 -1.60 -4.10
C PHE B 169 -3.49 -1.52 -3.02
N SER B 170 -4.07 -0.36 -2.82
CA SER B 170 -5.17 -0.26 -1.93
C SER B 170 -6.39 -0.76 -2.66
N GLY B 171 -7.37 -1.21 -1.90
CA GLY B 171 -8.62 -1.69 -2.49
C GLY B 171 -9.34 -0.60 -3.23
N PHE B 172 -9.17 0.63 -2.73
CA PHE B 172 -9.71 1.78 -3.36
C PHE B 172 -9.35 1.93 -4.85
N THR B 173 -8.22 1.36 -5.30
CA THR B 173 -7.88 1.41 -6.72
C THR B 173 -8.83 0.64 -7.60
N LEU B 174 -9.62 -0.25 -7.01
CA LEU B 174 -10.52 -1.09 -7.80
C LEU B 174 -11.64 -0.30 -8.37
N THR B 175 -11.89 0.91 -7.86
CA THR B 175 -12.97 1.71 -8.42
C THR B 175 -12.55 2.47 -9.68
N VAL B 176 -11.27 2.47 -9.97
CA VAL B 176 -10.78 3.20 -11.12
C VAL B 176 -10.79 2.28 -12.34
N ASP B 177 -9.79 1.40 -12.44
CA ASP B 177 -9.68 0.54 -13.59
C ASP B 177 -8.92 -0.72 -13.21
N VAL B 178 -9.66 -1.84 -13.18
CA VAL B 178 -9.10 -3.11 -12.69
C VAL B 178 -7.93 -3.59 -13.53
N ASN B 179 -7.92 -3.19 -14.81
CA ASN B 179 -6.80 -3.54 -15.69
C ASN B 179 -5.47 -2.96 -15.25
N HIS B 180 -5.48 -1.78 -14.63
CA HIS B 180 -4.22 -1.22 -14.15
C HIS B 180 -3.69 -2.12 -13.05
N VAL B 181 -4.61 -2.59 -12.21
CA VAL B 181 -4.22 -3.47 -11.12
C VAL B 181 -3.75 -4.81 -11.67
N LEU B 182 -4.46 -5.35 -12.64
CA LEU B 182 -4.05 -6.65 -13.21
C LEU B 182 -2.69 -6.63 -13.93
N GLN B 183 -2.38 -5.51 -14.57
CA GLN B 183 -1.08 -5.32 -15.15
C GLN B 183 0.03 -5.48 -14.10
N ALA B 184 -0.14 -4.86 -12.94
CA ALA B 184 0.86 -5.02 -11.88
C ALA B 184 0.88 -6.43 -11.31
N CYS B 185 -0.28 -7.10 -11.24
CA CYS B 185 -0.34 -8.47 -10.73
C CYS B 185 0.49 -9.37 -11.59
N ARG B 186 0.43 -9.13 -12.90
CA ARG B 186 1.16 -9.96 -13.83
C ARG B 186 2.63 -9.71 -13.71
N LYS B 187 3.00 -8.44 -13.56
CA LYS B 187 4.39 -8.07 -13.45
C LYS B 187 4.97 -8.62 -12.18
N ALA B 188 4.20 -8.55 -11.12
CA ALA B 188 4.65 -9.07 -9.84
C ALA B 188 4.93 -10.55 -9.97
N ARG B 189 4.14 -11.24 -10.77
CA ARG B 189 4.30 -12.66 -10.94
C ARG B 189 5.49 -12.96 -11.84
N GLU B 190 5.64 -12.14 -12.88
CA GLU B 190 6.78 -12.27 -13.79
C GLU B 190 8.07 -12.27 -13.02
N VAL B 191 8.15 -11.35 -12.07
CA VAL B 191 9.35 -11.08 -11.33
C VAL B 191 9.40 -11.79 -9.97
N ASP B 192 8.46 -12.71 -9.73
CA ASP B 192 8.32 -13.38 -8.43
C ASP B 192 8.29 -12.45 -7.20
N GLY B 193 7.61 -11.34 -7.32
CA GLY B 193 7.51 -10.40 -6.23
C GLY B 193 6.36 -10.78 -5.33
N LEU B 194 6.03 -9.85 -4.44
CA LEU B 194 4.92 -10.02 -3.53
C LEU B 194 3.84 -9.00 -3.87
N PHE B 195 2.61 -9.47 -3.99
CA PHE B 195 1.49 -8.60 -4.27
C PHE B 195 0.57 -8.59 -3.06
N MET B 196 0.20 -7.41 -2.66
CA MET B 196 -0.45 -7.20 -1.40
C MET B 196 -1.59 -6.23 -1.59
N ILE B 197 -2.69 -6.49 -0.91
CA ILE B 197 -3.85 -5.66 -1.07
C ILE B 197 -4.55 -5.40 0.26
N ASN B 198 -5.24 -4.27 0.29
CA ASN B 198 -6.01 -3.78 1.42
C ASN B 198 -7.45 -3.83 1.01
N LEU B 199 -8.35 -4.19 1.87
CA LEU B 199 -9.77 -4.18 1.45
C LEU B 199 -10.36 -2.78 1.49
N SER B 200 -9.70 -1.88 2.20
CA SER B 200 -9.99 -0.44 2.19
C SER B 200 -11.33 -0.01 2.79
N ALA B 201 -12.44 -0.59 2.36
CA ALA B 201 -13.75 -0.15 2.83
C ALA B 201 -14.81 -1.13 2.47
N PRO B 202 -15.84 -1.24 3.30
CA PRO B 202 -16.96 -2.13 3.01
C PRO B 202 -17.58 -1.95 1.65
N PHE B 203 -17.65 -0.70 1.17
CA PHE B 203 -18.32 -0.49 -0.12
C PHE B 203 -17.59 -1.16 -1.27
N ILE B 204 -16.29 -1.39 -1.13
CA ILE B 204 -15.56 -2.15 -2.14
C ILE B 204 -16.15 -3.53 -2.32
N MET B 205 -16.43 -4.21 -1.21
CA MET B 205 -17.01 -5.53 -1.26
C MET B 205 -18.44 -5.49 -1.79
N GLN B 206 -19.17 -4.42 -1.50
CA GLN B 206 -20.56 -4.34 -1.89
C GLN B 206 -20.68 -4.03 -3.36
N PHE B 207 -19.90 -3.09 -3.85
CA PHE B 207 -20.12 -2.60 -5.20
C PHE B 207 -19.02 -2.88 -6.18
N PHE B 208 -17.93 -3.46 -5.72
CA PHE B 208 -16.81 -3.74 -6.62
C PHE B 208 -16.26 -5.14 -6.45
N SER B 209 -17.10 -6.06 -6.00
CA SER B 209 -16.69 -7.45 -5.77
C SER B 209 -16.20 -8.18 -7.03
N ALA B 210 -16.81 -7.89 -8.16
CA ALA B 210 -16.31 -8.46 -9.40
C ALA B 210 -14.88 -8.10 -9.64
N GLN B 211 -14.57 -6.82 -9.48
CA GLN B 211 -13.21 -6.38 -9.74
C GLN B 211 -12.29 -6.99 -8.73
N LEU B 212 -12.73 -6.98 -7.49
CA LEU B 212 -11.92 -7.52 -6.44
C LEU B 212 -11.63 -8.96 -6.76
N GLY B 213 -12.63 -9.67 -7.24
CA GLY B 213 -12.49 -11.12 -7.54
C GLY B 213 -11.45 -11.46 -8.57
N GLU B 214 -11.18 -10.52 -9.47
CA GLU B 214 -10.18 -10.75 -10.46
C GLU B 214 -8.80 -10.67 -9.90
N VAL B 215 -8.65 -9.91 -8.84
CA VAL B 215 -7.33 -9.59 -8.36
C VAL B 215 -6.87 -10.52 -7.24
N LEU B 216 -7.81 -11.08 -6.50
CA LEU B 216 -7.46 -11.94 -5.39
C LEU B 216 -6.55 -13.13 -5.70
N PRO B 217 -6.78 -13.81 -6.82
CA PRO B 217 -5.92 -14.97 -7.09
C PRO B 217 -4.46 -14.63 -7.18
N TYR B 218 -4.16 -13.44 -7.67
CA TYR B 218 -2.79 -12.95 -7.65
C TYR B 218 -2.26 -12.46 -6.29
N THR B 219 -3.14 -12.26 -5.31
CA THR B 219 -2.80 -11.54 -4.12
C THR B 219 -2.16 -12.47 -3.10
N ASP B 220 -0.93 -12.17 -2.72
CA ASP B 220 -0.22 -12.97 -1.73
C ASP B 220 -0.59 -12.61 -0.30
N ILE B 221 -0.75 -11.33 -0.03
CA ILE B 221 -1.17 -10.88 1.30
C ILE B 221 -2.43 -10.01 1.25
N ILE B 222 -3.42 -10.35 2.06
CA ILE B 222 -4.64 -9.61 2.13
C ILE B 222 -4.81 -9.01 3.50
N VAL B 223 -5.01 -7.71 3.55
CA VAL B 223 -5.05 -7.00 4.81
C VAL B 223 -6.35 -6.27 4.94
N ALA B 224 -6.94 -6.31 6.13
CA ALA B 224 -8.17 -5.59 6.37
C ALA B 224 -8.41 -5.39 7.84
N ASN B 225 -9.42 -4.61 8.16
CA ASN B 225 -9.90 -4.52 9.56
C ASN B 225 -11.13 -5.42 9.80
N ARG B 226 -11.57 -5.44 11.04
CA ARG B 226 -12.72 -6.23 11.47
C ARG B 226 -13.98 -6.03 10.57
N HIS B 227 -14.39 -4.80 10.35
CA HIS B 227 -15.62 -4.54 9.61
CA HIS B 227 -15.63 -4.55 9.62
C HIS B 227 -15.50 -5.04 8.18
N GLU B 228 -14.36 -4.76 7.55
CA GLU B 228 -14.11 -5.16 6.19
C GLU B 228 -14.11 -6.67 6.07
N ALA B 229 -13.66 -7.34 7.12
CA ALA B 229 -13.68 -8.79 7.11
C ALA B 229 -15.07 -9.35 7.12
N LYS B 230 -15.94 -8.84 7.99
CA LYS B 230 -17.32 -9.33 8.01
C LYS B 230 -17.94 -9.12 6.66
N GLU B 231 -17.64 -7.97 6.04
CA GLU B 231 -18.24 -7.63 4.78
C GLU B 231 -17.75 -8.50 3.68
N PHE B 232 -16.54 -8.96 3.82
CA PHE B 232 -15.97 -9.88 2.86
C PHE B 232 -16.67 -11.21 2.93
N ALA B 233 -16.88 -11.68 4.14
CA ALA B 233 -17.63 -12.93 4.36
C ALA B 233 -19.04 -12.83 3.79
N ASN B 234 -19.69 -11.69 4.00
CA ASN B 234 -21.00 -11.46 3.46
C ASN B 234 -20.95 -11.56 1.94
N MET B 235 -20.01 -10.89 1.32
CA MET B 235 -19.86 -11.00 -0.12
C MET B 235 -19.69 -12.46 -0.57
N MET B 236 -18.81 -13.20 0.10
CA MET B 236 -18.59 -14.61 -0.25
C MET B 236 -19.73 -15.55 0.16
N LYS B 237 -20.76 -15.03 0.83
CA LYS B 237 -21.83 -15.83 1.40
C LYS B 237 -21.31 -16.89 2.38
N TRP B 238 -20.32 -16.56 3.20
CA TRP B 238 -19.83 -17.47 4.20
C TRP B 238 -20.66 -17.29 5.45
N ASP B 239 -21.23 -18.39 5.92
CA ASP B 239 -22.05 -18.43 7.09
C ASP B 239 -21.12 -18.51 8.30
N THR B 240 -20.56 -17.38 8.69
CA THR B 240 -19.72 -17.33 9.87
C THR B 240 -19.62 -15.95 10.45
N ASP B 241 -19.49 -15.92 11.77
CA ASP B 241 -19.44 -14.70 12.54
C ASP B 241 -18.03 -14.39 13.05
N CYS B 242 -17.05 -15.23 12.73
CA CYS B 242 -15.74 -15.13 13.37
C CYS B 242 -14.67 -14.66 12.45
N VAL B 243 -14.00 -13.63 12.89
CA VAL B 243 -12.89 -13.08 12.16
C VAL B 243 -11.83 -14.14 11.91
N GLU B 244 -11.55 -14.97 12.91
CA GLU B 244 -10.58 -16.08 12.76
C GLU B 244 -10.98 -17.04 11.64
N GLU B 245 -12.25 -17.39 11.58
CA GLU B 245 -12.72 -18.31 10.56
C GLU B 245 -12.69 -17.66 9.19
N ILE B 246 -13.04 -16.39 9.12
CA ILE B 246 -13.03 -15.66 7.83
C ILE B 246 -11.62 -15.64 7.24
N ALA B 247 -10.62 -15.39 8.10
CA ALA B 247 -9.23 -15.43 7.66
C ALA B 247 -8.79 -16.80 7.17
N ARG B 248 -9.21 -17.82 7.89
CA ARG B 248 -8.91 -19.20 7.53
C ARG B 248 -9.44 -19.44 6.11
N ARG B 249 -10.66 -19.06 5.86
CA ARG B 249 -11.27 -19.35 4.54
C ARG B 249 -10.64 -18.51 3.47
N ALA B 250 -10.22 -17.30 3.82
CA ALA B 250 -9.57 -16.44 2.86
C ALA B 250 -8.24 -17.01 2.45
N VAL B 251 -7.59 -17.74 3.34
CA VAL B 251 -6.39 -18.48 2.99
C VAL B 251 -6.63 -19.68 2.06
N SER B 252 -7.61 -20.53 2.39
CA SER B 252 -7.77 -21.82 1.67
C SER B 252 -8.83 -21.84 0.57
N GLU B 253 -9.87 -21.04 0.72
CA GLU B 253 -11.00 -21.07 -0.19
C GLU B 253 -11.02 -19.95 -1.17
N VAL B 254 -10.19 -18.94 -1.01
CA VAL B 254 -10.14 -17.88 -2.00
C VAL B 254 -9.03 -18.34 -2.91
N PRO B 255 -9.33 -18.46 -4.18
CA PRO B 255 -8.30 -19.00 -5.04
C PRO B 255 -6.99 -18.24 -4.88
N TYR B 256 -5.90 -18.96 -5.07
CA TYR B 256 -4.55 -18.42 -4.94
C TYR B 256 -3.61 -19.10 -5.94
N THR B 257 -3.01 -18.34 -6.85
CA THR B 257 -2.21 -18.93 -7.90
C THR B 257 -0.74 -18.64 -7.68
N GLY B 258 -0.42 -18.07 -6.52
CA GLY B 258 0.97 -17.71 -6.20
C GLY B 258 1.77 -18.83 -5.55
N THR B 259 3.02 -18.55 -5.22
CA THR B 259 3.92 -19.52 -4.59
C THR B 259 4.54 -19.06 -3.27
N LYS B 260 4.56 -17.75 -2.99
CA LYS B 260 5.13 -17.26 -1.74
C LYS B 260 4.31 -17.65 -0.52
N GLY B 261 3.01 -17.91 -0.69
CA GLY B 261 2.16 -18.29 0.41
C GLY B 261 1.18 -17.18 0.74
N ARG B 262 -0.10 -17.51 0.65
CA ARG B 262 -1.14 -16.55 0.95
C ARG B 262 -1.18 -16.28 2.44
N VAL B 263 -1.29 -15.01 2.79
CA VAL B 263 -1.33 -14.58 4.18
C VAL B 263 -2.48 -13.62 4.37
N VAL B 264 -3.15 -13.69 5.50
CA VAL B 264 -4.31 -12.82 5.74
C VAL B 264 -4.15 -12.15 7.08
N VAL B 265 -4.26 -10.83 7.09
CA VAL B 265 -4.04 -10.03 8.27
C VAL B 265 -5.27 -9.16 8.53
N PHE B 266 -5.97 -9.42 9.62
CA PHE B 266 -7.14 -8.65 9.99
C PHE B 266 -6.88 -7.96 11.32
N THR B 267 -6.87 -6.64 11.32
CA THR B 267 -6.70 -5.90 12.55
C THR B 267 -8.05 -5.82 13.23
N ARG B 268 -8.01 -5.45 14.51
CA ARG B 268 -9.20 -5.40 15.35
C ARG B 268 -9.09 -4.35 16.43
N ASP B 269 -8.69 -3.16 16.04
CA ASP B 269 -8.49 -2.06 16.96
C ASP B 269 -7.83 -2.52 18.26
N ILE B 270 -8.56 -2.49 19.36
CA ILE B 270 -7.97 -2.73 20.65
C ILE B 270 -7.60 -4.21 20.86
N GLU B 271 -8.28 -5.09 20.17
CA GLU B 271 -8.04 -6.52 20.28
C GLU B 271 -6.96 -7.01 19.32
N SER B 272 -6.53 -8.24 19.56
CA SER B 272 -5.38 -8.79 18.87
C SER B 272 -5.61 -8.87 17.36
N THR B 273 -4.52 -8.75 16.62
CA THR B 273 -4.54 -8.86 15.19
C THR B 273 -4.52 -10.34 14.81
N VAL B 274 -5.36 -10.71 13.86
CA VAL B 274 -5.45 -12.06 13.45
C VAL B 274 -4.56 -12.24 12.23
N LEU B 275 -3.69 -13.23 12.31
CA LEU B 275 -2.71 -13.49 11.28
C LEU B 275 -2.79 -14.95 10.86
N ALA B 276 -3.13 -15.17 9.60
CA ALA B 276 -3.40 -16.49 9.09
C ALA B 276 -2.56 -16.85 7.86
N THR B 277 -2.11 -18.10 7.85
CA THR B 277 -1.40 -18.70 6.73
C THR B 277 -1.90 -20.14 6.57
N LYS B 278 -1.40 -20.84 5.56
CA LYS B 278 -1.76 -22.26 5.40
C LYS B 278 -1.37 -23.12 6.61
N ASP B 279 -0.41 -22.68 7.42
CA ASP B 279 -0.02 -23.40 8.64
C ASP B 279 -0.89 -23.08 9.86
N GLY B 280 -1.99 -22.34 9.69
CA GLY B 280 -2.88 -22.04 10.81
C GLY B 280 -3.09 -20.56 11.05
N VAL B 281 -3.73 -20.26 12.17
CA VAL B 281 -4.14 -18.91 12.53
C VAL B 281 -3.59 -18.55 13.89
N GLU B 282 -2.92 -17.42 14.01
CA GLU B 282 -2.41 -16.99 15.30
C GLU B 282 -2.87 -15.58 15.51
N THR B 283 -2.68 -15.09 16.72
CA THR B 283 -3.02 -13.72 17.07
C THR B 283 -1.80 -12.98 17.59
N VAL B 284 -1.79 -11.67 17.39
CA VAL B 284 -0.66 -10.84 17.80
C VAL B 284 -1.25 -9.77 18.67
N PRO B 285 -0.92 -9.80 19.96
CA PRO B 285 -1.58 -8.84 20.81
C PRO B 285 -1.20 -7.43 20.47
N VAL B 286 -2.13 -6.53 20.70
CA VAL B 286 -1.90 -5.11 20.62
C VAL B 286 -1.43 -4.58 21.98
N PRO B 287 -0.21 -4.02 22.07
CA PRO B 287 0.28 -3.50 23.35
C PRO B 287 -0.70 -2.60 24.05
N GLN B 288 -0.80 -2.73 25.38
CA GLN B 288 -1.76 -1.93 26.15
C GLN B 288 -1.39 -0.45 25.99
N LEU B 289 -2.41 0.38 25.93
CA LEU B 289 -2.27 1.80 25.77
C LEU B 289 -3.43 2.45 26.52
N ASP B 290 -3.15 3.45 27.35
CA ASP B 290 -4.18 4.15 28.10
C ASP B 290 -5.15 4.75 27.10
N GLN B 291 -6.41 4.34 27.16
CA GLN B 291 -7.38 4.74 26.13
C GLN B 291 -7.71 6.23 26.11
N ASP B 292 -7.40 6.92 27.19
CA ASP B 292 -7.44 8.38 27.21
C ASP B 292 -6.44 9.02 26.26
N LYS B 293 -5.35 8.32 25.95
CA LYS B 293 -4.39 8.88 25.00
C LYS B 293 -4.79 8.69 23.55
N VAL B 294 -5.81 7.85 23.33
CA VAL B 294 -6.30 7.55 22.00
C VAL B 294 -7.32 8.59 21.60
N ILE B 295 -6.97 9.43 20.66
CA ILE B 295 -7.79 10.61 20.29
C ILE B 295 -8.22 10.68 18.83
N ASP B 296 -7.66 9.83 17.98
CA ASP B 296 -7.93 9.86 16.55
C ASP B 296 -7.79 8.48 15.98
N MET B 297 -8.93 7.88 15.68
CA MET B 297 -8.99 6.58 15.09
C MET B 297 -8.74 6.56 13.58
N ASN B 298 -8.90 7.69 12.92
CA ASN B 298 -8.77 7.75 11.47
C ASN B 298 -7.36 7.54 10.97
N GLY B 299 -7.20 6.69 9.96
CA GLY B 299 -5.89 6.34 9.39
C GLY B 299 -5.07 5.34 10.16
N ALA B 300 -5.63 4.77 11.25
CA ALA B 300 -4.90 3.75 12.03
C ALA B 300 -4.48 2.62 11.13
N GLY B 301 -5.39 2.21 10.26
CA GLY B 301 -5.10 1.16 9.30
C GLY B 301 -4.02 1.47 8.29
N ASP B 302 -4.04 2.69 7.73
CA ASP B 302 -2.99 3.14 6.82
C ASP B 302 -1.67 3.13 7.53
N ALA B 303 -1.66 3.57 8.76
CA ALA B 303 -0.42 3.55 9.51
C ALA B 303 0.04 2.12 9.80
N PHE B 304 -0.90 1.24 10.13
CA PHE B 304 -0.53 -0.13 10.41
C PHE B 304 0.14 -0.76 9.18
N MET B 305 -0.47 -0.57 8.03
CA MET B 305 0.06 -0.98 6.74
C MET B 305 1.50 -0.50 6.53
N GLY B 306 1.73 0.77 6.80
CA GLY B 306 3.07 1.33 6.61
C GLY B 306 4.11 0.65 7.44
N GLY B 307 3.78 0.41 8.71
CA GLY B 307 4.70 -0.27 9.61
C GLY B 307 4.93 -1.68 9.11
N PHE B 308 3.85 -2.33 8.68
CA PHE B 308 3.95 -3.71 8.22
C PHE B 308 4.90 -3.84 7.04
N LEU B 309 4.72 -2.97 6.05
CA LEU B 309 5.58 -2.96 4.87
C LEU B 309 7.02 -2.64 5.18
N SER B 310 7.24 -1.66 6.04
CA SER B 310 8.60 -1.26 6.32
C SER B 310 9.35 -2.41 6.94
N ALA B 311 8.66 -3.24 7.72
CA ALA B 311 9.28 -4.43 8.32
C ALA B 311 9.42 -5.54 7.29
N TYR B 312 8.39 -5.75 6.49
CA TYR B 312 8.44 -6.78 5.49
C TYR B 312 9.62 -6.55 4.51
N ALA B 313 9.87 -5.29 4.17
CA ALA B 313 10.88 -4.95 3.18
C ALA B 313 12.30 -5.13 3.69
N VAL B 314 12.46 -5.24 4.99
CA VAL B 314 13.71 -5.50 5.62
C VAL B 314 13.80 -6.95 6.08
N GLY B 315 12.82 -7.76 5.69
CA GLY B 315 12.92 -9.21 5.83
C GLY B 315 12.49 -9.79 7.16
N LYS B 316 11.74 -9.05 7.94
CA LYS B 316 11.29 -9.56 9.22
C LYS B 316 10.16 -10.56 9.00
N ASP B 317 9.97 -11.47 9.96
CA ASP B 317 8.88 -12.42 9.88
C ASP B 317 7.51 -11.75 10.07
N LEU B 318 6.44 -12.49 9.77
CA LEU B 318 5.12 -11.90 9.69
C LEU B 318 4.63 -11.32 11.01
N ARG B 319 4.96 -12.01 12.07
CA ARG B 319 4.55 -11.62 13.39
C ARG B 319 5.21 -10.30 13.78
N ARG B 320 6.50 -10.18 13.50
CA ARG B 320 7.19 -8.94 13.71
C ARG B 320 6.66 -7.81 12.82
N CYS B 321 6.23 -8.14 11.61
CA CYS B 321 5.63 -7.12 10.73
C CYS B 321 4.34 -6.56 11.31
N CYS B 322 3.54 -7.42 11.92
CA CYS B 322 2.39 -6.98 12.69
C CYS B 322 2.74 -6.15 13.89
N GLU B 323 3.80 -6.52 14.60
CA GLU B 323 4.25 -5.75 15.77
C GLU B 323 4.68 -4.36 15.35
N THR B 324 5.38 -4.26 14.22
CA THR B 324 5.79 -2.97 13.70
C THR B 324 4.59 -2.13 13.32
N GLY B 325 3.59 -2.77 12.71
CA GLY B 325 2.34 -2.08 12.36
C GLY B 325 1.64 -1.57 13.58
N HIS B 326 1.63 -2.35 14.66
CA HIS B 326 1.03 -1.89 15.91
C HIS B 326 1.76 -0.68 16.47
N TYR B 327 3.08 -0.66 16.38
CA TYR B 327 3.82 0.49 16.79
C TYR B 327 3.48 1.73 15.96
N THR B 328 3.42 1.62 14.63
CA THR B 328 3.12 2.82 13.83
C THR B 328 1.71 3.31 14.02
N ALA B 329 0.77 2.38 14.12
CA ALA B 329 -0.63 2.74 14.30
C ALA B 329 -0.84 3.41 15.64
N GLN B 330 -0.14 2.93 16.65
CA GLN B 330 -0.28 3.47 18.00
C GLN B 330 0.35 4.85 18.13
N GLU B 331 1.33 5.15 17.32
CA GLU B 331 1.79 6.53 17.26
C GLU B 331 0.73 7.48 16.71
N VAL B 332 0.08 7.11 15.60
CA VAL B 332 -0.86 8.02 14.92
C VAL B 332 -2.17 8.23 15.65
N ILE B 333 -2.64 7.21 16.37
CA ILE B 333 -3.90 7.40 17.09
C ILE B 333 -3.78 8.30 18.32
N GLN B 334 -2.56 8.53 18.77
CA GLN B 334 -2.30 9.48 19.86
C GLN B 334 -2.11 10.92 19.42
N ARG B 335 -2.35 11.21 18.15
CA ARG B 335 -2.13 12.56 17.67
C ARG B 335 -3.25 12.93 16.74
N ASP B 336 -3.59 14.22 16.74
CA ASP B 336 -4.55 14.70 15.81
C ASP B 336 -3.98 14.68 14.42
N GLY B 337 -4.72 14.06 13.51
CA GLY B 337 -4.31 13.94 12.10
C GLY B 337 -3.29 12.85 11.90
N CYS B 338 -2.83 12.70 10.65
CA CYS B 338 -1.82 11.70 10.30
C CYS B 338 -0.44 12.29 10.61
N SER B 339 -0.03 12.12 11.87
CA SER B 339 0.98 12.96 12.49
C SER B 339 1.93 12.09 13.29
N PHE B 340 3.23 12.40 13.19
CA PHE B 340 4.25 11.57 13.80
C PHE B 340 5.36 12.39 14.38
N PRO B 341 6.08 11.83 15.34
CA PRO B 341 7.33 12.39 15.76
C PRO B 341 8.27 12.53 14.56
N GLU B 342 9.43 13.12 14.76
CA GLU B 342 10.35 13.34 13.62
C GLU B 342 10.94 12.00 13.22
N LYS B 343 11.23 11.17 14.21
CA LYS B 343 11.90 9.88 13.98
C LYS B 343 11.21 8.76 14.80
N PRO B 344 11.16 7.52 14.26
CA PRO B 344 10.67 6.39 15.03
C PRO B 344 11.51 6.04 16.24
N SER B 345 10.90 5.44 17.26
CA SER B 345 11.60 4.98 18.44
C SER B 345 11.50 3.46 18.55
N PHE B 346 11.47 2.78 17.42
CA PHE B 346 11.18 1.34 17.38
C PHE B 346 12.01 0.74 16.30
N SER B 347 12.67 -0.37 16.60
CA SER B 347 13.55 -1.03 15.63
C SER B 347 13.06 -2.45 15.27
N PRO B 348 12.47 -2.62 14.09
CA PRO B 348 11.92 -3.94 13.69
C PRO B 348 12.79 -5.23 13.90
N MET C 4 -27.12 -3.35 -4.73
CA MET C 4 -25.73 -3.70 -4.26
C MET C 4 -24.98 -4.66 -5.21
N SER C 5 -24.58 -4.18 -6.40
CA SER C 5 -23.68 -4.97 -7.27
C SER C 5 -22.71 -4.13 -8.19
N SER C 6 -21.86 -4.87 -8.89
CA SER C 6 -20.74 -4.29 -9.64
C SER C 6 -21.15 -3.72 -11.04
N ALA C 7 -20.27 -2.95 -11.69
CA ALA C 7 -20.32 -2.81 -13.15
C ALA C 7 -19.75 -4.13 -13.66
N PRO C 8 -20.26 -4.61 -14.80
CA PRO C 8 -19.89 -5.92 -15.19
C PRO C 8 -18.51 -6.01 -15.82
N LEU C 9 -17.85 -7.15 -15.61
CA LEU C 9 -16.57 -7.43 -16.24
C LEU C 9 -16.77 -7.67 -17.71
N ARG C 10 -15.74 -7.37 -18.49
CA ARG C 10 -15.83 -7.53 -19.94
C ARG C 10 -15.86 -8.99 -20.33
N VAL C 11 -16.76 -9.31 -21.25
CA VAL C 11 -16.98 -10.65 -21.76
C VAL C 11 -16.70 -10.80 -23.24
N TYR C 12 -16.02 -11.89 -23.59
CA TYR C 12 -15.73 -12.26 -24.97
C TYR C 12 -16.51 -13.51 -25.36
N VAL C 13 -17.21 -13.44 -26.47
CA VAL C 13 -18.03 -14.52 -26.95
C VAL C 13 -17.67 -14.80 -28.38
N GLN C 14 -17.58 -16.07 -28.71
CA GLN C 14 -17.23 -16.51 -30.04
C GLN C 14 -18.13 -17.65 -30.45
N CYS C 15 -18.73 -17.52 -31.62
CA CYS C 15 -19.63 -18.50 -32.14
C CYS C 15 -19.81 -18.26 -33.63
N ASN C 16 -20.79 -18.94 -34.21
CA ASN C 16 -21.09 -18.84 -35.63
C ASN C 16 -22.31 -17.98 -35.78
N PRO C 17 -22.16 -16.78 -36.35
CA PRO C 17 -23.34 -15.94 -36.53
C PRO C 17 -24.17 -16.43 -37.69
N LEU C 18 -25.44 -16.74 -37.43
CA LEU C 18 -26.33 -17.30 -38.43
C LEU C 18 -27.63 -16.55 -38.45
N LEU C 19 -28.22 -16.44 -39.64
CA LEU C 19 -29.56 -15.89 -39.78
C LEU C 19 -30.57 -17.01 -39.73
N ASP C 20 -31.54 -16.90 -38.82
CA ASP C 20 -32.54 -17.95 -38.64
C ASP C 20 -33.70 -17.71 -39.59
N VAL C 21 -33.95 -18.74 -40.41
CA VAL C 21 -35.02 -18.72 -41.37
C VAL C 21 -36.02 -19.72 -40.89
N SER C 22 -37.13 -19.21 -40.37
CA SER C 22 -38.09 -20.02 -39.62
C SER C 22 -39.51 -20.10 -40.22
N ALA C 23 -40.14 -21.25 -39.99
CA ALA C 23 -41.47 -21.51 -40.49
C ALA C 23 -42.10 -22.67 -39.79
N HIS C 24 -43.42 -22.62 -39.69
CA HIS C 24 -44.23 -23.75 -39.17
C HIS C 24 -44.38 -24.83 -40.21
N VAL C 25 -44.38 -26.07 -39.74
CA VAL C 25 -44.08 -27.18 -40.61
C VAL C 25 -44.76 -28.43 -40.05
N SER C 26 -45.06 -29.37 -40.94
CA SER C 26 -45.69 -30.62 -40.55
C SER C 26 -44.64 -31.66 -40.19
N ASP C 27 -45.09 -32.75 -39.59
CA ASP C 27 -44.19 -33.86 -39.29
C ASP C 27 -43.71 -34.56 -40.55
N GLU C 28 -44.54 -34.58 -41.58
CA GLU C 28 -44.15 -35.11 -42.90
C GLU C 28 -42.91 -34.43 -43.42
N PHE C 29 -42.84 -33.13 -43.22
CA PHE C 29 -41.69 -32.32 -43.60
C PHE C 29 -40.39 -32.68 -42.86
N LEU C 30 -40.46 -32.84 -41.54
CA LEU C 30 -39.30 -33.29 -40.76
C LEU C 30 -38.76 -34.61 -41.32
N VAL C 31 -39.65 -35.54 -41.61
CA VAL C 31 -39.25 -36.90 -42.03
C VAL C 31 -38.80 -36.86 -43.49
N LYS C 32 -39.41 -36.02 -44.31
CA LYS C 32 -38.93 -35.80 -45.68
C LYS C 32 -37.43 -35.49 -45.72
N TYR C 33 -36.94 -34.73 -44.73
CA TYR C 33 -35.55 -34.28 -44.73
C TYR C 33 -34.71 -35.00 -43.68
N GLY C 34 -35.29 -36.01 -43.04
CA GLY C 34 -34.55 -36.93 -42.21
C GLY C 34 -34.16 -36.33 -40.89
N LEU C 35 -35.02 -35.48 -40.34
CA LEU C 35 -34.70 -34.74 -39.13
C LEU C 35 -35.29 -35.39 -37.90
N GLU C 36 -34.56 -35.37 -36.78
CA GLU C 36 -35.07 -35.81 -35.49
C GLU C 36 -35.60 -34.54 -34.77
N ARG C 37 -36.87 -34.57 -34.42
CA ARG C 37 -37.53 -33.38 -33.88
C ARG C 37 -36.82 -32.83 -32.65
N GLY C 38 -36.71 -31.50 -32.61
CA GLY C 38 -36.14 -30.79 -31.45
C GLY C 38 -34.63 -30.71 -31.42
N THR C 39 -33.96 -31.28 -32.42
CA THR C 39 -32.52 -31.37 -32.42
C THR C 39 -31.90 -30.40 -33.42
N ALA C 40 -30.58 -30.29 -33.35
CA ALA C 40 -29.80 -29.47 -34.27
C ALA C 40 -28.79 -30.35 -34.99
N ILE C 41 -28.63 -30.14 -36.29
CA ILE C 41 -27.58 -30.78 -37.09
C ILE C 41 -26.94 -29.74 -37.99
N LEU C 42 -25.88 -30.14 -38.68
CA LEU C 42 -25.30 -29.35 -39.73
C LEU C 42 -25.90 -29.82 -41.06
N LEU C 43 -26.14 -28.87 -41.97
CA LEU C 43 -26.65 -29.21 -43.30
C LEU C 43 -25.80 -30.27 -43.93
N SER C 44 -26.43 -31.33 -44.41
CA SER C 44 -25.73 -32.36 -45.17
C SER C 44 -26.41 -32.56 -46.52
N GLU C 45 -25.91 -33.50 -47.34
CA GLU C 45 -26.55 -33.85 -48.62
C GLU C 45 -28.02 -34.23 -48.38
N ARG C 46 -28.27 -35.07 -47.38
CA ARG C 46 -29.60 -35.55 -47.06
C ARG C 46 -30.66 -34.44 -46.95
N GLN C 47 -30.24 -33.21 -46.74
CA GLN C 47 -31.16 -32.09 -46.58
C GLN C 47 -31.09 -31.11 -47.76
N LYS C 48 -30.57 -31.54 -48.91
CA LYS C 48 -30.53 -30.66 -50.09
C LYS C 48 -31.95 -30.10 -50.34
N GLY C 49 -32.04 -28.78 -50.52
CA GLY C 49 -33.27 -28.11 -50.96
C GLY C 49 -34.14 -27.55 -49.85
N ILE C 50 -33.78 -27.85 -48.59
CA ILE C 50 -34.61 -27.47 -47.46
C ILE C 50 -34.81 -25.95 -47.34
N PHE C 51 -33.80 -25.16 -47.69
CA PHE C 51 -33.95 -23.71 -47.62
C PHE C 51 -34.92 -23.18 -48.67
N ASP C 52 -34.83 -23.68 -49.90
CA ASP C 52 -35.81 -23.32 -50.93
C ASP C 52 -37.22 -23.74 -50.51
N ASP C 53 -37.34 -24.93 -49.94
CA ASP C 53 -38.65 -25.44 -49.50
C ASP C 53 -39.23 -24.55 -48.41
N ILE C 54 -38.43 -24.20 -47.40
CA ILE C 54 -38.93 -23.29 -46.36
C ILE C 54 -39.25 -21.89 -46.87
N GLU C 55 -38.36 -21.34 -47.68
CA GLU C 55 -38.56 -19.97 -48.17
C GLU C 55 -39.85 -19.81 -48.99
N LYS C 56 -40.26 -20.90 -49.67
CA LYS C 56 -41.51 -20.93 -50.45
C LYS C 56 -42.77 -20.87 -49.57
N MET C 57 -42.64 -21.12 -48.27
CA MET C 57 -43.82 -21.14 -47.39
C MET C 57 -44.29 -19.75 -46.97
N PRO C 58 -45.57 -19.64 -46.54
CA PRO C 58 -46.12 -18.36 -46.10
C PRO C 58 -45.82 -18.09 -44.64
N ASN C 59 -45.53 -16.84 -44.32
CA ASN C 59 -45.19 -16.49 -42.95
C ASN C 59 -43.81 -16.97 -42.51
N VAL C 60 -42.93 -17.27 -43.46
CA VAL C 60 -41.52 -17.45 -43.17
C VAL C 60 -40.92 -16.15 -42.61
N ARG C 61 -40.13 -16.27 -41.54
CA ARG C 61 -39.46 -15.13 -40.89
C ARG C 61 -37.95 -15.22 -41.04
N TYR C 62 -37.30 -14.07 -41.06
CA TYR C 62 -35.87 -14.00 -41.22
C TYR C 62 -35.34 -13.23 -40.02
N VAL C 63 -34.76 -13.95 -39.06
CA VAL C 63 -34.41 -13.34 -37.80
C VAL C 63 -32.95 -13.65 -37.45
N PRO C 64 -32.21 -12.62 -37.00
CA PRO C 64 -30.82 -12.86 -36.62
C PRO C 64 -30.75 -13.86 -35.49
N GLY C 65 -29.87 -14.84 -35.64
CA GLY C 65 -29.71 -15.92 -34.70
C GLY C 65 -28.25 -16.24 -34.47
N GLY C 66 -27.94 -17.53 -34.35
CA GLY C 66 -26.64 -17.98 -33.90
C GLY C 66 -26.67 -18.14 -32.39
N SER C 67 -26.25 -19.32 -31.92
CA SER C 67 -26.34 -19.66 -30.52
C SER C 67 -25.58 -18.68 -29.64
N GLY C 68 -24.31 -18.48 -29.96
CA GLY C 68 -23.50 -17.60 -29.16
C GLY C 68 -23.94 -16.16 -29.24
N LEU C 69 -24.48 -15.78 -30.38
CA LEU C 69 -24.94 -14.42 -30.54
C LEU C 69 -26.18 -14.19 -29.70
N ASN C 70 -27.08 -15.17 -29.67
CA ASN C 70 -28.23 -15.07 -28.76
C ASN C 70 -27.77 -14.93 -27.36
N VAL C 71 -26.73 -15.69 -26.99
CA VAL C 71 -26.21 -15.59 -25.64
C VAL C 71 -25.74 -14.16 -25.33
N ALA C 72 -24.94 -13.60 -26.21
CA ALA C 72 -24.46 -12.24 -26.05
C ALA C 72 -25.61 -11.22 -25.92
N ARG C 73 -26.62 -11.32 -26.80
CA ARG C 73 -27.77 -10.41 -26.72
C ARG C 73 -28.54 -10.51 -25.40
N VAL C 74 -28.75 -11.73 -24.91
CA VAL C 74 -29.46 -11.89 -23.67
C VAL C 74 -28.65 -11.29 -22.56
N ALA C 75 -27.35 -11.54 -22.56
CA ALA C 75 -26.53 -11.00 -21.51
C ALA C 75 -26.58 -9.48 -21.55
N GLN C 76 -26.46 -8.89 -22.73
CA GLN C 76 -26.44 -7.44 -22.86
C GLN C 76 -27.80 -6.89 -22.38
N TRP C 77 -28.86 -7.58 -22.75
CA TRP C 77 -30.22 -7.18 -22.36
C TRP C 77 -30.35 -7.06 -20.86
N MET C 78 -29.59 -7.87 -20.12
CA MET C 78 -29.58 -7.79 -18.66
C MET C 78 -28.65 -6.70 -18.11
N GLN C 79 -27.92 -6.03 -18.97
CA GLN C 79 -27.03 -4.97 -18.52
C GLN C 79 -27.13 -3.76 -19.45
N GLN C 80 -28.34 -3.21 -19.58
CA GLN C 80 -28.59 -2.21 -20.61
C GLN C 80 -27.90 -0.86 -20.33
N ALA C 81 -27.56 -0.64 -19.07
CA ALA C 81 -26.72 0.50 -18.68
C ALA C 81 -25.27 0.44 -19.22
N TYR C 82 -24.89 -0.65 -19.89
CA TYR C 82 -23.52 -0.80 -20.33
C TYR C 82 -23.41 -1.20 -21.77
N LYS C 83 -24.33 -0.70 -22.61
CA LYS C 83 -24.16 -0.83 -24.06
C LYS C 83 -22.76 -0.40 -24.45
N GLY C 84 -22.09 -1.18 -25.31
CA GLY C 84 -20.74 -0.84 -25.82
C GLY C 84 -19.60 -1.18 -24.90
N LYS C 85 -19.87 -1.28 -23.62
CA LYS C 85 -18.82 -1.42 -22.62
C LYS C 85 -18.93 -2.79 -21.88
N PHE C 86 -19.40 -3.83 -22.56
CA PHE C 86 -19.63 -5.13 -21.88
C PHE C 86 -19.25 -6.38 -22.68
N VAL C 87 -20.05 -6.73 -23.67
CA VAL C 87 -19.79 -7.90 -24.50
C VAL C 87 -19.17 -7.58 -25.84
N THR C 88 -18.19 -8.39 -26.24
CA THR C 88 -17.65 -8.38 -27.57
C THR C 88 -17.91 -9.74 -28.20
N TYR C 89 -18.27 -9.77 -29.47
CA TYR C 89 -18.57 -11.00 -30.18
C TYR C 89 -17.70 -11.15 -31.37
N VAL C 90 -17.24 -12.38 -31.60
CA VAL C 90 -16.38 -12.70 -32.73
C VAL C 90 -16.96 -13.83 -33.56
N GLY C 91 -17.04 -13.61 -34.86
CA GLY C 91 -17.46 -14.65 -35.78
C GLY C 91 -17.18 -14.14 -37.17
N CYS C 92 -17.54 -14.92 -38.16
CA CYS C 92 -17.30 -14.55 -39.53
C CYS C 92 -18.63 -14.47 -40.28
N ILE C 93 -18.82 -13.36 -41.00
CA ILE C 93 -19.94 -13.16 -41.92
C ILE C 93 -19.42 -12.75 -43.29
N ALA C 94 -20.35 -12.60 -44.22
CA ALA C 94 -20.10 -11.96 -45.52
C ALA C 94 -20.74 -10.60 -45.49
N ASP C 95 -20.26 -9.67 -46.32
CA ASP C 95 -20.94 -8.39 -46.56
C ASP C 95 -22.14 -8.54 -47.51
N ASP C 96 -23.26 -9.07 -46.98
CA ASP C 96 -24.47 -9.31 -47.76
C ASP C 96 -25.71 -8.95 -46.95
N ARG C 97 -26.90 -9.24 -47.47
CA ARG C 97 -28.14 -8.81 -46.79
C ARG C 97 -28.12 -9.37 -45.38
N TYR C 98 -27.97 -10.69 -45.29
CA TYR C 98 -27.97 -11.43 -44.00
C TYR C 98 -26.91 -10.92 -43.00
N GLY C 99 -25.67 -10.74 -43.47
CA GLY C 99 -24.60 -10.16 -42.66
C GLY C 99 -24.96 -8.81 -42.03
N LYS C 100 -25.49 -7.88 -42.85
CA LYS C 100 -25.85 -6.51 -42.38
C LYS C 100 -26.91 -6.62 -41.30
N VAL C 101 -27.90 -7.48 -41.53
CA VAL C 101 -28.97 -7.68 -40.54
C VAL C 101 -28.36 -8.09 -39.20
N LEU C 102 -27.52 -9.12 -39.25
CA LEU C 102 -26.87 -9.63 -38.05
C LEU C 102 -26.06 -8.57 -37.30
N LYS C 103 -25.13 -7.93 -38.01
CA LYS C 103 -24.27 -6.91 -37.41
C LYS C 103 -25.12 -5.78 -36.85
N GLU C 104 -26.11 -5.33 -37.60
CA GLU C 104 -26.85 -4.14 -37.16
C GLU C 104 -27.60 -4.41 -35.88
N ALA C 105 -28.24 -5.58 -35.81
CA ALA C 105 -29.13 -5.87 -34.72
C ALA C 105 -28.34 -5.92 -33.43
N ALA C 106 -27.20 -6.59 -33.49
CA ALA C 106 -26.35 -6.74 -32.33
C ALA C 106 -25.76 -5.42 -31.84
N GLU C 107 -25.30 -4.60 -32.79
CA GLU C 107 -24.71 -3.27 -32.47
C GLU C 107 -25.73 -2.32 -31.90
N HIS C 108 -26.94 -2.37 -32.45
CA HIS C 108 -28.05 -1.63 -31.89
C HIS C 108 -28.26 -1.97 -30.41
N GLU C 109 -28.12 -3.24 -30.05
CA GLU C 109 -28.30 -3.65 -28.65
C GLU C 109 -27.09 -3.40 -27.72
N GLY C 110 -25.94 -3.02 -28.29
CA GLY C 110 -24.79 -2.63 -27.47
C GLY C 110 -23.63 -3.60 -27.51
N ILE C 111 -23.67 -4.54 -28.44
CA ILE C 111 -22.65 -5.52 -28.53
C ILE C 111 -21.62 -4.99 -29.47
N VAL C 112 -20.36 -5.09 -29.09
CA VAL C 112 -19.27 -4.74 -29.97
C VAL C 112 -19.01 -5.94 -30.90
N MET C 113 -19.28 -5.79 -32.19
CA MET C 113 -19.13 -6.90 -33.14
C MET C 113 -17.79 -6.89 -33.80
N ALA C 114 -16.85 -7.60 -33.23
CA ALA C 114 -15.56 -7.77 -33.84
C ALA C 114 -15.59 -8.94 -34.82
N VAL C 115 -16.37 -8.79 -35.87
CA VAL C 115 -16.56 -9.86 -36.84
C VAL C 115 -15.67 -9.73 -38.07
N GLU C 116 -15.23 -10.87 -38.60
CA GLU C 116 -14.59 -10.95 -39.92
C GLU C 116 -15.64 -10.91 -41.05
N HIS C 117 -15.24 -10.32 -42.19
CA HIS C 117 -16.00 -10.37 -43.46
C HIS C 117 -15.22 -11.16 -44.48
N THR C 118 -15.77 -12.26 -44.96
CA THR C 118 -15.11 -13.06 -45.98
C THR C 118 -15.87 -12.89 -47.28
N THR C 119 -15.20 -13.26 -48.36
CA THR C 119 -15.84 -13.41 -49.68
C THR C 119 -15.92 -14.88 -50.11
N LYS C 120 -15.26 -15.78 -49.36
CA LYS C 120 -15.22 -17.20 -49.69
C LYS C 120 -16.62 -17.87 -49.66
N ALA C 121 -17.64 -17.23 -49.05
CA ALA C 121 -19.01 -17.76 -48.98
C ALA C 121 -20.01 -16.80 -48.33
N GLY C 122 -21.31 -17.06 -48.54
CA GLY C 122 -22.35 -16.16 -48.06
C GLY C 122 -22.57 -16.32 -46.57
N SER C 123 -23.14 -15.32 -45.91
CA SER C 123 -23.37 -15.41 -44.49
C SER C 123 -24.21 -16.63 -44.18
N GLY C 124 -23.92 -17.26 -43.05
CA GLY C 124 -24.56 -18.48 -42.69
C GLY C 124 -26.01 -18.29 -42.29
N ALA C 125 -26.75 -19.39 -42.32
CA ALA C 125 -28.17 -19.36 -42.04
C ALA C 125 -28.57 -20.69 -41.43
N CYS C 126 -29.62 -20.65 -40.62
CA CYS C 126 -30.12 -21.82 -39.96
C CYS C 126 -31.58 -22.00 -40.30
N ALA C 127 -31.92 -23.15 -40.83
CA ALA C 127 -33.31 -23.47 -41.09
C ALA C 127 -33.96 -23.88 -39.76
N VAL C 128 -34.99 -23.16 -39.36
CA VAL C 128 -35.68 -23.44 -38.12
C VAL C 128 -37.11 -23.92 -38.41
N CYS C 129 -37.36 -25.19 -38.11
CA CYS C 129 -38.62 -25.82 -38.44
C CYS C 129 -39.49 -25.93 -37.20
N ILE C 130 -40.59 -25.20 -37.18
CA ILE C 130 -41.46 -25.19 -36.02
C ILE C 130 -42.55 -26.24 -36.15
N THR C 131 -42.68 -27.05 -35.11
CA THR C 131 -43.76 -28.02 -34.96
C THR C 131 -44.26 -27.89 -33.52
N GLY C 132 -45.21 -27.00 -33.30
CA GLY C 132 -45.76 -26.77 -31.98
C GLY C 132 -44.81 -25.98 -31.13
N LYS C 133 -44.45 -26.56 -29.98
CA LYS C 133 -43.55 -25.91 -29.04
C LYS C 133 -42.10 -26.20 -29.39
N GLU C 134 -41.88 -27.21 -30.22
CA GLU C 134 -40.53 -27.67 -30.56
C GLU C 134 -40.01 -27.07 -31.85
N ARG C 135 -38.72 -26.77 -31.88
CA ARG C 135 -38.05 -26.32 -33.10
C ARG C 135 -36.89 -27.23 -33.48
N THR C 136 -36.68 -27.42 -34.77
CA THR C 136 -35.71 -28.39 -35.26
C THR C 136 -34.77 -27.61 -36.20
N LEU C 137 -33.45 -27.71 -35.97
CA LEU C 137 -32.49 -26.77 -36.56
C LEU C 137 -31.57 -27.40 -37.55
N VAL C 138 -31.38 -26.75 -38.68
CA VAL C 138 -30.43 -27.23 -39.67
C VAL C 138 -29.53 -26.08 -40.01
N ALA C 139 -28.27 -26.18 -39.61
CA ALA C 139 -27.39 -25.03 -39.71
C ALA C 139 -26.52 -25.13 -40.95
N ASP C 140 -26.55 -24.09 -41.76
CA ASP C 140 -25.66 -23.96 -42.92
C ASP C 140 -24.69 -22.82 -42.68
N LEU C 141 -23.52 -23.19 -42.18
CA LEU C 141 -22.55 -22.23 -41.67
C LEU C 141 -22.07 -21.21 -42.69
N GLY C 142 -21.90 -21.62 -43.93
CA GLY C 142 -21.37 -20.72 -44.93
C GLY C 142 -20.13 -19.99 -44.44
N ALA C 143 -20.22 -18.66 -44.37
CA ALA C 143 -19.11 -17.79 -43.98
C ALA C 143 -18.53 -18.07 -42.59
N ALA C 144 -19.40 -18.49 -41.66
CA ALA C 144 -18.95 -18.80 -40.34
C ALA C 144 -17.88 -19.86 -40.38
N ASN C 145 -17.93 -20.73 -41.37
CA ASN C 145 -16.95 -21.81 -41.47
C ASN C 145 -15.56 -21.40 -41.95
N HIS C 146 -15.40 -20.15 -42.35
CA HIS C 146 -14.15 -19.66 -42.93
C HIS C 146 -13.44 -18.68 -42.02
N LEU C 147 -13.83 -18.64 -40.76
CA LEU C 147 -13.13 -17.80 -39.81
C LEU C 147 -11.65 -18.17 -39.85
N SER C 148 -10.79 -17.16 -39.98
CA SER C 148 -9.35 -17.34 -40.28
C SER C 148 -8.43 -17.03 -39.11
N SER C 149 -7.22 -17.57 -39.15
CA SER C 149 -6.16 -17.19 -38.20
C SER C 149 -5.81 -15.72 -38.25
N GLU C 150 -5.92 -15.11 -39.43
CA GLU C 150 -5.58 -13.71 -39.61
C GLU C 150 -6.51 -12.90 -38.70
N HIS C 151 -7.78 -13.24 -38.76
CA HIS C 151 -8.76 -12.52 -37.99
C HIS C 151 -8.54 -12.69 -36.51
N MET C 152 -8.20 -13.90 -36.11
CA MET C 152 -7.91 -14.16 -34.72
C MET C 152 -6.63 -13.45 -34.22
N ARG C 153 -5.72 -13.09 -35.13
CA ARG C 153 -4.55 -12.27 -34.80
C ARG C 153 -4.77 -10.77 -34.99
N SER C 154 -5.92 -10.38 -35.50
CA SER C 154 -6.19 -8.96 -35.80
C SER C 154 -6.35 -8.03 -34.56
N PRO C 155 -6.12 -6.73 -34.73
CA PRO C 155 -6.03 -5.81 -33.57
C PRO C 155 -7.28 -5.76 -32.74
N ALA C 156 -8.42 -5.82 -33.41
CA ALA C 156 -9.68 -5.69 -32.72
C ALA C 156 -9.91 -6.91 -31.82
N VAL C 157 -9.60 -8.08 -32.34
CA VAL C 157 -9.74 -9.31 -31.58
C VAL C 157 -8.73 -9.42 -30.48
N VAL C 158 -7.48 -9.07 -30.73
CA VAL C 158 -6.47 -9.15 -29.67
C VAL C 158 -6.74 -8.11 -28.59
N ARG C 159 -7.23 -6.95 -28.97
CA ARG C 159 -7.61 -5.95 -27.99
C ARG C 159 -8.74 -6.49 -27.09
N ALA C 160 -9.74 -7.09 -27.73
CA ALA C 160 -10.89 -7.66 -27.04
C ALA C 160 -10.50 -8.78 -26.09
N MET C 161 -9.66 -9.67 -26.58
CA MET C 161 -9.13 -10.71 -25.75
C MET C 161 -8.33 -10.11 -24.60
N ASP C 162 -7.49 -9.13 -24.87
CA ASP C 162 -6.68 -8.51 -23.81
C ASP C 162 -7.47 -7.81 -22.74
N GLU C 163 -8.61 -7.26 -23.10
CA GLU C 163 -9.41 -6.50 -22.16
C GLU C 163 -10.49 -7.35 -21.51
N SER C 164 -10.66 -8.60 -21.93
CA SER C 164 -11.79 -9.43 -21.43
C SER C 164 -11.40 -10.33 -20.28
N ARG C 165 -12.31 -10.51 -19.35
CA ARG C 165 -12.07 -11.36 -18.19
C ARG C 165 -12.79 -12.70 -18.28
N ILE C 166 -13.82 -12.78 -19.12
CA ILE C 166 -14.63 -13.96 -19.25
C ILE C 166 -14.77 -14.30 -20.71
N PHE C 167 -14.54 -15.57 -21.05
CA PHE C 167 -14.47 -16.04 -22.45
C PHE C 167 -15.44 -17.17 -22.62
N TYR C 168 -16.39 -17.00 -23.51
CA TYR C 168 -17.40 -18.00 -23.74
C TYR C 168 -17.40 -18.40 -25.20
N PHE C 169 -17.12 -19.67 -25.46
CA PHE C 169 -17.23 -20.27 -26.77
C PHE C 169 -18.34 -21.30 -26.74
N SER C 170 -19.18 -21.34 -27.76
CA SER C 170 -20.13 -22.38 -27.87
C SER C 170 -19.40 -23.63 -28.36
N GLY C 171 -19.95 -24.80 -28.05
CA GLY C 171 -19.40 -26.04 -28.54
C GLY C 171 -19.43 -26.08 -30.04
N PHE C 172 -20.42 -25.44 -30.62
CA PHE C 172 -20.57 -25.36 -32.07
C PHE C 172 -19.35 -24.83 -32.78
N THR C 173 -18.50 -24.07 -32.09
CA THR C 173 -17.26 -23.58 -32.72
C THR C 173 -16.25 -24.66 -32.99
N LEU C 174 -16.40 -25.80 -32.35
CA LEU C 174 -15.45 -26.89 -32.52
C LEU C 174 -15.54 -27.50 -33.90
N THR C 175 -16.64 -27.26 -34.64
CA THR C 175 -16.74 -27.80 -35.99
C THR C 175 -15.97 -26.94 -37.03
N VAL C 176 -15.54 -25.76 -36.63
CA VAL C 176 -14.85 -24.86 -37.56
C VAL C 176 -13.34 -25.13 -37.51
N ASP C 177 -12.65 -24.62 -36.48
CA ASP C 177 -11.19 -24.79 -36.38
C ASP C 177 -10.79 -24.73 -34.91
N VAL C 178 -10.40 -25.88 -34.36
CA VAL C 178 -10.13 -26.01 -32.96
C VAL C 178 -8.99 -25.12 -32.55
N ASN C 179 -8.11 -24.81 -33.48
CA ASN C 179 -7.01 -23.88 -33.19
C ASN C 179 -7.45 -22.46 -32.82
N HIS C 180 -8.56 -22.00 -33.37
CA HIS C 180 -9.07 -20.69 -32.98
C HIS C 180 -9.48 -20.77 -31.54
N VAL C 181 -10.07 -21.89 -31.15
CA VAL C 181 -10.52 -22.01 -29.80
C VAL C 181 -9.33 -22.10 -28.90
N LEU C 182 -8.33 -22.88 -29.29
CA LEU C 182 -7.15 -23.04 -28.44
C LEU C 182 -6.36 -21.76 -28.25
N GLN C 183 -6.31 -20.93 -29.27
CA GLN C 183 -5.71 -19.62 -29.15
C GLN C 183 -6.36 -18.80 -28.02
N ALA C 184 -7.68 -18.76 -27.99
CA ALA C 184 -8.36 -18.09 -26.89
C ALA C 184 -8.13 -18.75 -25.54
N CYS C 185 -8.06 -20.07 -25.49
CA CYS C 185 -7.79 -20.76 -24.24
C CYS C 185 -6.47 -20.31 -23.67
N ARG C 186 -5.50 -20.13 -24.54
CA ARG C 186 -4.17 -19.74 -24.11
C ARG C 186 -4.11 -18.28 -23.68
N LYS C 187 -4.83 -17.40 -24.39
CA LYS C 187 -4.97 -16.03 -23.99
C LYS C 187 -5.69 -15.90 -22.65
N ALA C 188 -6.75 -16.68 -22.47
CA ALA C 188 -7.50 -16.64 -21.24
C ALA C 188 -6.59 -16.99 -20.10
N ARG C 189 -5.66 -17.87 -20.34
CA ARG C 189 -4.75 -18.29 -19.32
C ARG C 189 -3.63 -17.27 -19.04
N GLU C 190 -3.13 -16.66 -20.11
CA GLU C 190 -2.15 -15.59 -20.03
C GLU C 190 -2.67 -14.48 -19.10
N VAL C 191 -3.95 -14.13 -19.24
CA VAL C 191 -4.55 -13.06 -18.46
C VAL C 191 -5.30 -13.52 -17.21
N ASP C 192 -5.22 -14.81 -16.88
CA ASP C 192 -6.00 -15.40 -15.78
C ASP C 192 -7.51 -15.17 -15.84
N GLY C 193 -8.07 -15.23 -17.03
CA GLY C 193 -9.49 -15.09 -17.20
C GLY C 193 -10.24 -16.41 -16.99
N LEU C 194 -11.53 -16.41 -17.28
CA LEU C 194 -12.37 -17.56 -17.13
C LEU C 194 -12.77 -18.02 -18.51
N PHE C 195 -12.62 -19.31 -18.75
CA PHE C 195 -12.98 -19.89 -20.00
C PHE C 195 -14.15 -20.83 -19.77
N MET C 196 -15.15 -20.68 -20.61
CA MET C 196 -16.42 -21.29 -20.41
C MET C 196 -16.89 -21.87 -21.72
N ILE C 197 -17.54 -23.03 -21.66
CA ILE C 197 -18.00 -23.69 -22.86
C ILE C 197 -19.35 -24.33 -22.68
N ASN C 198 -20.05 -24.45 -23.79
CA ASN C 198 -21.36 -25.03 -23.90
C ASN C 198 -21.16 -26.32 -24.69
N LEU C 199 -21.84 -27.40 -24.38
CA LEU C 199 -21.70 -28.59 -25.22
C LEU C 199 -22.49 -28.49 -26.51
N SER C 200 -23.47 -27.59 -26.54
CA SER C 200 -24.22 -27.23 -27.74
C SER C 200 -25.12 -28.28 -28.35
N ALA C 201 -24.61 -29.48 -28.59
CA ALA C 201 -25.44 -30.52 -29.20
C ALA C 201 -24.78 -31.88 -29.08
N PRO C 202 -25.59 -32.94 -29.01
CA PRO C 202 -25.05 -34.30 -28.98
C PRO C 202 -24.07 -34.60 -30.08
N PHE C 203 -24.28 -34.06 -31.27
CA PHE C 203 -23.41 -34.43 -32.38
C PHE C 203 -21.97 -33.98 -32.15
N ILE C 204 -21.79 -32.95 -31.33
CA ILE C 204 -20.45 -32.50 -30.98
C ILE C 204 -19.67 -33.59 -30.30
N MET C 205 -20.32 -34.27 -29.35
CA MET C 205 -19.71 -35.40 -28.65
C MET C 205 -19.49 -36.60 -29.56
N GLN C 206 -20.40 -36.82 -30.51
CA GLN C 206 -20.30 -37.97 -31.39
C GLN C 206 -19.25 -37.79 -32.48
N PHE C 207 -19.22 -36.63 -33.10
CA PHE C 207 -18.33 -36.42 -34.25
C PHE C 207 -17.16 -35.45 -34.04
N PHE C 208 -17.08 -34.79 -32.90
CA PHE C 208 -16.04 -33.82 -32.67
C PHE C 208 -15.40 -33.95 -31.29
N SER C 209 -15.45 -35.16 -30.73
CA SER C 209 -14.89 -35.43 -29.41
C SER C 209 -13.40 -35.16 -29.33
N ALA C 210 -12.67 -35.44 -30.40
CA ALA C 210 -11.24 -35.17 -30.37
C ALA C 210 -11.01 -33.69 -30.16
N GLN C 211 -11.75 -32.87 -30.89
CA GLN C 211 -11.57 -31.43 -30.79
C GLN C 211 -11.98 -30.99 -29.41
N LEU C 212 -13.11 -31.51 -28.97
CA LEU C 212 -13.59 -31.17 -27.65
C LEU C 212 -12.57 -31.51 -26.61
N GLY C 213 -11.94 -32.65 -26.75
CA GLY C 213 -10.96 -33.12 -25.78
C GLY C 213 -9.76 -32.20 -25.63
N GLU C 214 -9.43 -31.46 -26.68
CA GLU C 214 -8.30 -30.58 -26.61
C GLU C 214 -8.62 -29.34 -25.81
N VAL C 215 -9.87 -28.98 -25.76
CA VAL C 215 -10.26 -27.74 -25.15
C VAL C 215 -10.66 -27.90 -23.68
N LEU C 216 -11.15 -29.06 -23.31
CA LEU C 216 -11.62 -29.26 -21.93
C LEU C 216 -10.64 -28.92 -20.82
N PRO C 217 -9.37 -29.32 -20.98
CA PRO C 217 -8.46 -29.04 -19.90
C PRO C 217 -8.37 -27.56 -19.57
N TYR C 218 -8.53 -26.72 -20.58
CA TYR C 218 -8.58 -25.28 -20.36
C TYR C 218 -9.89 -24.75 -19.81
N THR C 219 -10.92 -25.56 -19.81
CA THR C 219 -12.29 -25.08 -19.59
C THR C 219 -12.65 -25.04 -18.12
N ASP C 220 -12.94 -23.85 -17.63
CA ASP C 220 -13.23 -23.65 -16.21
C ASP C 220 -14.68 -23.98 -15.92
N ILE C 221 -15.58 -23.56 -16.79
CA ILE C 221 -16.99 -23.88 -16.63
C ILE C 221 -17.56 -24.60 -17.85
N ILE C 222 -18.24 -25.73 -17.62
CA ILE C 222 -18.83 -26.49 -18.66
C ILE C 222 -20.31 -26.49 -18.47
N VAL C 223 -21.04 -26.11 -19.51
CA VAL C 223 -22.47 -26.00 -19.44
C VAL C 223 -23.14 -26.85 -20.47
N ALA C 224 -24.23 -27.48 -20.11
CA ALA C 224 -24.97 -28.33 -21.05
C ALA C 224 -26.35 -28.63 -20.55
N ASN C 225 -27.16 -29.22 -21.40
CA ASN C 225 -28.45 -29.75 -20.96
C ASN C 225 -28.39 -31.28 -20.69
N ARG C 226 -29.52 -31.82 -20.29
CA ARG C 226 -29.67 -33.23 -19.94
C ARG C 226 -29.18 -34.15 -21.03
N HIS C 227 -29.62 -33.95 -22.26
CA HIS C 227 -29.29 -34.88 -23.34
C HIS C 227 -27.81 -34.84 -23.65
N GLU C 228 -27.25 -33.64 -23.69
CA GLU C 228 -25.84 -33.43 -23.95
C GLU C 228 -24.99 -34.08 -22.86
N ALA C 229 -25.49 -34.08 -21.63
CA ALA C 229 -24.78 -34.71 -20.54
C ALA C 229 -24.71 -36.23 -20.69
N LYS C 230 -25.84 -36.87 -21.00
CA LYS C 230 -25.84 -38.34 -21.22
C LYS C 230 -24.86 -38.67 -22.35
N GLU C 231 -24.85 -37.83 -23.39
CA GLU C 231 -23.99 -38.09 -24.52
C GLU C 231 -22.54 -37.93 -24.17
N PHE C 232 -22.29 -37.06 -23.24
CA PHE C 232 -20.91 -36.82 -22.80
C PHE C 232 -20.37 -38.02 -22.04
N ALA C 233 -21.22 -38.56 -21.17
CA ALA C 233 -20.93 -39.79 -20.47
C ALA C 233 -20.69 -40.94 -21.41
N ASN C 234 -21.50 -41.07 -22.46
CA ASN C 234 -21.23 -42.12 -23.46
C ASN C 234 -19.88 -41.92 -24.10
N MET C 235 -19.56 -40.69 -24.51
CA MET C 235 -18.26 -40.43 -25.06
C MET C 235 -17.15 -40.82 -24.12
N MET C 236 -17.27 -40.44 -22.86
CA MET C 236 -16.27 -40.84 -21.86
C MET C 236 -16.31 -42.31 -21.41
N LYS C 237 -17.27 -43.08 -21.91
CA LYS C 237 -17.49 -44.47 -21.49
C LYS C 237 -17.80 -44.59 -19.98
N TRP C 238 -18.55 -43.66 -19.42
CA TRP C 238 -18.95 -43.75 -18.04
C TRP C 238 -20.27 -44.51 -17.98
N ASP C 239 -20.32 -45.57 -17.18
CA ASP C 239 -21.51 -46.39 -17.02
C ASP C 239 -22.39 -45.73 -16.00
N THR C 240 -23.08 -44.68 -16.40
CA THR C 240 -24.04 -43.98 -15.52
C THR C 240 -25.10 -43.23 -16.33
N ASP C 241 -26.31 -43.18 -15.82
CA ASP C 241 -27.36 -42.38 -16.43
C ASP C 241 -27.68 -41.17 -15.57
N CYS C 242 -26.96 -41.00 -14.48
CA CYS C 242 -27.37 -40.05 -13.48
C CYS C 242 -26.67 -38.71 -13.74
N VAL C 243 -27.47 -37.70 -14.07
CA VAL C 243 -26.95 -36.41 -14.43
C VAL C 243 -26.08 -35.83 -13.32
N GLU C 244 -26.48 -36.03 -12.09
CA GLU C 244 -25.67 -35.61 -10.97
C GLU C 244 -24.31 -36.34 -10.88
N GLU C 245 -24.27 -37.63 -11.20
CA GLU C 245 -23.05 -38.38 -11.21
C GLU C 245 -22.16 -37.92 -12.37
N ILE C 246 -22.76 -37.66 -13.53
CA ILE C 246 -21.99 -37.23 -14.68
C ILE C 246 -21.25 -35.90 -14.40
N ALA C 247 -21.94 -34.99 -13.75
CA ALA C 247 -21.35 -33.73 -13.39
C ALA C 247 -20.20 -33.87 -12.40
N ARG C 248 -20.39 -34.74 -11.40
CA ARG C 248 -19.36 -35.06 -10.44
C ARG C 248 -18.11 -35.52 -11.15
N ARG C 249 -18.26 -36.44 -12.09
CA ARG C 249 -17.09 -36.98 -12.79
C ARG C 249 -16.49 -35.96 -13.72
N ALA C 250 -17.31 -35.09 -14.29
CA ALA C 250 -16.79 -34.05 -15.15
C ALA C 250 -15.92 -33.06 -14.37
N VAL C 251 -16.24 -32.87 -13.09
CA VAL C 251 -15.41 -32.05 -12.26
C VAL C 251 -14.05 -32.70 -11.95
N SER C 252 -14.05 -33.97 -11.54
CA SER C 252 -12.82 -34.59 -10.99
C SER C 252 -12.05 -35.48 -11.97
N GLU C 253 -12.73 -36.08 -12.94
CA GLU C 253 -12.10 -36.99 -13.89
C GLU C 253 -11.82 -36.41 -15.25
N VAL C 254 -12.35 -35.25 -15.57
CA VAL C 254 -12.01 -34.63 -16.86
C VAL C 254 -10.83 -33.78 -16.57
N PRO C 255 -9.76 -33.97 -17.33
CA PRO C 255 -8.57 -33.17 -16.96
C PRO C 255 -8.89 -31.68 -16.88
N TYR C 256 -8.20 -31.00 -15.99
CA TYR C 256 -8.36 -29.61 -15.74
C TYR C 256 -7.00 -29.02 -15.35
N THR C 257 -6.50 -28.08 -16.12
CA THR C 257 -5.18 -27.50 -15.86
C THR C 257 -5.32 -26.06 -15.36
N GLY C 258 -6.54 -25.64 -15.07
CA GLY C 258 -6.80 -24.28 -14.62
C GLY C 258 -6.63 -24.11 -13.13
N THR C 259 -6.86 -22.89 -12.66
CA THR C 259 -6.75 -22.53 -11.25
C THR C 259 -7.99 -21.88 -10.65
N LYS C 260 -8.90 -21.37 -11.44
CA LYS C 260 -10.12 -20.79 -10.91
C LYS C 260 -11.09 -21.80 -10.30
N GLY C 261 -11.02 -23.06 -10.74
CA GLY C 261 -11.94 -24.07 -10.23
C GLY C 261 -12.94 -24.49 -11.27
N ARG C 262 -12.91 -25.77 -11.61
CA ARG C 262 -13.82 -26.33 -12.58
C ARG C 262 -15.24 -26.39 -12.05
N VAL C 263 -16.19 -25.98 -12.87
CA VAL C 263 -17.61 -25.95 -12.49
C VAL C 263 -18.41 -26.58 -13.61
N VAL C 264 -19.47 -27.31 -13.28
CA VAL C 264 -20.28 -27.98 -14.27
C VAL C 264 -21.73 -27.70 -14.03
N VAL C 265 -22.42 -27.25 -15.05
CA VAL C 265 -23.79 -26.81 -14.95
C VAL C 265 -24.60 -27.53 -15.99
N PHE C 266 -25.52 -28.37 -15.56
CA PHE C 266 -26.38 -29.11 -16.46
C PHE C 266 -27.82 -28.71 -16.20
N THR C 267 -28.47 -28.12 -17.19
CA THR C 267 -29.88 -27.78 -17.09
C THR C 267 -30.72 -29.00 -17.42
N ARG C 268 -32.00 -28.94 -17.06
CA ARG C 268 -32.92 -30.09 -17.16
C ARG C 268 -34.35 -29.64 -17.35
N ASP C 269 -34.55 -28.70 -18.27
CA ASP C 269 -35.86 -28.13 -18.55
C ASP C 269 -36.68 -27.90 -17.27
N ILE C 270 -37.74 -28.67 -17.05
CA ILE C 270 -38.68 -28.45 -15.90
C ILE C 270 -38.01 -28.75 -14.57
N GLU C 271 -37.03 -29.66 -14.57
CA GLU C 271 -36.38 -30.10 -13.35
C GLU C 271 -35.16 -29.25 -12.98
N SER C 272 -34.72 -29.41 -11.75
CA SER C 272 -33.70 -28.56 -11.18
C SER C 272 -32.43 -28.64 -12.01
N THR C 273 -31.71 -27.55 -11.99
CA THR C 273 -30.42 -27.46 -12.62
C THR C 273 -29.36 -28.04 -11.68
N VAL C 274 -28.44 -28.82 -12.24
CA VAL C 274 -27.42 -29.45 -11.45
C VAL C 274 -26.19 -28.61 -11.55
N LEU C 275 -25.64 -28.29 -10.40
CA LEU C 275 -24.49 -27.44 -10.30
C LEU C 275 -23.39 -28.10 -9.47
N ALA C 276 -22.23 -28.33 -10.06
CA ALA C 276 -21.18 -29.08 -9.44
C ALA C 276 -19.83 -28.38 -9.43
N THR C 277 -19.13 -28.56 -8.33
CA THR C 277 -17.77 -28.08 -8.12
C THR C 277 -17.01 -29.11 -7.33
N LYS C 278 -15.73 -28.85 -7.10
CA LYS C 278 -14.92 -29.75 -6.28
C LYS C 278 -15.48 -29.85 -4.86
N ASP C 279 -16.26 -28.87 -4.41
CA ASP C 279 -16.88 -28.90 -3.08
C ASP C 279 -18.25 -29.58 -3.06
N GLY C 280 -18.62 -30.26 -4.13
CA GLY C 280 -19.86 -31.03 -4.13
C GLY C 280 -20.80 -30.65 -5.24
N VAL C 281 -22.00 -31.22 -5.19
CA VAL C 281 -23.02 -31.07 -6.18
C VAL C 281 -24.28 -30.62 -5.52
N GLU C 282 -24.91 -29.59 -6.06
CA GLU C 282 -26.17 -29.13 -5.52
C GLU C 282 -27.13 -28.97 -6.67
N THR C 283 -28.39 -28.72 -6.35
CA THR C 283 -29.41 -28.45 -7.35
C THR C 283 -30.06 -27.10 -7.12
N VAL C 284 -30.54 -26.48 -8.19
CA VAL C 284 -31.14 -25.16 -8.12
C VAL C 284 -32.50 -25.32 -8.73
N PRO C 285 -33.56 -25.17 -7.93
CA PRO C 285 -34.89 -25.44 -8.49
C PRO C 285 -35.27 -24.45 -9.54
N VAL C 286 -36.03 -24.93 -10.50
CA VAL C 286 -36.57 -24.09 -11.53
C VAL C 286 -37.94 -23.64 -11.05
N PRO C 287 -38.15 -22.33 -10.93
CA PRO C 287 -39.45 -21.84 -10.50
C PRO C 287 -40.60 -22.43 -11.30
N GLN C 288 -41.68 -22.80 -10.61
CA GLN C 288 -42.84 -23.39 -11.29
C GLN C 288 -43.39 -22.38 -12.30
N LEU C 289 -43.87 -22.90 -13.42
CA LEU C 289 -44.45 -22.07 -14.44
C LEU C 289 -45.60 -22.86 -15.07
N ASP C 290 -46.76 -22.24 -15.22
CA ASP C 290 -47.89 -22.88 -15.91
C ASP C 290 -47.47 -23.29 -17.30
N GLN C 291 -47.50 -24.59 -17.58
CA GLN C 291 -46.98 -25.09 -18.85
C GLN C 291 -47.73 -24.63 -20.08
N ASP C 292 -48.96 -24.18 -19.89
CA ASP C 292 -49.72 -23.54 -20.97
C ASP C 292 -49.07 -22.25 -21.46
N LYS C 293 -48.31 -21.59 -20.59
CA LYS C 293 -47.63 -20.35 -20.99
C LYS C 293 -46.34 -20.63 -21.76
N VAL C 294 -45.89 -21.87 -21.73
CA VAL C 294 -44.68 -22.28 -22.42
C VAL C 294 -45.00 -22.65 -23.85
N ILE C 295 -44.51 -21.84 -24.79
CA ILE C 295 -44.90 -21.96 -26.19
C ILE C 295 -43.74 -22.16 -27.15
N ASP C 296 -42.50 -22.01 -26.66
CA ASP C 296 -41.33 -22.13 -27.47
C ASP C 296 -40.15 -22.59 -26.60
N MET C 297 -39.81 -23.88 -26.71
CA MET C 297 -38.69 -24.52 -26.00
C MET C 297 -37.32 -24.15 -26.58
N ASN C 298 -37.31 -23.65 -27.79
CA ASN C 298 -36.06 -23.39 -28.49
C ASN C 298 -35.30 -22.22 -27.94
N GLY C 299 -33.99 -22.39 -27.81
CA GLY C 299 -33.11 -21.32 -27.34
C GLY C 299 -33.16 -21.11 -25.85
N ALA C 300 -33.92 -21.95 -25.12
CA ALA C 300 -33.99 -21.81 -23.68
C ALA C 300 -32.59 -21.84 -23.09
N GLY C 301 -31.78 -22.75 -23.59
CA GLY C 301 -30.39 -22.89 -23.17
C GLY C 301 -29.52 -21.67 -23.46
N ASP C 302 -29.65 -21.10 -24.65
CA ASP C 302 -28.94 -19.85 -24.98
C ASP C 302 -29.35 -18.75 -24.02
N ALA C 303 -30.64 -18.67 -23.72
CA ALA C 303 -31.10 -17.65 -22.82
C ALA C 303 -30.59 -17.93 -21.44
N PHE C 304 -30.56 -19.18 -21.05
CA PHE C 304 -30.05 -19.51 -19.74
C PHE C 304 -28.59 -19.06 -19.57
N MET C 305 -27.79 -19.41 -20.54
CA MET C 305 -26.40 -18.96 -20.65
C MET C 305 -26.23 -17.43 -20.52
N GLY C 306 -27.05 -16.66 -21.24
CA GLY C 306 -27.00 -15.21 -21.15
C GLY C 306 -27.26 -14.68 -19.74
N GLY C 307 -28.26 -15.23 -19.05
CA GLY C 307 -28.56 -14.82 -17.70
C GLY C 307 -27.41 -15.18 -16.81
N PHE C 308 -26.88 -16.37 -17.02
CA PHE C 308 -25.79 -16.86 -16.20
C PHE C 308 -24.58 -15.94 -16.29
N LEU C 309 -24.18 -15.61 -17.52
CA LEU C 309 -23.04 -14.73 -17.75
C LEU C 309 -23.26 -13.31 -17.23
N SER C 310 -24.46 -12.77 -17.40
CA SER C 310 -24.73 -11.43 -16.91
C SER C 310 -24.57 -11.38 -15.40
N ALA C 311 -24.91 -12.45 -14.71
CA ALA C 311 -24.74 -12.48 -13.26
C ALA C 311 -23.30 -12.72 -12.86
N TYR C 312 -22.65 -13.61 -13.57
CA TYR C 312 -21.27 -13.92 -13.26
C TYR C 312 -20.40 -12.67 -13.41
N ALA C 313 -20.68 -11.86 -14.41
CA ALA C 313 -19.85 -10.73 -14.73
C ALA C 313 -20.01 -9.60 -13.70
N VAL C 314 -21.08 -9.64 -12.89
CA VAL C 314 -21.25 -8.68 -11.78
C VAL C 314 -20.91 -9.32 -10.46
N GLY C 315 -20.32 -10.50 -10.51
CA GLY C 315 -19.70 -11.09 -9.34
C GLY C 315 -20.63 -11.85 -8.43
N LYS C 316 -21.79 -12.27 -8.93
CA LYS C 316 -22.69 -13.06 -8.12
C LYS C 316 -22.17 -14.49 -7.99
N ASP C 317 -22.58 -15.18 -6.93
CA ASP C 317 -22.18 -16.58 -6.73
C ASP C 317 -22.89 -17.49 -7.74
N LEU C 318 -22.40 -18.71 -7.83
CA LEU C 318 -22.80 -19.65 -8.91
C LEU C 318 -24.27 -19.98 -8.86
N ARG C 319 -24.78 -20.10 -7.67
CA ARG C 319 -26.19 -20.42 -7.48
C ARG C 319 -27.09 -19.29 -7.98
N ARG C 320 -26.73 -18.06 -7.63
CA ARG C 320 -27.43 -16.91 -8.12
C ARG C 320 -27.29 -16.74 -9.66
N CYS C 321 -26.15 -17.15 -10.21
CA CYS C 321 -26.01 -17.15 -11.67
C CYS C 321 -26.99 -18.10 -12.34
N CYS C 322 -27.21 -19.24 -11.73
CA CYS C 322 -28.23 -20.17 -12.21
C CYS C 322 -29.63 -19.65 -12.06
N GLU C 323 -29.88 -18.97 -10.96
CA GLU C 323 -31.20 -18.36 -10.79
C GLU C 323 -31.46 -17.30 -11.83
N THR C 324 -30.44 -16.51 -12.16
CA THR C 324 -30.58 -15.47 -13.19
C THR C 324 -30.82 -16.11 -14.55
N GLY C 325 -30.12 -17.21 -14.82
CA GLY C 325 -30.35 -18.02 -16.04
C GLY C 325 -31.75 -18.56 -16.12
N HIS C 326 -32.29 -19.04 -15.00
CA HIS C 326 -33.70 -19.49 -15.00
C HIS C 326 -34.66 -18.38 -15.32
N TYR C 327 -34.39 -17.20 -14.81
CA TYR C 327 -35.23 -16.06 -15.11
C TYR C 327 -35.18 -15.73 -16.59
N THR C 328 -33.99 -15.65 -17.20
CA THR C 328 -33.94 -15.26 -18.63
C THR C 328 -34.54 -16.34 -19.54
N ALA C 329 -34.29 -17.60 -19.22
CA ALA C 329 -34.83 -18.70 -20.01
C ALA C 329 -36.35 -18.75 -19.93
N GLN C 330 -36.88 -18.48 -18.74
CA GLN C 330 -38.35 -18.50 -18.57
C GLN C 330 -39.06 -17.32 -19.23
N GLU C 331 -38.37 -16.20 -19.40
CA GLU C 331 -38.92 -15.16 -20.25
C GLU C 331 -39.06 -15.60 -21.72
N VAL C 332 -38.00 -16.19 -22.27
CA VAL C 332 -37.97 -16.53 -23.71
C VAL C 332 -38.95 -17.63 -24.09
N ILE C 333 -39.15 -18.60 -23.21
CA ILE C 333 -40.02 -19.72 -23.60
C ILE C 333 -41.47 -19.30 -23.61
N GLN C 334 -41.78 -18.16 -22.99
CA GLN C 334 -43.13 -17.61 -23.05
C GLN C 334 -43.39 -16.70 -24.24
N ARG C 335 -42.50 -16.66 -25.21
CA ARG C 335 -42.69 -15.85 -26.40
C ARG C 335 -42.26 -16.60 -27.62
N ASP C 336 -42.93 -16.34 -28.72
CA ASP C 336 -42.53 -16.88 -30.02
C ASP C 336 -41.20 -16.23 -30.45
N GLY C 337 -40.19 -17.07 -30.70
CA GLY C 337 -38.87 -16.62 -31.10
C GLY C 337 -38.03 -16.20 -29.93
N CYS C 338 -36.78 -15.82 -30.23
CA CYS C 338 -35.90 -15.23 -29.22
C CYS C 338 -36.34 -13.78 -29.00
N SER C 339 -37.18 -13.56 -27.99
CA SER C 339 -37.85 -12.29 -27.82
C SER C 339 -38.06 -11.98 -26.35
N PHE C 340 -38.04 -10.68 -26.04
CA PHE C 340 -38.04 -10.24 -24.65
C PHE C 340 -38.84 -8.98 -24.45
N PRO C 341 -39.29 -8.75 -23.21
CA PRO C 341 -39.75 -7.44 -22.84
C PRO C 341 -38.68 -6.41 -23.16
N GLU C 342 -38.99 -5.12 -23.00
CA GLU C 342 -38.02 -4.07 -23.27
C GLU C 342 -36.91 -4.14 -22.23
N LYS C 343 -37.30 -4.33 -20.97
CA LYS C 343 -36.37 -4.31 -19.83
C LYS C 343 -36.61 -5.49 -18.86
N PRO C 344 -35.54 -6.02 -18.23
CA PRO C 344 -35.71 -7.12 -17.28
C PRO C 344 -36.45 -6.70 -16.06
N SER C 345 -37.12 -7.63 -15.40
CA SER C 345 -37.81 -7.37 -14.15
C SER C 345 -37.18 -8.17 -13.01
N PHE C 346 -35.86 -8.37 -13.06
CA PHE C 346 -35.15 -9.23 -12.13
C PHE C 346 -33.80 -8.60 -11.85
N SER C 347 -33.44 -8.54 -10.57
CA SER C 347 -32.13 -8.03 -10.15
C SER C 347 -31.27 -9.17 -9.59
N PRO C 348 -30.21 -9.55 -10.34
CA PRO C 348 -29.23 -10.48 -9.80
C PRO C 348 -28.62 -9.89 -8.52
N SER D 6 34.07 -36.79 -20.92
CA SER D 6 33.20 -35.59 -21.16
C SER D 6 33.88 -34.26 -20.82
N ALA D 7 33.43 -33.23 -21.54
CA ALA D 7 33.85 -31.83 -21.29
C ALA D 7 32.98 -31.18 -20.23
N PRO D 8 33.49 -30.15 -19.55
CA PRO D 8 32.68 -29.59 -18.46
C PRO D 8 31.57 -28.73 -19.00
N LEU D 9 30.47 -28.70 -18.28
CA LEU D 9 29.37 -27.83 -18.61
C LEU D 9 29.75 -26.39 -18.38
N ARG D 10 29.18 -25.50 -19.17
CA ARG D 10 29.53 -24.08 -19.08
C ARG D 10 28.97 -23.48 -17.78
N VAL D 11 29.80 -22.68 -17.13
CA VAL D 11 29.50 -22.05 -15.86
C VAL D 11 29.53 -20.55 -15.94
N TYR D 12 28.54 -19.95 -15.29
CA TYR D 12 28.45 -18.50 -15.22
C TYR D 12 28.67 -18.11 -13.78
N VAL D 13 29.55 -17.13 -13.59
CA VAL D 13 29.86 -16.62 -12.28
C VAL D 13 29.69 -15.11 -12.27
N GLN D 14 29.12 -14.59 -11.19
CA GLN D 14 28.95 -13.16 -11.04
C GLN D 14 29.30 -12.76 -9.63
N CYS D 15 30.10 -11.71 -9.52
CA CYS D 15 30.57 -11.19 -8.26
C CYS D 15 31.15 -9.80 -8.48
N ASN D 16 31.81 -9.29 -7.46
CA ASN D 16 32.41 -7.98 -7.49
C ASN D 16 33.90 -8.11 -7.69
N PRO D 17 34.41 -7.69 -8.85
CA PRO D 17 35.85 -7.84 -9.04
C PRO D 17 36.60 -6.77 -8.28
N LEU D 18 37.49 -7.19 -7.39
CA LEU D 18 38.21 -6.27 -6.53
C LEU D 18 39.68 -6.56 -6.59
N LEU D 19 40.49 -5.51 -6.48
CA LEU D 19 41.92 -5.67 -6.31
C LEU D 19 42.26 -5.74 -4.84
N ASP D 20 42.94 -6.80 -4.43
CA ASP D 20 43.33 -6.98 -3.03
C ASP D 20 44.63 -6.25 -2.75
N VAL D 21 44.56 -5.32 -1.79
CA VAL D 21 45.69 -4.55 -1.34
C VAL D 21 46.00 -5.05 0.05
N SER D 22 47.09 -5.80 0.16
CA SER D 22 47.38 -6.59 1.36
C SER D 22 48.68 -6.21 2.07
N ALA D 23 48.67 -6.39 3.39
CA ALA D 23 49.81 -6.07 4.23
C ALA D 23 49.67 -6.69 5.60
N HIS D 24 50.81 -7.01 6.19
CA HIS D 24 50.87 -7.48 7.58
C HIS D 24 50.72 -6.32 8.52
N VAL D 25 50.06 -6.59 9.62
CA VAL D 25 49.48 -5.53 10.41
C VAL D 25 49.41 -6.00 11.86
N SER D 26 49.48 -5.04 12.77
CA SER D 26 49.40 -5.33 14.19
C SER D 26 47.94 -5.35 14.65
N ASP D 27 47.71 -5.82 15.86
CA ASP D 27 46.38 -5.78 16.44
C ASP D 27 45.92 -4.36 16.74
N GLU D 28 46.87 -3.49 17.10
CA GLU D 28 46.59 -2.06 17.32
C GLU D 28 45.92 -1.46 16.09
N PHE D 29 46.41 -1.85 14.91
CA PHE D 29 45.84 -1.41 13.64
C PHE D 29 44.37 -1.87 13.41
N LEU D 30 44.08 -3.13 13.69
CA LEU D 30 42.71 -3.67 13.62
C LEU D 30 41.77 -2.81 14.46
N VAL D 31 42.22 -2.51 15.66
CA VAL D 31 41.41 -1.80 16.62
C VAL D 31 41.33 -0.30 16.28
N LYS D 32 42.42 0.27 15.77
CA LYS D 32 42.40 1.66 15.24
C LYS D 32 41.28 1.90 14.22
N TYR D 33 40.94 0.88 13.42
CA TYR D 33 39.87 1.00 12.40
C TYR D 33 38.59 0.22 12.73
N GLY D 34 38.54 -0.30 13.95
CA GLY D 34 37.32 -0.89 14.48
C GLY D 34 36.97 -2.23 13.83
N LEU D 35 37.99 -2.99 13.46
CA LEU D 35 37.79 -4.17 12.62
C LEU D 35 37.77 -5.42 13.50
N GLU D 36 36.87 -6.37 13.22
CA GLU D 36 36.80 -7.64 13.99
C GLU D 36 37.62 -8.70 13.23
N ARG D 37 38.62 -9.28 13.89
CA ARG D 37 39.60 -10.11 13.20
C ARG D 37 38.96 -11.27 12.44
N GLY D 38 39.46 -11.49 11.23
CA GLY D 38 39.05 -12.63 10.40
C GLY D 38 37.76 -12.43 9.61
N THR D 39 37.16 -11.26 9.73
CA THR D 39 35.87 -10.98 9.13
C THR D 39 36.01 -10.05 7.93
N ALA D 40 34.91 -9.95 7.19
CA ALA D 40 34.83 -9.05 6.04
C ALA D 40 33.71 -8.06 6.27
N ILE D 41 33.96 -6.79 5.92
CA ILE D 41 32.92 -5.76 5.96
C ILE D 41 33.04 -4.91 4.72
N LEU D 42 32.08 -4.02 4.53
CA LEU D 42 32.14 -3.00 3.50
C LEU D 42 32.72 -1.75 4.12
N LEU D 43 33.53 -1.04 3.35
CA LEU D 43 34.09 0.22 3.81
C LEU D 43 32.99 1.15 4.31
N SER D 44 33.16 1.66 5.53
CA SER D 44 32.25 2.67 6.09
C SER D 44 33.03 3.91 6.53
N GLU D 45 32.34 4.90 7.10
CA GLU D 45 32.97 6.11 7.68
C GLU D 45 34.04 5.72 8.70
N ARG D 46 33.66 4.81 9.60
CA ARG D 46 34.55 4.33 10.65
C ARG D 46 35.95 3.91 10.17
N GLN D 47 36.09 3.60 8.88
CA GLN D 47 37.36 3.14 8.33
C GLN D 47 38.01 4.17 7.40
N LYS D 48 37.59 5.44 7.47
CA LYS D 48 38.20 6.47 6.62
C LYS D 48 39.73 6.43 6.76
N GLY D 49 40.43 6.41 5.63
CA GLY D 49 41.90 6.53 5.59
C GLY D 49 42.67 5.21 5.56
N ILE D 50 41.97 4.10 5.73
CA ILE D 50 42.63 2.79 5.82
C ILE D 50 43.45 2.43 4.58
N PHE D 51 43.00 2.83 3.39
CA PHE D 51 43.76 2.52 2.18
C PHE D 51 45.06 3.34 2.11
N ASP D 52 45.01 4.63 2.42
CA ASP D 52 46.22 5.46 2.47
C ASP D 52 47.19 4.89 3.56
N ASP D 53 46.64 4.46 4.68
CA ASP D 53 47.45 3.86 5.75
C ASP D 53 48.15 2.57 5.29
N ILE D 54 47.40 1.63 4.70
CA ILE D 54 47.97 0.34 4.24
C ILE D 54 48.96 0.60 3.09
N GLU D 55 48.63 1.46 2.14
CA GLU D 55 49.55 1.74 1.01
C GLU D 55 50.93 2.34 1.44
N LYS D 56 50.94 3.11 2.53
CA LYS D 56 52.18 3.67 3.10
C LYS D 56 53.09 2.58 3.72
N MET D 57 52.57 1.37 3.96
CA MET D 57 53.36 0.33 4.62
C MET D 57 54.33 -0.36 3.65
N PRO D 58 55.38 -0.98 4.23
CA PRO D 58 56.34 -1.70 3.40
C PRO D 58 55.88 -3.13 3.07
N ASN D 59 56.18 -3.58 1.85
CA ASN D 59 55.81 -4.93 1.39
C ASN D 59 54.32 -5.10 1.16
N VAL D 60 53.62 -3.97 0.96
CA VAL D 60 52.26 -4.01 0.49
C VAL D 60 52.21 -4.65 -0.89
N ARG D 61 51.26 -5.56 -1.09
CA ARG D 61 51.10 -6.25 -2.36
C ARG D 61 49.74 -5.84 -3.00
N TYR D 62 49.70 -5.87 -4.31
CA TYR D 62 48.52 -5.49 -5.07
C TYR D 62 48.15 -6.69 -5.93
N VAL D 63 47.15 -7.45 -5.51
CA VAL D 63 46.87 -8.74 -6.14
C VAL D 63 45.41 -8.80 -6.56
N PRO D 64 45.14 -9.25 -7.80
CA PRO D 64 43.75 -9.38 -8.22
C PRO D 64 43.00 -10.34 -7.30
N GLY D 65 41.81 -9.93 -6.89
CA GLY D 65 40.98 -10.70 -5.95
C GLY D 65 39.53 -10.67 -6.34
N GLY D 66 38.64 -10.54 -5.36
CA GLY D 66 37.21 -10.68 -5.57
C GLY D 66 36.84 -12.13 -5.33
N SER D 67 35.87 -12.36 -4.44
CA SER D 67 35.51 -13.70 -4.00
C SER D 67 35.09 -14.60 -5.16
N GLY D 68 34.14 -14.11 -5.93
CA GLY D 68 33.67 -14.87 -7.09
C GLY D 68 34.72 -15.06 -8.17
N LEU D 69 35.59 -14.08 -8.34
CA LEU D 69 36.64 -14.19 -9.30
C LEU D 69 37.66 -15.26 -8.86
N ASN D 70 37.99 -15.31 -7.57
CA ASN D 70 38.82 -16.40 -7.08
C ASN D 70 38.15 -17.71 -7.36
N VAL D 71 36.84 -17.79 -7.17
CA VAL D 71 36.14 -19.05 -7.41
C VAL D 71 36.33 -19.47 -8.86
N ALA D 72 36.09 -18.55 -9.77
CA ALA D 72 36.24 -18.81 -11.20
C ALA D 72 37.65 -19.31 -11.56
N ARG D 73 38.67 -18.62 -11.05
CA ARG D 73 40.06 -19.02 -11.30
C ARG D 73 40.40 -20.42 -10.77
N VAL D 74 39.90 -20.75 -9.60
CA VAL D 74 40.17 -22.08 -9.06
C VAL D 74 39.47 -23.14 -9.89
N ALA D 75 38.24 -22.89 -10.30
CA ALA D 75 37.52 -23.84 -11.15
C ALA D 75 38.24 -24.02 -12.49
N GLN D 76 38.66 -22.91 -13.09
CA GLN D 76 39.36 -22.97 -14.37
C GLN D 76 40.66 -23.74 -14.20
N TRP D 77 41.36 -23.47 -13.11
CA TRP D 77 42.60 -24.16 -12.80
C TRP D 77 42.44 -25.68 -12.79
N MET D 78 41.26 -26.15 -12.40
CA MET D 78 40.98 -27.59 -12.42
C MET D 78 40.56 -28.13 -13.79
N GLN D 79 40.41 -27.25 -14.79
CA GLN D 79 40.00 -27.66 -16.13
C GLN D 79 40.82 -26.90 -17.15
N GLN D 80 42.14 -27.05 -17.08
CA GLN D 80 43.02 -26.24 -17.92
C GLN D 80 42.96 -26.57 -19.41
N ALA D 81 42.51 -27.78 -19.73
CA ALA D 81 42.23 -28.16 -21.12
C ALA D 81 41.07 -27.36 -21.77
N TYR D 82 40.40 -26.51 -21.01
CA TYR D 82 39.23 -25.83 -21.52
C TYR D 82 39.28 -24.34 -21.28
N LYS D 83 40.49 -23.78 -21.31
CA LYS D 83 40.67 -22.32 -21.30
C LYS D 83 39.73 -21.74 -22.38
N GLY D 84 38.97 -20.68 -22.04
CA GLY D 84 38.06 -20.02 -22.99
C GLY D 84 36.71 -20.69 -23.22
N LYS D 85 36.59 -21.99 -22.92
CA LYS D 85 35.39 -22.77 -23.24
C LYS D 85 34.69 -23.30 -21.95
N PHE D 86 34.80 -22.58 -20.85
CA PHE D 86 34.28 -23.10 -19.56
C PHE D 86 33.58 -22.08 -18.68
N VAL D 87 34.34 -21.19 -18.05
CA VAL D 87 33.77 -20.18 -17.16
C VAL D 87 33.67 -18.81 -17.79
N THR D 88 32.54 -18.16 -17.56
CA THR D 88 32.37 -16.76 -17.90
C THR D 88 32.12 -16.01 -16.61
N TYR D 89 32.71 -14.82 -16.49
CA TYR D 89 32.57 -14.01 -15.29
C TYR D 89 32.02 -12.67 -15.64
N VAL D 90 31.11 -12.19 -14.79
CA VAL D 90 30.48 -10.92 -14.99
C VAL D 90 30.65 -10.05 -13.76
N GLY D 91 31.07 -8.82 -13.98
CA GLY D 91 31.20 -7.84 -12.92
C GLY D 91 31.47 -6.49 -13.56
N CYS D 92 31.63 -5.47 -12.74
CA CYS D 92 31.87 -4.13 -13.26
C CYS D 92 33.21 -3.61 -12.77
N ILE D 93 34.01 -3.10 -13.71
CA ILE D 93 35.28 -2.43 -13.41
C ILE D 93 35.31 -1.07 -14.10
N ALA D 94 36.37 -0.32 -13.83
CA ALA D 94 36.72 0.88 -14.58
C ALA D 94 37.90 0.53 -15.47
N ASP D 95 38.07 1.27 -16.57
CA ASP D 95 39.28 1.20 -17.39
C ASP D 95 40.43 1.98 -16.71
N ASP D 96 41.05 1.38 -15.69
CA ASP D 96 42.16 1.99 -14.94
C ASP D 96 43.25 0.94 -14.64
N ARG D 97 44.26 1.32 -13.86
CA ARG D 97 45.38 0.39 -13.60
C ARG D 97 44.84 -0.92 -13.02
N TYR D 98 44.07 -0.79 -11.94
CA TYR D 98 43.48 -1.95 -11.23
C TYR D 98 42.59 -2.84 -12.15
N GLY D 99 41.71 -2.19 -12.92
CA GLY D 99 40.87 -2.91 -13.88
C GLY D 99 41.65 -3.77 -14.86
N LYS D 100 42.69 -3.18 -15.46
CA LYS D 100 43.53 -3.90 -16.45
C LYS D 100 44.19 -5.11 -15.81
N VAL D 101 44.71 -4.92 -14.59
CA VAL D 101 45.31 -6.03 -13.84
C VAL D 101 44.31 -7.20 -13.68
N LEU D 102 43.13 -6.88 -13.18
CA LEU D 102 42.07 -7.86 -12.97
C LEU D 102 41.69 -8.61 -14.25
N LYS D 103 41.31 -7.84 -15.30
CA LYS D 103 40.89 -8.43 -16.59
C LYS D 103 42.03 -9.29 -17.18
N GLU D 104 43.27 -8.77 -17.18
CA GLU D 104 44.35 -9.49 -17.85
C GLU D 104 44.66 -10.82 -17.15
N ALA D 105 44.67 -10.82 -15.81
CA ALA D 105 45.03 -12.01 -15.06
C ALA D 105 44.04 -13.14 -15.31
N ALA D 106 42.76 -12.80 -15.25
CA ALA D 106 41.70 -13.78 -15.46
C ALA D 106 41.68 -14.36 -16.88
N GLU D 107 41.86 -13.48 -17.86
CA GLU D 107 41.85 -13.89 -19.28
C GLU D 107 43.05 -14.76 -19.61
N HIS D 108 44.20 -14.40 -19.05
CA HIS D 108 45.36 -15.24 -19.16
C HIS D 108 45.06 -16.66 -18.69
N GLU D 109 44.28 -16.83 -17.62
CA GLU D 109 43.97 -18.18 -17.10
C GLU D 109 42.84 -18.90 -17.83
N GLY D 110 42.14 -18.22 -18.73
CA GLY D 110 41.13 -18.86 -19.57
C GLY D 110 39.68 -18.52 -19.25
N ILE D 111 39.50 -17.48 -18.46
CA ILE D 111 38.20 -17.05 -18.07
C ILE D 111 37.74 -16.04 -19.09
N VAL D 112 36.53 -16.20 -19.59
CA VAL D 112 35.92 -15.21 -20.46
C VAL D 112 35.36 -14.08 -19.57
N MET D 113 35.97 -12.90 -19.64
CA MET D 113 35.53 -11.79 -18.79
C MET D 113 34.51 -10.92 -19.47
N ALA D 114 33.24 -11.24 -19.28
CA ALA D 114 32.16 -10.42 -19.80
C ALA D 114 31.87 -9.25 -18.84
N VAL D 115 32.84 -8.38 -18.66
CA VAL D 115 32.81 -7.40 -17.60
C VAL D 115 32.57 -5.97 -18.04
N GLU D 116 31.64 -5.26 -17.39
CA GLU D 116 31.26 -3.87 -17.73
C GLU D 116 32.39 -2.92 -17.35
N HIS D 117 32.52 -1.84 -18.13
CA HIS D 117 33.43 -0.71 -17.81
C HIS D 117 32.59 0.51 -17.53
N THR D 118 32.72 1.07 -16.34
CA THR D 118 32.00 2.29 -16.02
C THR D 118 33.00 3.43 -15.89
N THR D 119 32.48 4.64 -15.94
CA THR D 119 33.22 5.84 -15.59
C THR D 119 32.74 6.48 -14.27
N LYS D 120 31.62 5.96 -13.71
CA LYS D 120 31.03 6.49 -12.49
C LYS D 120 31.95 6.38 -11.24
N ALA D 121 32.99 5.53 -11.30
CA ALA D 121 33.93 5.30 -10.17
C ALA D 121 35.10 4.37 -10.53
N GLY D 122 36.16 4.41 -9.73
CA GLY D 122 37.35 3.61 -9.99
C GLY D 122 37.14 2.16 -9.64
N SER D 123 37.94 1.28 -10.22
CA SER D 123 37.78 -0.16 -9.95
C SER D 123 37.90 -0.40 -8.45
N GLY D 124 37.13 -1.37 -7.98
CA GLY D 124 37.06 -1.66 -6.57
C GLY D 124 38.32 -2.29 -6.03
N ALA D 125 38.46 -2.21 -4.72
CA ALA D 125 39.63 -2.71 -4.06
C ALA D 125 39.25 -3.18 -2.68
N CYS D 126 40.01 -4.15 -2.17
CA CYS D 126 39.75 -4.69 -0.86
C CYS D 126 41.02 -4.58 -0.02
N ALA D 127 40.90 -3.93 1.12
CA ALA D 127 42.01 -3.86 2.05
C ALA D 127 42.11 -5.19 2.82
N VAL D 128 43.23 -5.88 2.69
CA VAL D 128 43.41 -7.17 3.32
C VAL D 128 44.51 -7.07 4.40
N CYS D 129 44.10 -7.23 5.65
CA CYS D 129 44.97 -7.00 6.78
C CYS D 129 45.38 -8.31 7.40
N ILE D 130 46.66 -8.62 7.27
CA ILE D 130 47.14 -9.90 7.71
C ILE D 130 47.61 -9.78 9.15
N THR D 131 47.13 -10.70 9.98
CA THR D 131 47.61 -10.88 11.34
C THR D 131 47.76 -12.39 11.55
N GLY D 132 48.96 -12.91 11.26
CA GLY D 132 49.22 -14.34 11.39
C GLY D 132 48.55 -15.12 10.29
N LYS D 133 47.72 -16.09 10.67
CA LYS D 133 47.01 -16.96 9.72
C LYS D 133 45.68 -16.34 9.30
N GLU D 134 45.21 -15.35 10.06
CA GLU D 134 43.92 -14.70 9.79
C GLU D 134 44.11 -13.44 8.92
N ARG D 135 43.14 -13.23 8.05
CA ARG D 135 43.06 -12.00 7.26
C ARG D 135 41.73 -11.30 7.52
N THR D 136 41.76 -9.98 7.49
CA THR D 136 40.60 -9.20 7.83
C THR D 136 40.36 -8.29 6.63
N LEU D 137 39.14 -8.29 6.12
CA LEU D 137 38.85 -7.67 4.82
C LEU D 137 37.97 -6.46 4.87
N VAL D 138 38.35 -5.42 4.15
CA VAL D 138 37.51 -4.22 4.06
C VAL D 138 37.34 -3.89 2.59
N ALA D 139 36.12 -4.06 2.09
CA ALA D 139 35.90 -4.01 0.67
C ALA D 139 35.35 -2.66 0.28
N ASP D 140 36.02 -2.02 -0.68
CA ASP D 140 35.56 -0.77 -1.26
C ASP D 140 35.19 -1.04 -2.70
N LEU D 141 33.91 -1.29 -2.91
CA LEU D 141 33.41 -1.78 -4.18
C LEU D 141 33.68 -0.85 -5.36
N GLY D 142 33.60 0.47 -5.15
CA GLY D 142 33.75 1.40 -6.24
C GLY D 142 32.89 1.00 -7.44
N ALA D 143 33.55 0.70 -8.55
CA ALA D 143 32.89 0.38 -9.82
C ALA D 143 31.99 -0.83 -9.75
N ALA D 144 32.37 -1.82 -8.93
CA ALA D 144 31.57 -3.03 -8.80
C ALA D 144 30.15 -2.67 -8.39
N ASN D 145 30.00 -1.58 -7.66
CA ASN D 145 28.69 -1.18 -7.16
C ASN D 145 27.79 -0.53 -8.21
N HIS D 146 28.31 -0.28 -9.40
CA HIS D 146 27.57 0.40 -10.47
C HIS D 146 27.22 -0.53 -11.61
N LEU D 147 27.33 -1.84 -11.39
CA LEU D 147 26.88 -2.78 -12.42
C LEU D 147 25.44 -2.45 -12.78
N SER D 148 25.18 -2.35 -14.08
CA SER D 148 23.91 -1.80 -14.61
C SER D 148 22.99 -2.84 -15.25
N SER D 149 21.69 -2.53 -15.31
CA SER D 149 20.72 -3.33 -16.07
C SER D 149 21.04 -3.40 -17.55
N GLU D 150 21.63 -2.34 -18.10
CA GLU D 150 22.00 -2.32 -19.52
C GLU D 150 22.98 -3.45 -19.79
N HIS D 151 23.99 -3.54 -18.91
CA HIS D 151 25.00 -4.56 -19.06
C HIS D 151 24.44 -5.96 -18.91
N MET D 152 23.52 -6.14 -17.96
CA MET D 152 22.87 -7.43 -17.76
C MET D 152 21.95 -7.79 -18.92
N ARG D 153 21.44 -6.80 -19.67
CA ARG D 153 20.62 -7.06 -20.87
C ARG D 153 21.48 -7.09 -22.17
N SER D 154 22.79 -6.84 -22.07
CA SER D 154 23.69 -6.83 -23.24
C SER D 154 23.92 -8.21 -23.92
N PRO D 155 24.26 -8.20 -25.22
CA PRO D 155 24.43 -9.47 -25.96
C PRO D 155 25.41 -10.48 -25.36
N ALA D 156 26.54 -10.00 -24.86
CA ALA D 156 27.58 -10.89 -24.36
C ALA D 156 27.08 -11.63 -23.13
N VAL D 157 26.42 -10.91 -22.24
CA VAL D 157 25.92 -11.50 -21.00
C VAL D 157 24.75 -12.44 -21.31
N VAL D 158 23.84 -12.03 -22.21
CA VAL D 158 22.71 -12.91 -22.51
C VAL D 158 23.20 -14.15 -23.25
N ARG D 159 24.21 -14.02 -24.12
CA ARG D 159 24.81 -15.21 -24.80
C ARG D 159 25.39 -16.17 -23.74
N ALA D 160 26.10 -15.59 -22.78
CA ALA D 160 26.70 -16.34 -21.69
C ALA D 160 25.67 -17.05 -20.83
N MET D 161 24.62 -16.33 -20.46
CA MET D 161 23.54 -16.91 -19.69
C MET D 161 22.87 -18.00 -20.49
N ASP D 162 22.60 -17.73 -21.76
CA ASP D 162 21.93 -18.72 -22.62
C ASP D 162 22.72 -20.00 -22.78
N GLU D 163 24.05 -19.89 -22.80
CA GLU D 163 24.90 -21.06 -23.04
C GLU D 163 25.36 -21.76 -21.76
N SER D 164 25.06 -21.18 -20.59
CA SER D 164 25.50 -21.74 -19.30
C SER D 164 24.48 -22.67 -18.63
N ARG D 165 24.98 -23.69 -17.95
CA ARG D 165 24.16 -24.68 -17.25
C ARG D 165 24.23 -24.53 -15.76
N ILE D 166 25.28 -23.87 -15.26
CA ILE D 166 25.51 -23.74 -13.84
C ILE D 166 25.80 -22.29 -13.54
N PHE D 167 25.11 -21.75 -12.54
CA PHE D 167 25.15 -20.33 -12.26
C PHE D 167 25.55 -20.18 -10.83
N TYR D 168 26.63 -19.43 -10.61
CA TYR D 168 27.10 -19.20 -9.26
C TYR D 168 27.23 -17.71 -8.99
N PHE D 169 26.50 -17.25 -7.97
CA PHE D 169 26.60 -15.88 -7.47
C PHE D 169 27.09 -15.96 -6.07
N SER D 170 28.02 -15.09 -5.71
CA SER D 170 28.41 -14.98 -4.33
C SER D 170 27.33 -14.18 -3.60
N GLY D 171 27.23 -14.41 -2.29
CA GLY D 171 26.32 -13.65 -1.46
C GLY D 171 26.63 -12.17 -1.48
N PHE D 172 27.91 -11.86 -1.62
CA PHE D 172 28.35 -10.48 -1.73
C PHE D 172 27.67 -9.66 -2.83
N THR D 173 27.14 -10.32 -3.87
CA THR D 173 26.43 -9.59 -4.93
C THR D 173 25.13 -9.02 -4.45
N LEU D 174 24.64 -9.49 -3.31
CA LEU D 174 23.37 -9.02 -2.80
C LEU D 174 23.43 -7.59 -2.31
N THR D 175 24.62 -7.06 -2.08
CA THR D 175 24.72 -5.65 -1.62
C THR D 175 24.66 -4.67 -2.78
N VAL D 176 24.77 -5.18 -4.02
CA VAL D 176 24.75 -4.31 -5.19
C VAL D 176 23.32 -4.07 -5.66
N ASP D 177 22.73 -5.06 -6.35
CA ASP D 177 21.40 -4.90 -6.89
C ASP D 177 20.79 -6.28 -7.06
N VAL D 178 19.82 -6.58 -6.19
CA VAL D 178 19.23 -7.89 -6.16
C VAL D 178 18.60 -8.25 -7.48
N ASN D 179 18.16 -7.24 -8.24
CA ASN D 179 17.51 -7.51 -9.52
C ASN D 179 18.44 -8.15 -10.53
N HIS D 180 19.73 -7.85 -10.45
CA HIS D 180 20.69 -8.48 -11.36
C HIS D 180 20.75 -9.96 -11.03
N VAL D 181 20.70 -10.28 -9.74
CA VAL D 181 20.70 -11.64 -9.33
C VAL D 181 19.42 -12.34 -9.76
N LEU D 182 18.28 -11.70 -9.55
CA LEU D 182 17.01 -12.34 -9.90
C LEU D 182 16.90 -12.60 -11.40
N GLN D 183 17.45 -11.71 -12.21
CA GLN D 183 17.48 -11.94 -13.64
C GLN D 183 18.18 -13.25 -14.00
N ALA D 184 19.33 -13.50 -13.39
CA ALA D 184 20.01 -14.79 -13.56
C ALA D 184 19.25 -15.99 -12.98
N CYS D 185 18.57 -15.80 -11.87
CA CYS D 185 17.74 -16.86 -11.33
C CYS D 185 16.69 -17.30 -12.34
N ARG D 186 16.13 -16.34 -13.04
CA ARG D 186 15.07 -16.64 -13.99
C ARG D 186 15.65 -17.35 -15.21
N LYS D 187 16.83 -16.90 -15.65
CA LYS D 187 17.51 -17.49 -16.82
C LYS D 187 17.88 -18.90 -16.50
N ALA D 188 18.33 -19.11 -15.28
CA ALA D 188 18.66 -20.45 -14.88
C ALA D 188 17.48 -21.39 -14.95
N ARG D 189 16.29 -20.89 -14.67
CA ARG D 189 15.07 -21.70 -14.77
C ARG D 189 14.67 -21.91 -16.25
N GLU D 190 14.80 -20.86 -17.06
CA GLU D 190 14.50 -20.92 -18.53
C GLU D 190 15.30 -22.07 -19.16
N VAL D 191 16.54 -22.17 -18.76
CA VAL D 191 17.51 -23.11 -19.29
C VAL D 191 17.59 -24.44 -18.51
N ASP D 192 16.76 -24.60 -17.49
CA ASP D 192 16.83 -25.75 -16.56
C ASP D 192 18.22 -25.99 -15.98
N GLY D 193 18.90 -24.91 -15.66
CA GLY D 193 20.20 -25.01 -15.08
C GLY D 193 20.16 -25.14 -13.58
N LEU D 194 21.31 -24.92 -12.99
CA LEU D 194 21.48 -25.00 -11.57
C LEU D 194 21.91 -23.64 -11.05
N PHE D 195 21.26 -23.18 -10.01
CA PHE D 195 21.60 -21.92 -9.39
C PHE D 195 22.16 -22.20 -8.02
N MET D 196 23.28 -21.55 -7.75
CA MET D 196 24.06 -21.86 -6.59
C MET D 196 24.55 -20.58 -5.93
N ILE D 197 24.58 -20.58 -4.61
CA ILE D 197 24.92 -19.38 -3.89
C ILE D 197 25.75 -19.69 -2.69
N ASN D 198 26.52 -18.68 -2.31
CA ASN D 198 27.44 -18.69 -1.19
C ASN D 198 26.86 -17.70 -0.19
N LEU D 199 26.91 -17.98 1.10
CA LEU D 199 26.45 -16.97 2.05
C LEU D 199 27.45 -15.84 2.25
N SER D 200 28.70 -16.08 1.87
CA SER D 200 29.78 -15.07 1.82
C SER D 200 30.24 -14.51 3.16
N ALA D 201 29.32 -14.01 3.98
CA ALA D 201 29.69 -13.37 5.23
C ALA D 201 28.48 -13.18 6.14
N PRO D 202 28.70 -13.25 7.45
CA PRO D 202 27.64 -12.96 8.42
C PRO D 202 26.88 -11.66 8.16
N PHE D 203 27.55 -10.61 7.73
CA PHE D 203 26.85 -9.35 7.59
C PHE D 203 25.76 -9.41 6.53
N ILE D 204 25.91 -10.32 5.58
CA ILE D 204 24.89 -10.50 4.57
C ILE D 204 23.57 -10.87 5.23
N MET D 205 23.64 -11.80 6.18
CA MET D 205 22.46 -12.24 6.93
C MET D 205 21.94 -11.14 7.82
N GLN D 206 22.82 -10.34 8.38
CA GLN D 206 22.39 -9.30 9.32
C GLN D 206 21.77 -8.13 8.61
N PHE D 207 22.37 -7.66 7.51
CA PHE D 207 21.92 -6.43 6.86
C PHE D 207 21.31 -6.58 5.47
N PHE D 208 21.31 -7.78 4.92
CA PHE D 208 20.79 -7.97 3.56
C PHE D 208 19.90 -9.18 3.48
N SER D 209 19.28 -9.56 4.61
CA SER D 209 18.37 -10.70 4.64
C SER D 209 17.25 -10.55 3.68
N ALA D 210 16.73 -9.35 3.54
CA ALA D 210 15.61 -9.18 2.62
C ALA D 210 16.02 -9.62 1.23
N GLN D 211 17.19 -9.16 0.79
CA GLN D 211 17.63 -9.43 -0.55
C GLN D 211 17.91 -10.91 -0.67
N LEU D 212 18.55 -11.45 0.33
CA LEU D 212 18.82 -12.87 0.37
C LEU D 212 17.55 -13.66 0.27
N GLY D 213 16.52 -13.22 0.98
CA GLY D 213 15.23 -13.91 0.98
C GLY D 213 14.53 -13.97 -0.38
N GLU D 214 14.82 -13.01 -1.25
CA GLU D 214 14.24 -13.04 -2.58
C GLU D 214 14.89 -14.06 -3.46
N VAL D 215 16.17 -14.37 -3.20
CA VAL D 215 16.91 -15.26 -4.09
C VAL D 215 16.88 -16.71 -3.65
N LEU D 216 16.69 -16.97 -2.35
CA LEU D 216 16.69 -18.36 -1.85
C LEU D 216 15.72 -19.32 -2.53
N PRO D 217 14.49 -18.88 -2.80
CA PRO D 217 13.57 -19.81 -3.42
C PRO D 217 14.07 -20.34 -4.75
N TYR D 218 14.82 -19.52 -5.49
CA TYR D 218 15.46 -19.96 -6.74
C TYR D 218 16.72 -20.79 -6.56
N THR D 219 17.27 -20.80 -5.36
CA THR D 219 18.59 -21.35 -5.15
C THR D 219 18.55 -22.87 -4.93
N ASP D 220 19.22 -23.59 -5.82
CA ASP D 220 19.25 -25.05 -5.75
C ASP D 220 20.29 -25.52 -4.75
N ILE D 221 21.45 -24.87 -4.74
CA ILE D 221 22.52 -25.24 -3.80
C ILE D 221 22.98 -24.07 -2.98
N ILE D 222 23.02 -24.26 -1.67
CA ILE D 222 23.42 -23.21 -0.77
C ILE D 222 24.66 -23.64 -0.09
N VAL D 223 25.68 -22.80 -0.16
CA VAL D 223 26.95 -23.14 0.43
C VAL D 223 27.34 -22.10 1.45
N ALA D 224 27.92 -22.55 2.55
CA ALA D 224 28.45 -21.63 3.54
C ALA D 224 29.45 -22.30 4.43
N ASN D 225 30.10 -21.52 5.28
CA ASN D 225 30.89 -22.09 6.38
C ASN D 225 30.11 -22.15 7.72
N ARG D 226 30.77 -22.66 8.74
CA ARG D 226 30.23 -22.77 10.10
C ARG D 226 29.65 -21.46 10.65
N HIS D 227 30.40 -20.36 10.60
CA HIS D 227 29.96 -19.12 11.20
C HIS D 227 28.74 -18.59 10.47
N GLU D 228 28.78 -18.65 9.15
CA GLU D 228 27.69 -18.15 8.32
C GLU D 228 26.42 -18.97 8.57
N ALA D 229 26.59 -20.25 8.87
CA ALA D 229 25.45 -21.10 9.18
C ALA D 229 24.78 -20.71 10.48
N LYS D 230 25.56 -20.48 11.54
CA LYS D 230 25.00 -20.04 12.83
C LYS D 230 24.27 -18.72 12.64
N GLU D 231 24.83 -17.85 11.81
CA GLU D 231 24.22 -16.56 11.56
C GLU D 231 22.94 -16.66 10.76
N PHE D 232 22.88 -17.69 9.93
CA PHE D 232 21.69 -17.94 9.14
C PHE D 232 20.55 -18.39 10.03
N ALA D 233 20.85 -19.28 10.95
CA ALA D 233 19.90 -19.74 11.95
C ALA D 233 19.40 -18.60 12.81
N ASN D 234 20.28 -17.70 13.22
CA ASN D 234 19.81 -16.51 13.95
C ASN D 234 18.85 -15.70 13.10
N MET D 235 19.20 -15.44 11.85
CA MET D 235 18.30 -14.71 10.98
C MET D 235 16.93 -15.39 10.89
N MET D 236 16.91 -16.71 10.72
CA MET D 236 15.65 -17.46 10.67
C MET D 236 14.98 -17.69 12.02
N LYS D 237 15.60 -17.23 13.09
CA LYS D 237 15.10 -17.46 14.46
C LYS D 237 15.01 -18.95 14.82
N TRP D 238 15.96 -19.75 14.37
CA TRP D 238 15.97 -21.14 14.72
C TRP D 238 16.81 -21.30 15.98
N ASP D 239 16.24 -21.89 17.02
CA ASP D 239 16.94 -22.00 18.28
C ASP D 239 17.79 -23.25 18.26
N THR D 240 18.93 -23.20 17.59
CA THR D 240 19.82 -24.36 17.46
C THR D 240 21.26 -23.89 17.19
N ASP D 241 22.24 -24.58 17.73
CA ASP D 241 23.66 -24.28 17.43
C ASP D 241 24.24 -25.40 16.56
N CYS D 242 23.43 -26.37 16.16
CA CYS D 242 23.93 -27.58 15.57
C CYS D 242 23.93 -27.42 14.05
N VAL D 243 25.12 -27.44 13.48
CA VAL D 243 25.26 -27.20 12.04
C VAL D 243 24.48 -28.23 11.22
N GLU D 244 24.46 -29.48 11.67
CA GLU D 244 23.65 -30.54 11.03
C GLU D 244 22.18 -30.18 11.01
N GLU D 245 21.68 -29.67 12.14
CA GLU D 245 20.26 -29.30 12.25
C GLU D 245 19.94 -28.09 11.37
N ILE D 246 20.83 -27.12 11.32
CA ILE D 246 20.61 -25.94 10.51
C ILE D 246 20.47 -26.33 9.02
N ALA D 247 21.32 -27.24 8.57
CA ALA D 247 21.28 -27.69 7.18
C ALA D 247 19.98 -28.42 6.86
N ARG D 248 19.56 -29.25 7.80
CA ARG D 248 18.31 -29.98 7.69
CA ARG D 248 18.29 -29.98 7.72
C ARG D 248 17.15 -29.00 7.48
N ARG D 249 17.09 -27.97 8.32
CA ARG D 249 16.03 -27.00 8.19
C ARG D 249 16.18 -26.14 6.94
N ALA D 250 17.40 -25.91 6.49
CA ALA D 250 17.59 -25.15 5.26
C ALA D 250 17.06 -25.89 4.03
N VAL D 251 17.12 -27.21 4.10
CA VAL D 251 16.59 -28.01 3.06
C VAL D 251 15.06 -27.96 3.02
N SER D 252 14.43 -28.14 4.17
CA SER D 252 12.97 -28.38 4.20
C SER D 252 12.13 -27.13 4.54
N GLU D 253 12.69 -26.22 5.31
CA GLU D 253 11.94 -25.04 5.77
C GLU D 253 12.28 -23.75 5.06
N VAL D 254 13.32 -23.72 4.23
CA VAL D 254 13.56 -22.53 3.44
C VAL D 254 12.85 -22.70 2.11
N PRO D 255 12.04 -21.71 1.70
CA PRO D 255 11.25 -22.00 0.51
C PRO D 255 12.13 -22.38 -0.67
N TYR D 256 11.62 -23.26 -1.52
CA TYR D 256 12.33 -23.76 -2.68
C TYR D 256 11.31 -23.99 -3.81
N THR D 257 11.47 -23.32 -4.94
CA THR D 257 10.53 -23.45 -6.07
C THR D 257 11.14 -24.23 -7.22
N GLY D 258 12.33 -24.79 -7.01
CA GLY D 258 13.06 -25.45 -8.08
C GLY D 258 12.65 -26.89 -8.21
N THR D 259 13.28 -27.58 -9.16
CA THR D 259 13.01 -29.00 -9.39
C THR D 259 14.24 -29.92 -9.30
N LYS D 260 15.45 -29.38 -9.41
CA LYS D 260 16.66 -30.20 -9.34
C LYS D 260 16.92 -30.77 -7.96
N GLY D 261 16.39 -30.13 -6.92
CA GLY D 261 16.62 -30.62 -5.56
C GLY D 261 17.54 -29.69 -4.79
N ARG D 262 17.03 -29.16 -3.70
CA ARG D 262 17.78 -28.29 -2.84
C ARG D 262 18.88 -29.05 -2.11
N VAL D 263 20.06 -28.47 -2.10
CA VAL D 263 21.21 -29.09 -1.44
C VAL D 263 21.87 -28.04 -0.58
N VAL D 264 22.37 -28.44 0.59
CA VAL D 264 23.01 -27.50 1.48
C VAL D 264 24.37 -28.05 1.88
N VAL D 265 25.39 -27.21 1.75
CA VAL D 265 26.76 -27.60 2.01
C VAL D 265 27.35 -26.60 2.99
N PHE D 266 27.68 -27.07 4.17
CA PHE D 266 28.33 -26.23 5.16
C PHE D 266 29.70 -26.79 5.47
N THR D 267 30.73 -26.00 5.20
CA THR D 267 32.09 -26.39 5.55
C THR D 267 32.35 -26.06 7.00
N ARG D 268 33.41 -26.67 7.54
CA ARG D 268 33.74 -26.52 8.96
C ARG D 268 35.22 -26.61 9.19
N ASP D 269 35.99 -25.87 8.40
CA ASP D 269 37.42 -25.85 8.60
C ASP D 269 38.00 -27.28 8.77
N ILE D 270 38.58 -27.55 9.95
CA ILE D 270 39.30 -28.82 10.23
C ILE D 270 38.30 -30.01 10.30
N GLU D 271 37.04 -29.72 10.63
CA GLU D 271 36.01 -30.75 10.78
C GLU D 271 35.26 -31.06 9.49
N SER D 272 34.53 -32.18 9.49
CA SER D 272 33.84 -32.66 8.30
C SER D 272 32.85 -31.64 7.74
N THR D 273 32.71 -31.69 6.43
CA THR D 273 31.74 -30.88 5.73
C THR D 273 30.36 -31.51 5.80
N VAL D 274 29.35 -30.71 6.10
CA VAL D 274 27.99 -31.25 6.24
C VAL D 274 27.22 -31.04 4.95
N LEU D 275 26.65 -32.13 4.45
CA LEU D 275 26.04 -32.17 3.15
C LEU D 275 24.62 -32.70 3.30
N ALA D 276 23.65 -31.87 2.94
CA ALA D 276 22.25 -32.19 3.20
C ALA D 276 21.38 -32.08 1.95
N THR D 277 20.45 -33.02 1.83
CA THR D 277 19.46 -33.04 0.77
C THR D 277 18.15 -33.52 1.37
N LYS D 278 17.10 -33.56 0.56
CA LYS D 278 15.80 -34.10 0.97
C LYS D 278 15.88 -35.53 1.49
N ASP D 279 16.88 -36.29 1.05
CA ASP D 279 17.07 -37.66 1.51
C ASP D 279 17.91 -37.80 2.76
N GLY D 280 18.22 -36.71 3.44
CA GLY D 280 18.98 -36.78 4.68
C GLY D 280 20.26 -35.96 4.70
N VAL D 281 21.04 -36.14 5.75
CA VAL D 281 22.26 -35.38 6.02
C VAL D 281 23.44 -36.30 6.21
N GLU D 282 24.54 -36.05 5.53
CA GLU D 282 25.74 -36.85 5.73
C GLU D 282 26.89 -35.90 5.97
N THR D 283 28.05 -36.46 6.32
CA THR D 283 29.29 -35.69 6.46
C THR D 283 30.38 -36.20 5.53
N VAL D 284 31.29 -35.32 5.14
CA VAL D 284 32.39 -35.67 4.25
C VAL D 284 33.67 -35.29 4.95
N PRO D 285 34.49 -36.28 5.31
CA PRO D 285 35.64 -35.91 6.15
C PRO D 285 36.63 -35.06 5.39
N VAL D 286 37.29 -34.19 6.12
CA VAL D 286 38.37 -33.37 5.57
C VAL D 286 39.66 -34.13 5.80
N PRO D 287 40.41 -34.46 4.73
CA PRO D 287 41.69 -35.18 4.89
C PRO D 287 42.63 -34.50 5.89
N GLN D 288 43.28 -35.29 6.75
CA GLN D 288 44.16 -34.74 7.80
C GLN D 288 45.26 -33.93 7.14
N LEU D 289 45.62 -32.80 7.75
CA LEU D 289 46.71 -31.94 7.25
C LEU D 289 47.43 -31.37 8.49
N ASP D 290 48.76 -31.48 8.53
CA ASP D 290 49.58 -30.92 9.62
C ASP D 290 49.32 -29.44 9.73
N GLN D 291 48.78 -29.01 10.87
CA GLN D 291 48.32 -27.63 11.01
C GLN D 291 49.42 -26.59 10.91
N ASP D 292 50.67 -27.01 11.08
CA ASP D 292 51.84 -26.16 10.80
C ASP D 292 51.94 -25.74 9.34
N LYS D 293 51.40 -26.57 8.43
CA LYS D 293 51.45 -26.30 7.01
C LYS D 293 50.34 -25.31 6.59
N VAL D 294 49.38 -25.10 7.49
CA VAL D 294 48.29 -24.18 7.26
C VAL D 294 48.67 -22.76 7.65
N ILE D 295 48.77 -21.88 6.67
CA ILE D 295 49.32 -20.53 6.88
C ILE D 295 48.41 -19.39 6.53
N ASP D 296 47.34 -19.72 5.82
CA ASP D 296 46.44 -18.71 5.34
C ASP D 296 45.03 -19.31 5.25
N MET D 297 44.19 -19.01 6.25
CA MET D 297 42.80 -19.49 6.36
C MET D 297 41.87 -18.68 5.40
N ASN D 298 42.36 -17.54 4.91
CA ASN D 298 41.59 -16.69 4.00
C ASN D 298 41.38 -17.31 2.62
N GLY D 299 40.16 -17.20 2.12
CA GLY D 299 39.83 -17.70 0.78
C GLY D 299 39.65 -19.21 0.69
N ALA D 300 39.75 -19.91 1.82
CA ALA D 300 39.56 -21.36 1.80
C ALA D 300 38.22 -21.70 1.18
N GLY D 301 37.19 -20.93 1.56
CA GLY D 301 35.85 -21.10 1.06
C GLY D 301 35.74 -20.86 -0.43
N ASP D 302 36.37 -19.80 -0.92
CA ASP D 302 36.41 -19.52 -2.35
C ASP D 302 37.06 -20.68 -3.09
N ALA D 303 38.15 -21.19 -2.54
CA ALA D 303 38.80 -22.30 -3.18
C ALA D 303 37.93 -23.57 -3.12
N PHE D 304 37.25 -23.79 -2.00
CA PHE D 304 36.41 -24.95 -1.89
C PHE D 304 35.32 -24.93 -2.97
N MET D 305 34.69 -23.78 -3.09
CA MET D 305 33.70 -23.51 -4.13
C MET D 305 34.21 -23.84 -5.54
N GLY D 306 35.40 -23.36 -5.87
CA GLY D 306 35.99 -23.65 -7.17
C GLY D 306 36.15 -25.15 -7.44
N GLY D 307 36.62 -25.89 -6.45
CA GLY D 307 36.77 -27.33 -6.61
C GLY D 307 35.42 -27.99 -6.78
N PHE D 308 34.48 -27.55 -5.97
CA PHE D 308 33.15 -28.12 -5.99
C PHE D 308 32.53 -27.96 -7.38
N LEU D 309 32.61 -26.75 -7.93
CA LEU D 309 32.08 -26.45 -9.24
C LEU D 309 32.75 -27.22 -10.36
N SER D 310 34.06 -27.31 -10.28
CA SER D 310 34.80 -27.99 -11.30
C SER D 310 34.37 -29.45 -11.41
N ALA D 311 34.06 -30.05 -10.26
CA ALA D 311 33.59 -31.44 -10.22
C ALA D 311 32.14 -31.54 -10.66
N TYR D 312 31.33 -30.60 -10.19
CA TYR D 312 29.94 -30.63 -10.54
C TYR D 312 29.78 -30.53 -12.07
N ALA D 313 30.59 -29.70 -12.70
CA ALA D 313 30.44 -29.41 -14.13
C ALA D 313 30.80 -30.59 -15.02
N VAL D 314 31.50 -31.56 -14.44
CA VAL D 314 31.82 -32.81 -15.18
C VAL D 314 30.94 -33.96 -14.71
N GLY D 315 29.94 -33.63 -13.91
CA GLY D 315 28.90 -34.59 -13.57
C GLY D 315 29.19 -35.52 -12.42
N LYS D 316 30.16 -35.18 -11.58
CA LYS D 316 30.47 -36.05 -10.44
C LYS D 316 29.37 -35.86 -9.34
N ASP D 317 29.12 -36.87 -8.52
CA ASP D 317 28.11 -36.78 -7.44
C ASP D 317 28.51 -35.79 -6.33
N LEU D 318 27.56 -35.46 -5.47
CA LEU D 318 27.73 -34.36 -4.50
C LEU D 318 28.88 -34.59 -3.53
N ARG D 319 29.01 -35.82 -3.12
CA ARG D 319 30.02 -36.20 -2.19
C ARG D 319 31.43 -35.99 -2.81
N ARG D 320 31.58 -36.42 -4.05
CA ARG D 320 32.83 -36.23 -4.75
C ARG D 320 33.10 -34.75 -5.02
N CYS D 321 32.05 -33.96 -5.22
CA CYS D 321 32.21 -32.51 -5.39
C CYS D 321 32.79 -31.85 -4.12
N CYS D 322 32.34 -32.32 -2.96
CA CYS D 322 32.93 -31.89 -1.71
C CYS D 322 34.37 -32.34 -1.54
N GLU D 323 34.67 -33.56 -1.97
CA GLU D 323 36.04 -34.06 -1.87
C GLU D 323 36.95 -33.23 -2.75
N THR D 324 36.48 -32.85 -3.92
CA THR D 324 37.27 -31.99 -4.82
C THR D 324 37.49 -30.61 -4.22
N GLY D 325 36.45 -30.06 -3.60
CA GLY D 325 36.54 -28.80 -2.87
C GLY D 325 37.56 -28.88 -1.74
N HIS D 326 37.58 -29.98 -1.00
CA HIS D 326 38.58 -30.13 0.04
C HIS D 326 39.96 -30.07 -0.53
N TYR D 327 40.15 -30.73 -1.66
CA TYR D 327 41.45 -30.74 -2.26
C TYR D 327 41.86 -29.32 -2.63
N THR D 328 41.00 -28.55 -3.29
CA THR D 328 41.42 -27.22 -3.74
C THR D 328 41.68 -26.25 -2.58
N ALA D 329 40.82 -26.34 -1.57
CA ALA D 329 40.95 -25.50 -0.38
C ALA D 329 42.23 -25.81 0.37
N GLN D 330 42.58 -27.10 0.43
CA GLN D 330 43.80 -27.50 1.13
C GLN D 330 45.08 -27.11 0.38
N GLU D 331 45.01 -26.97 -0.93
CA GLU D 331 46.12 -26.38 -1.63
C GLU D 331 46.31 -24.89 -1.26
N VAL D 332 45.23 -24.10 -1.23
CA VAL D 332 45.38 -22.65 -0.98
C VAL D 332 45.79 -22.27 0.42
N ILE D 333 45.34 -23.04 1.41
CA ILE D 333 45.64 -22.65 2.76
C ILE D 333 47.10 -22.90 3.08
N GLN D 334 47.78 -23.69 2.25
CA GLN D 334 49.21 -23.93 2.41
C GLN D 334 50.05 -22.92 1.67
N ARG D 335 49.45 -21.86 1.15
CA ARG D 335 50.21 -20.83 0.44
C ARG D 335 49.72 -19.46 0.84
N ASP D 336 50.64 -18.51 0.84
CA ASP D 336 50.30 -17.11 1.05
C ASP D 336 49.51 -16.59 -0.14
N GLY D 337 48.31 -16.07 0.14
CA GLY D 337 47.43 -15.55 -0.89
C GLY D 337 46.66 -16.63 -1.62
N CYS D 338 45.83 -16.21 -2.58
CA CYS D 338 45.15 -17.14 -3.50
C CYS D 338 46.18 -17.63 -4.53
N SER D 339 46.77 -18.79 -4.28
CA SER D 339 47.91 -19.25 -5.07
C SER D 339 47.95 -20.78 -5.18
N PHE D 340 48.44 -21.27 -6.31
CA PHE D 340 48.38 -22.70 -6.65
C PHE D 340 49.60 -23.20 -7.38
N PRO D 341 49.85 -24.52 -7.30
CA PRO D 341 50.81 -25.16 -8.21
C PRO D 341 50.43 -24.85 -9.64
N GLU D 342 51.26 -25.27 -10.59
CA GLU D 342 50.96 -25.03 -11.99
C GLU D 342 49.76 -25.86 -12.42
N LYS D 343 49.74 -27.13 -11.98
CA LYS D 343 48.69 -28.07 -12.37
C LYS D 343 48.15 -28.84 -11.13
N PRO D 344 46.84 -29.18 -11.13
CA PRO D 344 46.28 -30.03 -10.04
C PRO D 344 46.83 -31.44 -10.03
N SER D 345 46.85 -32.07 -8.87
CA SER D 345 47.34 -33.43 -8.73
C SER D 345 46.19 -34.31 -8.23
N PHE D 346 44.98 -33.98 -8.65
CA PHE D 346 43.79 -34.65 -8.13
C PHE D 346 42.75 -34.81 -9.25
N SER D 347 42.04 -35.96 -9.25
CA SER D 347 41.01 -36.31 -10.25
C SER D 347 39.62 -36.62 -9.66
#